data_6D8G
#
_entry.id   6D8G
#
_cell.length_a   74.990
_cell.length_b   142.018
_cell.length_c   181.239
_cell.angle_alpha   90.00
_cell.angle_beta   90.00
_cell.angle_gamma   90.00
#
_symmetry.space_group_name_H-M   'P 21 21 21'
#
loop_
_entity.id
_entity.type
_entity.pdbx_description
1 polymer 'Glycosyl hydrolases family 2, sugar binding domain protein'
2 non-polymer 'SODIUM ION'
#
_entity_poly.entity_id   1
_entity_poly.type   'polypeptide(L)'
_entity_poly.pdbx_seq_one_letter_code
;MEREKNTLPQKACHWMAAVIISLFVLPPVHAQRQTQTINDSWKFLKGECTAAADSAFDDSKWTSIHLPHTWNTDAYTEKD
YYRGTGWYRRQLTLPQGWKEKQIILRLDAAGKSATIYINGKNVGEHAGGYTACSFNITPFLSFDTPNTLAVCVDNARQDI
APISGDFTFFGGIYRDVWLTAVPNQHFNLTNHGSDGLFISTPQVSEEQATLSIRGEVKNDAPEKATLELTHTIYRPDGTL
LQTLKKNIQLKAGETYAFSNEATPVLKPELWTPETPRLYRVETTLRNRKTKTLLDQSNHYTAFRWFRFDGDEGFFLNGKP
YKLRGICRHQDQKPIGPALTAEMHRRDFLLMKEMGANFIRISHYPQADALLEMCDKLGMLAWEEIPIIDIVPNTPGYGDN
CERNLREMIRQHYNHPSIITWGYMNEILLVTQRKYKTEAELKPVLERTLALANRLERVLKEEDSTRISTMAFHGSNSYNE
TGLSKITDIVGWNLYQGWYGGDLTGFEKFLAQQHQNHPTHPMIVSEYGAGSDKRLHSLHPRAFDFSIEYQQKYLEHYLPV
LEDTPYICGGTHWNFIDFSSALRDESMPRINNKGLVYADRTPKDVYHYYQAAWRKDIPVLHIASRDWTDRAGVQQGNAPV
YLPVKIYTNLSEVELFIDGISLGKQKTENYTATFEVPFSNRNPFLFAQGNYQGKTVQDGLRINFTPIPACLDANNLKGLE
LAVNVGSQCFFTSDESQLTWLPDQPYAAGSWGYIGGKEGTAQTEIQNTADGPLFQTLRNEIEGYRFDAPQGVYEIELLFT
DIFRRNAGIAYQLDRNGQQENRESTFGISINGEVVEESLSPCKESGYFRALRKKYYITNDKEYIDIRFHSTSGTCFLNGI
KLRNIY
;
_entity_poly.pdbx_strand_id   A,B
#
# COMPACT_ATOMS: atom_id res chain seq x y z
N GLN A 32 30.78 -32.80 -14.07
CA GLN A 32 30.89 -31.36 -14.36
C GLN A 32 30.19 -30.51 -13.31
N ARG A 33 30.43 -29.19 -13.31
CA ARG A 33 29.96 -28.31 -12.25
C ARG A 33 28.44 -28.24 -12.23
N GLN A 34 27.85 -28.42 -11.05
CA GLN A 34 26.39 -28.36 -10.88
C GLN A 34 26.08 -27.41 -9.72
N THR A 35 25.34 -26.34 -9.99
CA THR A 35 25.07 -25.29 -9.00
C THR A 35 23.58 -24.96 -8.95
N GLN A 36 22.96 -25.13 -7.78
CA GLN A 36 21.53 -24.87 -7.63
C GLN A 36 21.25 -24.27 -6.25
N THR A 37 20.01 -23.82 -6.04
CA THR A 37 19.60 -23.25 -4.76
C THR A 37 18.99 -24.31 -3.85
N ILE A 38 19.19 -24.13 -2.55
CA ILE A 38 18.48 -24.90 -1.54
C ILE A 38 17.61 -23.94 -0.72
N ASN A 39 16.79 -23.15 -1.41
CA ASN A 39 15.98 -22.11 -0.78
C ASN A 39 14.66 -22.66 -0.23
N ASP A 40 14.16 -23.76 -0.77
CA ASP A 40 12.87 -24.34 -0.41
C ASP A 40 12.96 -25.15 0.88
N SER A 41 11.80 -25.33 1.52
CA SER A 41 11.59 -26.42 2.49
C SER A 41 12.32 -26.19 3.82
N TRP A 42 12.22 -24.98 4.35
CA TRP A 42 12.89 -24.61 5.59
C TRP A 42 11.89 -24.46 6.74
N LYS A 43 12.32 -24.87 7.94
CA LYS A 43 11.61 -24.64 9.17
C LYS A 43 12.43 -23.68 10.04
N PHE A 44 11.75 -22.82 10.80
CA PHE A 44 12.39 -21.69 11.48
C PHE A 44 11.81 -21.48 12.86
N LEU A 45 12.63 -20.95 13.78
CA LEU A 45 12.22 -20.76 15.16
C LEU A 45 12.85 -19.50 15.72
N LYS A 46 12.01 -18.52 16.09
CA LYS A 46 12.43 -17.21 16.58
C LYS A 46 12.90 -17.32 18.03
N GLY A 47 14.12 -17.76 18.23
CA GLY A 47 14.71 -17.70 19.55
C GLY A 47 15.66 -18.84 19.83
N GLU A 48 16.32 -18.74 20.99
CA GLU A 48 17.36 -19.68 21.36
C GLU A 48 16.79 -21.09 21.54
N CYS A 49 17.57 -22.09 21.12
CA CYS A 49 17.16 -23.48 21.18
C CYS A 49 18.43 -24.31 21.20
N THR A 50 18.40 -25.41 21.95
CA THR A 50 19.55 -26.28 22.01
C THR A 50 19.12 -27.62 21.43
N ALA A 51 20.10 -28.37 20.93
CA ALA A 51 19.86 -29.56 20.12
C ALA A 51 19.05 -29.28 18.87
N ALA A 52 18.82 -28.00 18.55
CA ALA A 52 18.22 -27.63 17.27
C ALA A 52 19.16 -27.93 16.11
N ALA A 53 20.45 -28.15 16.39
CA ALA A 53 21.39 -28.53 15.35
C ALA A 53 21.33 -30.02 15.03
N ASP A 54 21.00 -30.84 16.01
CA ASP A 54 21.08 -32.29 15.86
C ASP A 54 20.08 -32.82 14.84
N SER A 55 20.48 -33.89 14.15
CA SER A 55 19.68 -34.40 13.04
C SER A 55 18.39 -35.04 13.53
N ALA A 56 18.40 -35.63 14.72
CA ALA A 56 17.21 -36.32 15.21
C ALA A 56 16.08 -35.37 15.61
N PHE A 57 16.39 -34.10 15.84
CA PHE A 57 15.51 -33.16 16.51
C PHE A 57 14.14 -33.04 15.84
N ASP A 58 13.13 -32.75 16.65
CA ASP A 58 11.75 -32.64 16.19
C ASP A 58 11.43 -31.18 15.93
N ASP A 59 11.24 -30.83 14.66
CA ASP A 59 10.84 -29.50 14.25
C ASP A 59 9.43 -29.50 13.66
N SER A 60 8.57 -30.41 14.12
CA SER A 60 7.20 -30.48 13.63
C SER A 60 6.46 -29.18 13.86
N LYS A 61 6.53 -28.65 15.09
CA LYS A 61 5.80 -27.44 15.49
C LYS A 61 6.61 -26.17 15.24
N TRP A 62 7.38 -26.17 14.16
CA TRP A 62 8.17 -25.01 13.75
C TRP A 62 7.49 -24.32 12.57
N THR A 63 8.09 -23.21 12.15
CA THR A 63 7.52 -22.36 11.11
C THR A 63 8.07 -22.76 9.74
N SER A 64 7.18 -22.94 8.77
CA SER A 64 7.57 -23.29 7.41
C SER A 64 7.80 -22.03 6.58
N ILE A 65 9.00 -21.92 6.00
CA ILE A 65 9.42 -20.70 5.32
C ILE A 65 10.13 -21.06 4.01
N HIS A 66 10.26 -20.06 3.13
CA HIS A 66 11.04 -20.15 1.90
C HIS A 66 12.03 -18.99 1.88
N LEU A 67 13.32 -19.29 1.71
CA LEU A 67 14.31 -18.22 1.66
C LEU A 67 14.22 -17.46 0.33
N PRO A 68 14.53 -16.16 0.30
CA PRO A 68 15.05 -15.31 1.39
C PRO A 68 14.03 -14.98 2.46
N HIS A 69 14.57 -14.72 3.65
CA HIS A 69 13.81 -14.58 4.88
C HIS A 69 14.38 -13.40 5.63
N THR A 70 13.66 -12.27 5.62
CA THR A 70 14.05 -11.10 6.39
C THR A 70 13.33 -11.13 7.73
N TRP A 71 14.05 -10.80 8.79
CA TRP A 71 13.44 -10.69 10.11
C TRP A 71 12.74 -9.34 10.28
N ASN A 72 11.74 -9.32 11.17
CA ASN A 72 11.18 -8.08 11.69
C ASN A 72 10.54 -7.17 10.65
N THR A 73 9.60 -7.67 9.89
CA THR A 73 8.88 -6.81 8.96
C THR A 73 7.63 -6.23 9.63
N ASP A 74 7.85 -5.65 10.83
CA ASP A 74 6.83 -5.08 11.74
C ASP A 74 7.43 -3.90 12.50
N ALA A 75 6.63 -2.85 12.77
CA ALA A 75 7.17 -1.53 13.11
C ALA A 75 6.75 -1.04 14.49
N TYR A 76 7.70 -1.07 15.43
CA TYR A 76 7.76 -0.34 16.70
C TYR A 76 9.24 -0.11 16.91
N THR A 77 9.67 0.53 17.99
CA THR A 77 11.13 0.59 18.10
C THR A 77 11.59 -0.51 19.06
N GLU A 78 12.37 -0.15 20.09
CA GLU A 78 13.06 -1.08 20.97
C GLU A 78 12.13 -2.14 21.56
N LYS A 79 10.83 -1.92 21.52
CA LYS A 79 9.87 -2.91 22.03
C LYS A 79 9.41 -3.80 20.89
N ASP A 80 9.67 -5.11 21.04
CA ASP A 80 9.18 -6.17 20.15
C ASP A 80 9.56 -5.93 18.69
N TYR A 81 10.79 -5.48 18.49
CA TYR A 81 11.59 -5.66 17.29
C TYR A 81 12.75 -6.56 17.72
N TYR A 82 12.81 -7.78 17.20
CA TYR A 82 13.52 -8.85 17.88
C TYR A 82 15.05 -8.70 17.81
N ARG A 83 15.70 -9.00 18.94
CA ARG A 83 17.15 -8.92 19.06
C ARG A 83 17.66 -10.17 19.75
N GLY A 84 18.23 -11.08 18.98
CA GLY A 84 18.89 -12.24 19.53
C GLY A 84 19.16 -13.34 18.52
N THR A 85 18.84 -14.57 18.91
CA THR A 85 19.22 -15.77 18.19
C THR A 85 18.03 -16.34 17.45
N GLY A 86 18.27 -16.99 16.32
CA GLY A 86 17.22 -17.63 15.54
C GLY A 86 17.77 -18.82 14.79
N TRP A 87 16.93 -19.84 14.59
CA TRP A 87 17.39 -21.14 14.09
C TRP A 87 16.70 -21.54 12.80
N TYR A 88 17.48 -22.12 11.90
CA TYR A 88 17.06 -22.48 10.54
C TYR A 88 17.37 -23.95 10.30
N ARG A 89 16.39 -24.69 9.77
CA ARG A 89 16.51 -26.13 9.61
C ARG A 89 16.10 -26.56 8.21
N ARG A 90 16.89 -27.45 7.62
CA ARG A 90 16.53 -28.02 6.34
C ARG A 90 17.14 -29.41 6.23
N GLN A 91 16.46 -30.27 5.49
CA GLN A 91 16.93 -31.61 5.20
C GLN A 91 17.58 -31.64 3.82
N LEU A 92 18.69 -32.36 3.74
CA LEU A 92 19.49 -32.49 2.51
C LEU A 92 19.43 -33.92 1.99
N THR A 93 18.90 -34.08 0.79
CA THR A 93 18.81 -35.38 0.11
C THR A 93 19.81 -35.35 -1.04
N LEU A 94 21.04 -35.81 -0.76
CA LEU A 94 22.14 -35.73 -1.73
C LEU A 94 21.92 -36.70 -2.86
N PRO A 95 22.01 -36.26 -4.12
CA PRO A 95 21.81 -37.17 -5.25
C PRO A 95 22.91 -38.22 -5.32
N GLN A 96 22.60 -39.32 -6.01
CA GLN A 96 23.55 -40.41 -6.12
C GLN A 96 24.73 -40.03 -7.01
N GLY A 97 24.46 -39.40 -8.16
CA GLY A 97 25.49 -38.98 -9.09
C GLY A 97 26.39 -37.86 -8.59
N TRP A 98 26.19 -37.43 -7.33
CA TRP A 98 27.07 -36.47 -6.65
C TRP A 98 28.03 -37.13 -5.68
N LYS A 99 27.97 -38.46 -5.51
CA LYS A 99 28.73 -39.12 -4.45
C LYS A 99 30.22 -38.85 -4.59
N GLU A 100 30.73 -38.81 -5.83
CA GLU A 100 32.15 -38.62 -6.04
C GLU A 100 32.59 -37.18 -5.93
N LYS A 101 31.68 -36.23 -5.93
CA LYS A 101 32.04 -34.82 -6.08
C LYS A 101 32.23 -34.14 -4.72
N GLN A 102 32.82 -32.95 -4.76
CA GLN A 102 32.90 -32.07 -3.60
C GLN A 102 31.62 -31.25 -3.50
N ILE A 103 31.20 -30.95 -2.27
CA ILE A 103 30.00 -30.18 -2.04
C ILE A 103 30.39 -28.89 -1.32
N ILE A 104 30.25 -27.75 -2.01
CA ILE A 104 30.48 -26.43 -1.42
C ILE A 104 29.14 -25.74 -1.21
N LEU A 105 28.95 -25.22 0.01
CA LEU A 105 27.74 -24.54 0.43
C LEU A 105 28.02 -23.05 0.58
N ARG A 106 27.22 -22.23 -0.08
CA ARG A 106 27.46 -20.79 -0.13
C ARG A 106 26.20 -20.07 0.32
N LEU A 107 26.32 -19.24 1.35
CA LEU A 107 25.26 -18.34 1.79
C LEU A 107 25.58 -16.95 1.28
N ASP A 108 24.76 -16.47 0.33
CA ASP A 108 25.06 -15.21 -0.34
C ASP A 108 25.07 -14.04 0.63
N ALA A 109 24.20 -14.06 1.65
CA ALA A 109 24.29 -13.10 2.75
C ALA A 109 23.41 -13.52 3.93
N ALA A 110 23.95 -13.43 5.12
CA ALA A 110 23.15 -13.59 6.31
C ALA A 110 23.52 -12.48 7.25
N GLY A 111 22.51 -11.88 7.87
CA GLY A 111 22.71 -10.80 8.83
C GLY A 111 22.27 -11.26 10.20
N LYS A 112 23.07 -10.92 11.21
CA LYS A 112 24.36 -10.25 11.03
C LYS A 112 25.48 -11.27 11.17
N SER A 113 25.12 -12.44 11.67
CA SER A 113 26.07 -13.50 11.99
C SER A 113 25.38 -14.85 11.85
N ALA A 114 26.11 -15.84 11.32
CA ALA A 114 25.58 -17.18 11.10
C ALA A 114 26.58 -18.23 11.50
N THR A 115 26.10 -19.25 12.19
CA THR A 115 26.86 -20.46 12.48
C THR A 115 26.09 -21.63 11.92
N ILE A 116 26.79 -22.54 11.24
CA ILE A 116 26.20 -23.57 10.39
C ILE A 116 26.57 -24.94 10.90
N TYR A 117 25.56 -25.80 11.05
CA TYR A 117 25.76 -27.15 11.51
C TYR A 117 25.25 -28.14 10.47
N ILE A 118 26.09 -29.13 10.15
CA ILE A 118 25.73 -30.27 9.32
C ILE A 118 25.73 -31.48 10.25
N ASN A 119 24.55 -32.09 10.43
CA ASN A 119 24.41 -33.26 11.31
C ASN A 119 25.02 -33.00 12.69
N GLY A 120 24.62 -31.87 13.28
CA GLY A 120 25.09 -31.46 14.59
C GLY A 120 26.55 -31.03 14.66
N LYS A 121 27.32 -31.28 13.62
CA LYS A 121 28.75 -30.95 13.62
C LYS A 121 28.92 -29.51 13.13
N ASN A 122 29.74 -28.74 13.85
CA ASN A 122 29.93 -27.32 13.55
C ASN A 122 30.90 -27.19 12.38
N VAL A 123 30.38 -26.74 11.23
CA VAL A 123 31.22 -26.55 10.05
C VAL A 123 31.98 -25.23 10.11
N GLY A 124 31.29 -24.14 10.44
CA GLY A 124 31.95 -22.85 10.48
C GLY A 124 31.03 -21.71 10.86
N GLU A 125 31.54 -20.51 10.65
CA GLU A 125 30.98 -19.29 11.21
C GLU A 125 31.07 -18.19 10.16
N HIS A 126 30.19 -17.20 10.25
CA HIS A 126 30.41 -15.96 9.51
C HIS A 126 30.02 -14.75 10.35
N ALA A 127 30.64 -13.61 10.01
CA ALA A 127 30.42 -12.33 10.69
C ALA A 127 30.32 -11.28 9.59
N GLY A 128 29.10 -10.84 9.29
CA GLY A 128 28.92 -9.88 8.22
C GLY A 128 27.59 -9.97 7.49
N GLY A 129 26.77 -8.96 7.69
CA GLY A 129 25.46 -9.02 7.09
C GLY A 129 25.44 -8.80 5.60
N TYR A 130 26.57 -8.46 4.98
CA TYR A 130 26.53 -7.99 3.60
C TYR A 130 27.42 -8.73 2.63
N THR A 131 28.28 -9.61 3.10
CA THR A 131 29.12 -10.40 2.21
C THR A 131 28.72 -11.87 2.27
N ALA A 132 29.28 -12.66 1.36
CA ALA A 132 28.99 -14.09 1.27
C ALA A 132 29.97 -14.91 2.09
N CYS A 133 29.66 -16.19 2.23
CA CYS A 133 30.53 -17.15 2.91
C CYS A 133 30.32 -18.50 2.26
N SER A 134 31.35 -19.35 2.32
CA SER A 134 31.32 -20.63 1.62
C SER A 134 31.99 -21.69 2.47
N PHE A 135 31.54 -22.92 2.29
CA PHE A 135 32.07 -24.03 3.08
C PHE A 135 32.09 -25.30 2.24
N ASN A 136 33.19 -26.06 2.37
CA ASN A 136 33.34 -27.37 1.76
C ASN A 136 32.76 -28.39 2.73
N ILE A 137 31.52 -28.85 2.48
CA ILE A 137 30.83 -29.68 3.46
C ILE A 137 30.94 -31.17 3.15
N THR A 138 31.76 -31.56 2.18
CA THR A 138 31.89 -32.99 1.84
C THR A 138 32.22 -33.87 3.04
N PRO A 139 33.15 -33.51 3.95
CA PRO A 139 33.49 -34.42 5.06
C PRO A 139 32.37 -34.67 6.07
N PHE A 140 31.36 -33.81 6.15
CA PHE A 140 30.34 -33.95 7.17
C PHE A 140 29.08 -34.61 6.65
N LEU A 141 28.96 -34.75 5.33
CA LEU A 141 27.78 -35.30 4.72
C LEU A 141 27.79 -36.82 4.69
N SER A 142 26.59 -37.40 4.72
CA SER A 142 26.35 -38.81 4.53
C SER A 142 25.62 -39.01 3.21
N PHE A 143 26.11 -39.95 2.40
CA PHE A 143 25.51 -40.16 1.07
C PHE A 143 24.51 -41.29 1.06
N ASP A 144 24.34 -42.01 2.16
CA ASP A 144 23.41 -43.14 2.23
C ASP A 144 22.18 -42.84 3.08
N THR A 145 22.17 -41.74 3.82
CA THR A 145 21.09 -41.32 4.70
C THR A 145 20.79 -39.86 4.38
N PRO A 146 19.75 -39.28 4.99
CA PRO A 146 19.53 -37.84 4.83
C PRO A 146 20.29 -37.03 5.86
N ASN A 147 20.68 -35.82 5.47
CA ASN A 147 21.44 -34.96 6.35
C ASN A 147 20.57 -33.81 6.84
N THR A 148 20.93 -33.25 7.97
CA THR A 148 20.25 -32.08 8.49
C THR A 148 21.19 -30.89 8.42
N LEU A 149 20.80 -29.88 7.65
CA LEU A 149 21.48 -28.59 7.59
C LEU A 149 20.82 -27.65 8.60
N ALA A 150 21.63 -27.09 9.50
CA ALA A 150 21.12 -26.30 10.63
C ALA A 150 21.99 -25.07 10.81
N VAL A 151 21.35 -23.89 10.87
CA VAL A 151 22.02 -22.60 10.86
C VAL A 151 21.51 -21.76 12.02
N CYS A 152 22.43 -21.24 12.83
CA CYS A 152 22.13 -20.36 13.94
C CYS A 152 22.49 -18.93 13.58
N VAL A 153 21.47 -18.07 13.55
CA VAL A 153 21.60 -16.68 13.14
C VAL A 153 21.38 -15.79 14.37
N ASP A 154 22.30 -14.84 14.58
CA ASP A 154 22.26 -13.91 15.70
C ASP A 154 22.45 -12.52 15.12
N ASN A 155 21.44 -11.66 15.28
CA ASN A 155 21.50 -10.27 14.80
C ASN A 155 21.88 -9.26 15.87
N ALA A 156 21.83 -9.62 17.14
CA ALA A 156 22.22 -8.72 18.22
C ALA A 156 23.70 -8.93 18.53
N ARG A 157 24.52 -8.45 17.61
CA ARG A 157 25.97 -8.61 17.68
C ARG A 157 26.62 -7.23 17.61
N GLN A 158 27.11 -6.74 18.74
CA GLN A 158 27.57 -5.36 18.82
C GLN A 158 29.02 -5.22 18.42
N ASP A 159 29.52 -6.18 17.64
CA ASP A 159 30.92 -6.27 17.24
C ASP A 159 31.06 -6.52 15.74
N ILE A 160 29.98 -6.34 14.98
CA ILE A 160 29.91 -6.56 13.53
C ILE A 160 29.23 -5.33 12.94
N ALA A 161 29.96 -4.59 12.13
CA ALA A 161 29.38 -3.37 11.59
C ALA A 161 28.16 -3.72 10.75
N PRO A 162 27.15 -2.85 10.71
CA PRO A 162 27.08 -1.55 11.35
C PRO A 162 26.57 -1.61 12.80
N ILE A 163 27.09 -0.76 13.69
CA ILE A 163 26.65 -0.73 15.07
C ILE A 163 25.78 0.48 15.37
N SER A 164 25.31 1.16 14.33
CA SER A 164 24.48 2.34 14.51
C SER A 164 23.67 2.49 13.23
N GLY A 165 22.52 3.11 13.36
CA GLY A 165 21.69 3.36 12.20
C GLY A 165 20.66 2.28 11.98
N ASP A 166 19.90 2.48 10.91
CA ASP A 166 18.72 1.68 10.60
C ASP A 166 19.02 0.20 10.37
N PHE A 167 20.29 -0.18 10.16
CA PHE A 167 20.64 -1.57 9.86
C PHE A 167 21.40 -2.23 11.00
N THR A 168 21.38 -1.63 12.20
CA THR A 168 22.06 -2.20 13.36
C THR A 168 21.63 -3.63 13.66
N PHE A 169 20.35 -3.96 13.42
CA PHE A 169 19.83 -5.27 13.78
C PHE A 169 19.19 -5.97 12.59
N PHE A 170 19.60 -5.62 11.38
CA PHE A 170 19.05 -6.26 10.20
C PHE A 170 19.45 -7.73 10.20
N GLY A 171 18.46 -8.63 10.22
CA GLY A 171 18.71 -10.02 10.51
C GLY A 171 17.92 -10.96 9.61
N GLY A 172 18.43 -12.17 9.49
CA GLY A 172 17.83 -13.18 8.64
C GLY A 172 18.78 -13.68 7.56
N ILE A 173 18.36 -14.77 6.93
CA ILE A 173 19.04 -15.25 5.70
C ILE A 173 18.26 -14.65 4.55
N TYR A 174 18.53 -13.38 4.30
CA TYR A 174 17.75 -12.58 3.37
C TYR A 174 18.32 -12.61 1.97
N ARG A 175 19.12 -13.61 1.64
CA ARG A 175 19.60 -13.82 0.30
C ARG A 175 19.62 -15.32 0.01
N ASP A 176 19.87 -15.68 -1.25
CA ASP A 176 19.84 -17.09 -1.64
C ASP A 176 20.88 -17.89 -0.87
N VAL A 177 20.61 -19.20 -0.75
CA VAL A 177 21.61 -20.16 -0.29
C VAL A 177 21.77 -21.24 -1.36
N TRP A 178 23.02 -21.63 -1.62
CA TRP A 178 23.35 -22.44 -2.78
C TRP A 178 24.06 -23.73 -2.39
N LEU A 179 23.83 -24.77 -3.22
CA LEU A 179 24.65 -25.97 -3.23
C LEU A 179 25.39 -26.05 -4.55
N THR A 180 26.72 -26.12 -4.48
CA THR A 180 27.57 -26.30 -5.64
C THR A 180 28.28 -27.64 -5.53
N ALA A 181 28.26 -28.42 -6.60
CA ALA A 181 28.93 -29.71 -6.63
C ALA A 181 29.91 -29.71 -7.80
N VAL A 182 31.18 -29.89 -7.48
CA VAL A 182 32.21 -29.90 -8.52
C VAL A 182 32.95 -31.22 -8.45
N PRO A 183 33.71 -31.57 -9.49
CA PRO A 183 34.61 -32.73 -9.37
C PRO A 183 35.74 -32.45 -8.38
N ASN A 184 36.65 -33.41 -8.17
CA ASN A 184 37.59 -33.28 -7.06
C ASN A 184 38.74 -32.33 -7.35
N GLN A 185 38.93 -31.97 -8.62
CA GLN A 185 39.80 -30.85 -8.98
C GLN A 185 38.91 -29.75 -9.51
N HIS A 186 38.99 -28.57 -8.89
CA HIS A 186 38.06 -27.47 -9.16
C HIS A 186 38.73 -26.16 -8.78
N PHE A 187 38.06 -25.07 -9.14
CA PHE A 187 38.55 -23.74 -8.78
C PHE A 187 38.17 -23.43 -7.34
N ASN A 188 39.00 -22.60 -6.69
CA ASN A 188 38.88 -22.45 -5.24
C ASN A 188 37.60 -21.71 -4.89
N LEU A 189 36.65 -22.43 -4.29
CA LEU A 189 35.37 -21.83 -3.98
C LEU A 189 35.28 -21.35 -2.54
N THR A 190 36.34 -21.55 -1.76
CA THR A 190 36.31 -21.25 -0.34
C THR A 190 37.36 -20.20 0.05
N ASN A 191 37.79 -19.37 -0.91
CA ASN A 191 38.63 -18.20 -0.64
C ASN A 191 37.75 -16.99 -0.37
N HIS A 192 37.46 -16.75 0.92
CA HIS A 192 36.59 -15.65 1.34
C HIS A 192 35.24 -15.65 0.60
N GLY A 193 34.71 -16.84 0.33
CA GLY A 193 33.40 -16.89 -0.30
C GLY A 193 33.34 -16.23 -1.65
N SER A 194 34.43 -16.25 -2.39
CA SER A 194 34.49 -15.69 -3.73
C SER A 194 34.68 -16.79 -4.77
N ASP A 195 34.69 -16.38 -6.04
CA ASP A 195 34.83 -17.29 -7.17
C ASP A 195 36.21 -17.91 -7.26
N GLY A 196 37.18 -17.41 -6.49
CA GLY A 196 38.53 -17.88 -6.57
C GLY A 196 39.38 -17.32 -7.70
N LEU A 197 38.78 -16.67 -8.69
CA LEU A 197 39.53 -16.08 -9.80
C LEU A 197 39.57 -14.56 -9.71
N PHE A 198 40.61 -13.98 -10.30
CA PHE A 198 40.91 -12.58 -10.09
C PHE A 198 41.57 -12.04 -11.35
N ILE A 199 40.86 -11.16 -12.05
CA ILE A 199 41.25 -10.68 -13.36
C ILE A 199 41.39 -9.16 -13.32
N SER A 200 42.44 -8.64 -13.94
CA SER A 200 42.71 -7.21 -13.85
C SER A 200 43.65 -6.80 -14.97
N THR A 201 43.54 -5.52 -15.35
CA THR A 201 44.22 -4.98 -16.51
C THR A 201 45.38 -4.09 -16.06
N PRO A 202 46.62 -4.56 -16.16
CA PRO A 202 47.73 -3.77 -15.57
C PRO A 202 48.05 -2.49 -16.32
N GLN A 203 47.83 -2.44 -17.63
CA GLN A 203 48.09 -1.24 -18.44
C GLN A 203 46.94 -1.13 -19.42
N VAL A 204 46.27 0.03 -19.45
CA VAL A 204 45.18 0.27 -20.39
C VAL A 204 45.41 1.62 -21.06
N SER A 205 45.29 1.65 -22.37
CA SER A 205 45.29 2.89 -23.14
C SER A 205 44.50 2.68 -24.43
N GLU A 206 44.30 3.78 -25.17
CA GLU A 206 43.67 3.67 -26.48
C GLU A 206 44.39 2.68 -27.36
N GLU A 207 45.72 2.71 -27.35
CA GLU A 207 46.49 1.87 -28.28
C GLU A 207 46.40 0.40 -27.90
N GLN A 208 46.75 0.06 -26.66
CA GLN A 208 46.76 -1.34 -26.28
C GLN A 208 46.53 -1.47 -24.79
N ALA A 209 46.17 -2.68 -24.37
CA ALA A 209 46.04 -2.98 -22.96
C ALA A 209 46.56 -4.39 -22.67
N THR A 210 46.85 -4.63 -21.39
CA THR A 210 47.30 -5.95 -20.94
C THR A 210 46.29 -6.52 -19.95
N LEU A 211 46.22 -7.86 -19.89
CA LEU A 211 45.20 -8.57 -19.13
C LEU A 211 45.86 -9.64 -18.27
N SER A 212 45.65 -9.60 -16.96
CA SER A 212 46.26 -10.58 -16.06
C SER A 212 45.18 -11.45 -15.41
N ILE A 213 45.20 -12.76 -15.68
CA ILE A 213 44.21 -13.70 -15.19
C ILE A 213 44.84 -14.58 -14.15
N ARG A 214 44.39 -14.46 -12.91
CA ARG A 214 44.92 -15.22 -11.79
C ARG A 214 43.81 -16.04 -11.15
N GLY A 215 44.20 -16.91 -10.23
CA GLY A 215 43.23 -17.78 -9.58
C GLY A 215 43.93 -18.85 -8.77
N GLU A 216 43.11 -19.75 -8.22
CA GLU A 216 43.60 -20.88 -7.43
C GLU A 216 42.83 -22.12 -7.83
N VAL A 217 43.57 -23.16 -8.23
CA VAL A 217 43.03 -24.50 -8.52
C VAL A 217 43.26 -25.39 -7.29
N LYS A 218 42.25 -26.18 -6.94
CA LYS A 218 42.27 -26.95 -5.69
C LYS A 218 42.14 -28.43 -6.02
N ASN A 219 42.92 -29.24 -5.33
CA ASN A 219 42.90 -30.68 -5.49
C ASN A 219 42.45 -31.29 -4.17
N ASP A 220 41.18 -31.66 -4.11
CA ASP A 220 40.59 -32.27 -2.93
C ASP A 220 40.49 -33.77 -3.05
N ALA A 221 41.31 -34.37 -3.92
CA ALA A 221 41.47 -35.81 -4.04
C ALA A 221 42.58 -36.29 -3.12
N PRO A 222 42.73 -37.60 -2.93
CA PRO A 222 43.90 -38.13 -2.23
C PRO A 222 45.06 -38.49 -3.15
N GLU A 223 44.89 -38.31 -4.47
CA GLU A 223 45.87 -38.68 -5.48
C GLU A 223 46.54 -37.44 -6.07
N LYS A 224 47.36 -37.67 -7.07
CA LYS A 224 48.03 -36.62 -7.81
C LYS A 224 47.30 -36.41 -9.12
N ALA A 225 47.32 -35.19 -9.63
CA ALA A 225 46.56 -34.91 -10.83
C ALA A 225 47.38 -34.07 -11.80
N THR A 226 47.21 -34.38 -13.08
CA THR A 226 47.90 -33.70 -14.17
C THR A 226 46.81 -33.09 -15.05
N LEU A 227 46.78 -31.77 -15.15
CA LEU A 227 45.64 -31.08 -15.71
C LEU A 227 46.04 -30.04 -16.75
N GLU A 228 45.08 -29.74 -17.63
CA GLU A 228 45.14 -28.63 -18.58
C GLU A 228 44.25 -27.49 -18.10
N LEU A 229 44.80 -26.29 -18.04
CA LEU A 229 44.08 -25.07 -17.64
C LEU A 229 43.99 -24.14 -18.84
N THR A 230 42.77 -23.75 -19.22
CA THR A 230 42.52 -22.97 -20.44
C THR A 230 41.75 -21.69 -20.16
N HIS A 231 42.29 -20.55 -20.63
CA HIS A 231 41.59 -19.27 -20.62
C HIS A 231 41.30 -18.86 -22.06
N THR A 232 40.03 -18.75 -22.41
CA THR A 232 39.63 -18.19 -23.69
C THR A 232 39.06 -16.80 -23.48
N ILE A 233 39.51 -15.85 -24.27
CA ILE A 233 39.10 -14.46 -24.15
C ILE A 233 38.28 -14.09 -25.39
N TYR A 234 37.05 -13.59 -25.17
CA TYR A 234 36.13 -13.24 -26.25
C TYR A 234 35.99 -11.72 -26.38
N ARG A 235 35.84 -11.25 -27.62
CA ARG A 235 35.62 -9.84 -27.89
C ARG A 235 34.21 -9.47 -27.50
N PRO A 236 33.95 -8.19 -27.27
CA PRO A 236 32.56 -7.79 -26.99
C PRO A 236 31.59 -8.31 -28.02
N ASP A 237 31.98 -8.37 -29.29
CA ASP A 237 31.07 -8.87 -30.32
C ASP A 237 30.86 -10.39 -30.26
N GLY A 238 31.54 -11.10 -29.36
CA GLY A 238 31.31 -12.52 -29.17
C GLY A 238 32.35 -13.44 -29.78
N THR A 239 33.17 -12.96 -30.71
CA THR A 239 34.16 -13.78 -31.39
C THR A 239 35.38 -14.05 -30.51
N LEU A 240 36.13 -15.08 -30.86
CA LEU A 240 37.28 -15.50 -30.05
C LEU A 240 38.48 -14.59 -30.32
N LEU A 241 38.97 -13.90 -29.27
CA LEU A 241 40.19 -13.13 -29.45
C LEU A 241 41.43 -14.01 -29.29
N GLN A 242 41.39 -15.01 -28.41
CA GLN A 242 42.62 -15.65 -27.98
C GLN A 242 42.32 -16.89 -27.18
N THR A 243 43.24 -17.86 -27.22
CA THR A 243 43.21 -18.98 -26.30
C THR A 243 44.55 -19.08 -25.59
N LEU A 244 44.51 -19.53 -24.33
CA LEU A 244 45.67 -19.70 -23.45
C LEU A 244 45.55 -21.05 -22.79
N LYS A 245 46.49 -21.94 -23.09
CA LYS A 245 46.56 -23.24 -22.42
C LYS A 245 47.82 -23.30 -21.57
N LYS A 246 47.77 -24.07 -20.50
CA LYS A 246 48.92 -24.21 -19.62
C LYS A 246 48.71 -25.47 -18.81
N ASN A 247 49.70 -26.37 -18.82
CA ASN A 247 49.57 -27.64 -18.09
C ASN A 247 50.03 -27.46 -16.66
N ILE A 248 49.30 -28.06 -15.72
CA ILE A 248 49.66 -27.96 -14.31
C ILE A 248 49.52 -29.32 -13.65
N GLN A 249 50.23 -29.46 -12.54
CA GLN A 249 50.34 -30.73 -11.83
C GLN A 249 50.18 -30.42 -10.36
N LEU A 250 49.31 -31.15 -9.68
CA LEU A 250 49.02 -30.87 -8.29
C LEU A 250 49.06 -32.15 -7.46
N LYS A 251 49.84 -32.12 -6.38
CA LYS A 251 49.80 -33.17 -5.37
C LYS A 251 48.42 -33.21 -4.71
N ALA A 252 48.22 -34.19 -3.84
CA ALA A 252 46.94 -34.32 -3.17
C ALA A 252 46.81 -33.26 -2.08
N GLY A 253 45.67 -32.56 -2.07
CA GLY A 253 45.39 -31.54 -1.08
C GLY A 253 46.06 -30.21 -1.33
N GLU A 254 46.53 -29.98 -2.55
CA GLU A 254 47.29 -28.79 -2.86
C GLU A 254 46.40 -27.72 -3.47
N THR A 255 46.74 -26.47 -3.17
CA THR A 255 46.12 -25.31 -3.81
C THR A 255 47.17 -24.70 -4.75
N TYR A 256 46.82 -24.57 -6.03
CA TYR A 256 47.74 -24.09 -7.05
C TYR A 256 47.36 -22.67 -7.44
N ALA A 257 48.24 -21.71 -7.14
CA ALA A 257 48.03 -20.31 -7.49
C ALA A 257 48.67 -20.03 -8.85
N PHE A 258 47.82 -19.83 -9.86
CA PHE A 258 48.27 -19.52 -11.22
C PHE A 258 48.08 -18.04 -11.50
N SER A 259 48.80 -17.56 -12.50
CA SER A 259 48.84 -16.14 -12.82
C SER A 259 49.33 -15.98 -14.26
N ASN A 260 48.39 -15.92 -15.19
CA ASN A 260 48.67 -16.04 -16.61
C ASN A 260 48.45 -14.69 -17.28
N GLU A 261 49.55 -14.07 -17.74
CA GLU A 261 49.48 -12.94 -18.62
C GLU A 261 48.69 -13.33 -19.88
N ALA A 262 48.28 -12.33 -20.65
CA ALA A 262 47.68 -12.61 -21.94
C ALA A 262 48.35 -11.70 -22.96
N THR A 263 48.13 -12.02 -24.24
CA THR A 263 48.75 -11.27 -25.31
C THR A 263 48.15 -9.88 -25.30
N PRO A 264 48.95 -8.81 -25.25
CA PRO A 264 48.38 -7.47 -25.15
C PRO A 264 47.26 -7.26 -26.16
N VAL A 265 46.19 -6.62 -25.73
CA VAL A 265 45.02 -6.48 -26.59
C VAL A 265 45.18 -5.22 -27.42
N LEU A 266 45.08 -5.37 -28.74
CA LEU A 266 45.36 -4.24 -29.62
C LEU A 266 44.09 -3.48 -29.93
N LYS A 267 44.17 -2.15 -29.78
CA LYS A 267 43.05 -1.24 -30.01
C LYS A 267 41.81 -1.73 -29.26
N PRO A 268 41.90 -1.81 -27.92
CA PRO A 268 40.81 -2.42 -27.16
C PRO A 268 39.56 -1.56 -27.14
N GLU A 269 38.40 -2.22 -27.14
CA GLU A 269 37.12 -1.52 -27.04
C GLU A 269 36.96 -1.03 -25.60
N LEU A 270 37.01 0.30 -25.41
CA LEU A 270 37.02 0.86 -24.07
C LEU A 270 35.62 0.88 -23.48
N TRP A 271 35.54 0.72 -22.17
CA TRP A 271 34.29 0.65 -21.45
C TRP A 271 33.99 2.02 -20.82
N THR A 272 32.75 2.47 -20.96
CA THR A 272 32.18 3.60 -20.25
C THR A 272 30.74 3.24 -19.99
N PRO A 273 30.07 3.90 -19.05
CA PRO A 273 28.64 3.62 -18.85
C PRO A 273 27.83 3.77 -20.11
N GLU A 274 28.27 4.58 -21.08
CA GLU A 274 27.49 4.75 -22.29
C GLU A 274 27.89 3.76 -23.38
N THR A 275 29.06 3.14 -23.24
CA THR A 275 29.56 2.12 -24.16
C THR A 275 30.14 1.03 -23.27
N PRO A 276 29.33 0.12 -22.81
CA PRO A 276 29.81 -0.84 -21.81
C PRO A 276 30.29 -2.14 -22.45
N ARG A 277 31.34 -2.05 -23.26
CA ARG A 277 31.90 -3.22 -23.94
C ARG A 277 32.60 -4.13 -22.94
N LEU A 278 32.25 -5.40 -22.97
CA LEU A 278 32.80 -6.39 -22.05
C LEU A 278 33.50 -7.50 -22.82
N TYR A 279 34.67 -7.90 -22.36
CA TYR A 279 35.35 -9.07 -22.88
C TYR A 279 35.14 -10.21 -21.90
N ARG A 280 34.49 -11.27 -22.36
CA ARG A 280 34.30 -12.45 -21.53
C ARG A 280 35.60 -13.24 -21.39
N VAL A 281 35.84 -13.78 -20.20
CA VAL A 281 36.99 -14.65 -19.98
C VAL A 281 36.50 -15.96 -19.37
N GLU A 282 36.56 -17.03 -20.16
CA GLU A 282 36.15 -18.39 -19.78
C GLU A 282 37.39 -19.18 -19.35
N THR A 283 37.39 -19.63 -18.12
CA THR A 283 38.50 -20.39 -17.56
C THR A 283 38.07 -21.84 -17.35
N THR A 284 38.69 -22.76 -18.09
CA THR A 284 38.30 -24.17 -18.06
C THR A 284 39.41 -25.07 -17.56
N LEU A 285 39.04 -26.04 -16.71
CA LEU A 285 39.95 -27.01 -16.13
C LEU A 285 39.66 -28.41 -16.68
N ARG A 286 40.61 -28.98 -17.42
CA ARG A 286 40.49 -30.31 -18.00
C ARG A 286 41.49 -31.30 -17.40
N ASN A 287 41.15 -32.58 -17.49
CA ASN A 287 42.10 -33.66 -17.20
C ASN A 287 43.04 -33.82 -18.39
N ARG A 288 44.35 -33.70 -18.14
CA ARG A 288 45.31 -33.67 -19.24
C ARG A 288 45.26 -34.95 -20.05
N LYS A 289 45.01 -36.08 -19.38
CA LYS A 289 44.88 -37.34 -20.11
C LYS A 289 43.62 -37.30 -20.97
N THR A 290 42.45 -37.38 -20.34
CA THR A 290 41.21 -37.66 -21.06
C THR A 290 40.53 -36.42 -21.64
N LYS A 291 41.10 -35.21 -21.48
CA LYS A 291 40.52 -33.98 -22.01
C LYS A 291 39.09 -33.74 -21.50
N THR A 292 38.74 -34.38 -20.39
CA THR A 292 37.41 -34.26 -19.80
C THR A 292 37.30 -32.97 -18.99
N LEU A 293 36.14 -32.32 -19.12
CA LEU A 293 35.89 -31.05 -18.46
C LEU A 293 35.65 -31.25 -16.97
N LEU A 294 36.40 -30.53 -16.15
CA LEU A 294 36.24 -30.66 -14.71
C LEU A 294 35.51 -29.45 -14.11
N ASP A 295 36.10 -28.26 -14.18
CA ASP A 295 35.43 -27.05 -13.70
C ASP A 295 35.44 -25.99 -14.79
N GLN A 296 34.74 -24.88 -14.52
CA GLN A 296 34.51 -23.83 -15.51
C GLN A 296 33.95 -22.61 -14.80
N SER A 297 34.61 -21.45 -14.96
CA SER A 297 34.28 -20.20 -14.29
C SER A 297 34.32 -19.09 -15.33
N ASN A 298 33.16 -18.51 -15.66
CA ASN A 298 33.12 -17.34 -16.54
C ASN A 298 33.18 -16.06 -15.74
N HIS A 299 33.82 -15.05 -16.34
CA HIS A 299 33.94 -13.71 -15.78
C HIS A 299 34.02 -12.70 -16.92
N TYR A 300 33.62 -11.47 -16.62
CA TYR A 300 33.86 -10.35 -17.52
C TYR A 300 35.05 -9.56 -17.03
N THR A 301 35.87 -9.12 -17.96
CA THR A 301 36.81 -8.05 -17.69
C THR A 301 36.49 -6.91 -18.66
N ALA A 302 37.14 -5.77 -18.46
CA ALA A 302 36.92 -4.64 -19.35
C ALA A 302 38.09 -3.67 -19.22
N PHE A 303 38.31 -2.91 -20.28
CA PHE A 303 39.47 -2.04 -20.36
C PHE A 303 39.03 -0.58 -20.21
N ARG A 304 39.44 0.03 -19.11
CA ARG A 304 39.15 1.42 -18.82
C ARG A 304 40.15 1.90 -17.80
N TRP A 305 40.43 3.20 -17.83
CA TRP A 305 41.30 3.82 -16.83
C TRP A 305 40.70 5.16 -16.43
N PHE A 306 41.11 5.66 -15.25
CA PHE A 306 40.45 6.83 -14.69
C PHE A 306 41.40 7.53 -13.72
N ARG A 307 41.17 8.82 -13.51
CA ARG A 307 41.87 9.52 -12.44
C ARG A 307 40.93 10.54 -11.80
N PHE A 308 41.34 11.04 -10.64
CA PHE A 308 40.64 12.09 -9.94
C PHE A 308 41.61 13.23 -9.72
N ASP A 309 41.24 14.41 -10.16
CA ASP A 309 42.06 15.60 -10.04
C ASP A 309 41.43 16.52 -9.00
N GLY A 310 42.29 17.24 -8.26
CA GLY A 310 41.78 18.24 -7.32
C GLY A 310 41.19 19.45 -8.03
N ASP A 311 41.77 19.85 -9.15
CA ASP A 311 41.24 20.98 -9.90
C ASP A 311 40.18 20.54 -10.90
N GLU A 312 40.55 19.63 -11.79
CA GLU A 312 39.79 19.38 -13.01
C GLU A 312 38.82 18.22 -12.89
N GLY A 313 38.69 17.60 -11.72
CA GLY A 313 37.64 16.61 -11.51
C GLY A 313 37.96 15.17 -11.86
N PHE A 314 37.01 14.47 -12.50
CA PHE A 314 37.13 13.06 -12.81
C PHE A 314 37.38 12.86 -14.30
N PHE A 315 38.23 11.89 -14.63
CA PHE A 315 38.56 11.55 -16.02
C PHE A 315 38.34 10.06 -16.27
N LEU A 316 37.84 9.73 -17.45
CA LEU A 316 37.50 8.36 -17.80
C LEU A 316 37.94 8.09 -19.23
N ASN A 317 38.97 7.24 -19.37
CA ASN A 317 39.71 7.06 -20.62
C ASN A 317 40.17 8.41 -21.14
N GLY A 318 40.74 9.20 -20.21
CA GLY A 318 41.42 10.44 -20.56
C GLY A 318 40.50 11.59 -20.94
N LYS A 319 39.24 11.42 -20.82
CA LYS A 319 38.34 12.52 -21.09
C LYS A 319 37.70 13.04 -19.80
N PRO A 320 37.26 14.30 -19.78
CA PRO A 320 36.45 14.77 -18.66
C PRO A 320 35.16 13.98 -18.54
N TYR A 321 34.83 13.57 -17.32
CA TYR A 321 33.59 12.85 -17.07
C TYR A 321 33.02 13.35 -15.75
N LYS A 322 31.75 13.77 -15.74
CA LYS A 322 31.14 14.20 -14.49
C LYS A 322 30.32 13.06 -13.90
N LEU A 323 30.58 12.73 -12.63
CA LEU A 323 29.91 11.59 -12.00
C LEU A 323 28.49 11.99 -11.61
N ARG A 324 27.52 11.42 -12.29
CA ARG A 324 26.11 11.70 -12.02
C ARG A 324 25.52 10.53 -11.24
N GLY A 325 25.67 10.58 -9.91
CA GLY A 325 25.47 9.43 -9.08
C GLY A 325 24.27 9.45 -8.13
N ILE A 326 23.99 8.27 -7.58
CA ILE A 326 22.88 8.00 -6.67
C ILE A 326 23.37 6.99 -5.63
N CYS A 327 22.95 7.16 -4.38
CA CYS A 327 23.30 6.18 -3.36
C CYS A 327 22.29 5.06 -3.37
N ARG A 328 22.68 3.92 -2.81
CA ARG A 328 21.77 2.78 -2.83
C ARG A 328 22.11 1.77 -1.76
N HIS A 329 21.11 1.36 -0.97
CA HIS A 329 21.28 0.31 0.02
C HIS A 329 20.04 -0.56 -0.01
N GLN A 330 19.94 -1.48 0.95
CA GLN A 330 18.80 -2.40 1.01
C GLN A 330 17.48 -1.62 1.13
N ASP A 331 16.56 -1.89 0.19
CA ASP A 331 15.50 -0.96 -0.20
C ASP A 331 14.10 -1.55 -0.26
N GLN A 332 13.95 -2.87 -0.22
CA GLN A 332 12.73 -3.51 -0.68
C GLN A 332 11.60 -3.38 0.33
N LYS A 333 10.41 -3.04 -0.15
CA LYS A 333 9.28 -2.89 0.75
C LYS A 333 8.82 -4.26 1.26
N PRO A 334 8.33 -4.35 2.50
CA PRO A 334 7.70 -5.59 2.95
C PRO A 334 6.46 -5.89 2.10
N ILE A 335 6.36 -7.14 1.65
CA ILE A 335 5.26 -7.56 0.79
C ILE A 335 4.52 -8.77 1.33
N GLY A 336 4.94 -9.31 2.47
CA GLY A 336 4.27 -10.40 3.13
C GLY A 336 4.91 -10.64 4.48
N PRO A 337 4.53 -11.73 5.15
CA PRO A 337 5.18 -12.04 6.43
C PRO A 337 6.62 -12.50 6.19
N ALA A 338 7.56 -11.77 6.79
CA ALA A 338 8.97 -12.12 6.69
C ALA A 338 9.51 -11.99 5.26
N LEU A 339 8.69 -11.56 4.31
CA LEU A 339 9.03 -11.55 2.89
C LEU A 339 9.08 -10.11 2.38
N THR A 340 10.24 -9.70 1.90
CA THR A 340 10.40 -8.42 1.21
C THR A 340 10.73 -8.68 -0.26
N ALA A 341 10.45 -7.68 -1.08
CA ALA A 341 10.55 -7.84 -2.52
C ALA A 341 11.96 -8.15 -2.96
N GLU A 342 12.06 -8.70 -4.18
CA GLU A 342 13.32 -8.87 -4.88
C GLU A 342 13.23 -8.14 -6.21
N MET A 343 13.10 -6.81 -6.14
CA MET A 343 12.96 -5.91 -7.27
C MET A 343 14.30 -5.26 -7.67
N HIS A 344 15.43 -5.91 -7.35
CA HIS A 344 16.73 -5.25 -7.49
C HIS A 344 17.04 -4.92 -8.95
N ARG A 345 16.68 -5.81 -9.87
CA ARG A 345 17.01 -5.59 -11.26
C ARG A 345 16.10 -4.55 -11.91
N ARG A 346 14.83 -4.47 -11.50
CA ARG A 346 13.97 -3.41 -12.00
C ARG A 346 14.29 -2.07 -11.35
N ASP A 347 14.67 -2.08 -10.06
CA ASP A 347 15.15 -0.85 -9.42
C ASP A 347 16.35 -0.28 -10.11
N PHE A 348 17.09 -1.08 -10.87
CA PHE A 348 18.29 -0.59 -11.55
C PHE A 348 17.94 0.10 -12.85
N LEU A 349 17.09 -0.53 -13.67
CA LEU A 349 16.60 0.10 -14.89
C LEU A 349 16.05 1.49 -14.62
N LEU A 350 15.44 1.68 -13.45
CA LEU A 350 14.97 3.01 -13.06
C LEU A 350 16.14 3.98 -12.91
N MET A 351 17.18 3.58 -12.14
CA MET A 351 18.38 4.40 -12.01
C MET A 351 19.01 4.70 -13.37
N LYS A 352 19.14 3.66 -14.21
CA LYS A 352 19.80 3.81 -15.51
C LYS A 352 18.98 4.61 -16.52
N GLU A 353 17.64 4.54 -16.44
CA GLU A 353 16.81 5.34 -17.34
C GLU A 353 16.74 6.81 -16.92
N MET A 354 16.98 7.11 -15.65
CA MET A 354 17.09 8.50 -15.22
C MET A 354 18.29 9.19 -15.82
N GLY A 355 19.27 8.45 -16.32
CA GLY A 355 20.47 9.05 -16.84
C GLY A 355 21.66 8.99 -15.92
N ALA A 356 21.56 8.27 -14.81
CA ALA A 356 22.69 8.20 -13.89
C ALA A 356 23.85 7.43 -14.50
N ASN A 357 25.07 7.80 -14.10
CA ASN A 357 26.24 7.07 -14.55
C ASN A 357 27.11 6.63 -13.38
N PHE A 358 26.65 6.81 -12.15
CA PHE A 358 27.43 6.49 -10.96
C PHE A 358 26.47 6.02 -9.87
N ILE A 359 26.91 5.03 -9.09
CA ILE A 359 26.09 4.50 -8.00
C ILE A 359 27.01 4.27 -6.81
N ARG A 360 26.53 4.59 -5.61
CA ARG A 360 27.34 4.47 -4.40
C ARG A 360 26.65 3.50 -3.47
N ILE A 361 27.26 2.34 -3.29
CA ILE A 361 26.63 1.15 -2.72
C ILE A 361 27.13 0.93 -1.29
N SER A 362 26.22 0.58 -0.41
CA SER A 362 26.56 0.18 0.95
C SER A 362 25.31 -0.46 1.53
N HIS A 363 25.45 -1.06 2.72
CA HIS A 363 24.37 -1.86 3.31
C HIS A 363 23.57 -2.58 2.25
N TYR A 364 24.22 -3.15 1.25
CA TYR A 364 23.52 -3.85 0.17
C TYR A 364 23.93 -5.31 0.16
N PRO A 365 23.10 -6.21 0.70
CA PRO A 365 23.42 -7.63 0.67
C PRO A 365 23.42 -8.18 -0.75
N GLN A 366 24.38 -9.05 -1.04
CA GLN A 366 24.54 -9.61 -2.38
C GLN A 366 24.47 -8.51 -3.44
N ALA A 367 25.34 -7.51 -3.28
CA ALA A 367 25.43 -6.44 -4.27
C ALA A 367 25.81 -6.95 -5.65
N ASP A 368 26.44 -8.13 -5.73
CA ASP A 368 26.79 -8.83 -6.95
C ASP A 368 25.74 -8.64 -8.02
N ALA A 369 24.47 -8.81 -7.66
CA ALA A 369 23.40 -8.70 -8.64
C ALA A 369 23.27 -7.29 -9.19
N LEU A 370 23.55 -6.30 -8.36
CA LEU A 370 23.50 -4.91 -8.78
C LEU A 370 24.66 -4.59 -9.71
N LEU A 371 25.86 -5.00 -9.34
CA LEU A 371 27.08 -4.73 -10.10
C LEU A 371 27.13 -5.50 -11.42
N GLU A 372 26.41 -6.61 -11.55
CA GLU A 372 26.28 -7.26 -12.85
C GLU A 372 25.56 -6.35 -13.85
N MET A 373 24.56 -5.60 -13.37
CA MET A 373 23.87 -4.62 -14.22
C MET A 373 24.78 -3.45 -14.55
N CYS A 374 25.58 -3.03 -13.56
CA CYS A 374 26.57 -1.99 -13.78
C CYS A 374 27.49 -2.36 -14.92
N ASP A 375 28.06 -3.56 -14.85
CA ASP A 375 28.99 -4.02 -15.88
C ASP A 375 28.31 -4.03 -17.24
N LYS A 376 27.15 -4.65 -17.33
CA LYS A 376 26.56 -4.96 -18.62
C LYS A 376 25.75 -3.80 -19.19
N LEU A 377 24.89 -3.17 -18.39
CA LEU A 377 24.10 -2.05 -18.89
C LEU A 377 24.82 -0.71 -18.80
N GLY A 378 25.82 -0.60 -17.93
CA GLY A 378 26.75 0.53 -17.91
C GLY A 378 26.57 1.56 -16.82
N MET A 379 27.28 1.41 -15.69
CA MET A 379 27.24 2.40 -14.62
C MET A 379 28.42 2.22 -13.68
N LEU A 380 29.14 3.31 -13.41
CA LEU A 380 30.26 3.24 -12.47
C LEU A 380 29.75 3.06 -11.05
N ALA A 381 30.54 2.37 -10.23
CA ALA A 381 30.16 2.09 -8.85
C ALA A 381 31.28 2.43 -7.88
N TRP A 382 30.91 2.89 -6.67
CA TRP A 382 31.72 2.59 -5.52
C TRP A 382 30.96 1.85 -4.46
N GLU A 383 31.69 0.98 -3.78
CA GLU A 383 31.16 0.13 -2.74
C GLU A 383 31.91 0.36 -1.45
N GLU A 384 31.25 0.08 -0.34
CA GLU A 384 31.84 0.28 0.96
C GLU A 384 31.23 -0.70 1.94
N ILE A 385 32.03 -1.15 2.90
CA ILE A 385 31.54 -1.91 4.03
C ILE A 385 30.96 -0.89 5.01
N PRO A 386 29.96 -1.24 5.80
CA PRO A 386 29.22 -0.23 6.57
C PRO A 386 29.78 0.02 7.97
N ILE A 387 30.95 0.65 8.03
CA ILE A 387 31.49 1.19 9.27
C ILE A 387 31.05 2.63 9.33
N ILE A 388 30.27 2.98 10.35
CA ILE A 388 29.64 4.30 10.42
C ILE A 388 29.50 4.75 11.87
N ASP A 389 29.47 6.08 12.03
CA ASP A 389 28.88 6.81 13.16
C ASP A 389 29.82 6.99 14.33
N ILE A 390 30.46 5.91 14.75
CA ILE A 390 31.39 5.94 15.88
C ILE A 390 32.19 4.66 15.82
N VAL A 391 33.42 4.71 16.29
CA VAL A 391 34.21 3.49 16.42
C VAL A 391 34.19 3.12 17.90
N PRO A 392 33.50 2.06 18.29
CA PRO A 392 33.41 1.72 19.71
C PRO A 392 34.70 1.07 20.18
N ASN A 393 34.86 1.02 21.50
CA ASN A 393 35.89 0.17 22.10
C ASN A 393 35.28 -1.21 22.26
N THR A 394 35.42 -2.03 21.23
CA THR A 394 34.78 -3.34 21.20
C THR A 394 35.78 -4.37 20.73
N PRO A 395 36.24 -5.26 21.61
CA PRO A 395 37.12 -6.35 21.17
C PRO A 395 36.52 -7.19 20.04
N GLY A 396 37.22 -7.24 18.90
CA GLY A 396 36.80 -8.01 17.77
C GLY A 396 36.30 -7.18 16.61
N TYR A 397 35.85 -5.96 16.88
CA TYR A 397 35.23 -5.12 15.86
C TYR A 397 36.21 -4.79 14.75
N GLY A 398 37.33 -4.17 15.10
CA GLY A 398 38.35 -3.89 14.11
C GLY A 398 38.72 -5.12 13.32
N ASP A 399 38.93 -6.25 14.03
CA ASP A 399 39.27 -7.50 13.37
C ASP A 399 38.19 -7.92 12.35
N ASN A 400 36.92 -7.87 12.77
CA ASN A 400 35.82 -8.24 11.88
C ASN A 400 35.65 -7.25 10.73
N CYS A 401 36.00 -5.99 10.94
CA CYS A 401 35.92 -5.06 9.81
C CYS A 401 36.95 -5.42 8.75
N GLU A 402 38.22 -5.57 9.14
CA GLU A 402 39.25 -6.06 8.22
C GLU A 402 38.78 -7.30 7.46
N ARG A 403 38.23 -8.27 8.17
CA ARG A 403 37.74 -9.48 7.55
C ARG A 403 36.63 -9.18 6.55
N ASN A 404 35.83 -8.15 6.80
CA ASN A 404 34.73 -7.81 5.90
C ASN A 404 35.20 -7.03 4.68
N LEU A 405 36.13 -6.09 4.87
CA LEU A 405 36.69 -5.38 3.73
C LEU A 405 37.35 -6.34 2.77
N ARG A 406 38.08 -7.34 3.28
CA ARG A 406 38.68 -8.33 2.39
C ARG A 406 37.58 -9.08 1.64
N GLU A 407 36.59 -9.60 2.37
CA GLU A 407 35.50 -10.34 1.74
C GLU A 407 34.85 -9.54 0.61
N MET A 408 34.59 -8.25 0.86
CA MET A 408 33.94 -7.41 -0.14
C MET A 408 34.78 -7.29 -1.40
N ILE A 409 36.07 -7.00 -1.24
CA ILE A 409 36.94 -6.82 -2.40
C ILE A 409 37.16 -8.12 -3.15
N ARG A 410 37.34 -9.22 -2.44
CA ARG A 410 37.62 -10.44 -3.17
C ARG A 410 36.38 -10.93 -3.90
N GLN A 411 35.21 -10.73 -3.33
CA GLN A 411 33.98 -11.19 -3.97
C GLN A 411 33.61 -10.38 -5.20
N HIS A 412 34.05 -9.13 -5.28
CA HIS A 412 33.71 -8.25 -6.39
C HIS A 412 34.91 -7.79 -7.22
N TYR A 413 36.09 -8.40 -7.04
CA TYR A 413 37.30 -7.89 -7.69
C TYR A 413 37.15 -7.77 -9.21
N ASN A 414 36.32 -8.62 -9.81
CA ASN A 414 36.23 -8.72 -11.27
C ASN A 414 35.14 -7.88 -11.86
N HIS A 415 34.60 -6.96 -11.10
CA HIS A 415 33.50 -6.17 -11.63
C HIS A 415 34.03 -4.89 -12.25
N PRO A 416 34.10 -4.78 -13.58
CA PRO A 416 34.78 -3.62 -14.18
C PRO A 416 34.23 -2.29 -13.76
N SER A 417 32.98 -2.23 -13.32
CA SER A 417 32.33 -0.96 -13.04
C SER A 417 32.78 -0.36 -11.73
N ILE A 418 33.28 -1.18 -10.82
CA ILE A 418 33.77 -0.68 -9.54
C ILE A 418 35.06 0.08 -9.78
N ILE A 419 35.07 1.37 -9.39
CA ILE A 419 36.29 2.17 -9.50
C ILE A 419 36.84 2.60 -8.17
N THR A 420 36.11 2.42 -7.08
CA THR A 420 36.66 2.84 -5.80
C THR A 420 35.97 2.11 -4.65
N TRP A 421 36.77 1.78 -3.64
CA TRP A 421 36.35 1.08 -2.44
C TRP A 421 36.39 2.04 -1.27
N GLY A 422 35.50 1.81 -0.31
CA GLY A 422 35.38 2.68 0.84
C GLY A 422 35.09 1.85 2.08
N TYR A 423 35.33 2.45 3.23
CA TYR A 423 35.07 1.70 4.45
C TYR A 423 34.46 2.49 5.58
N MET A 424 34.60 3.81 5.62
CA MET A 424 33.99 4.60 6.68
C MET A 424 33.05 5.65 6.11
N ASN A 425 32.15 6.10 6.99
CA ASN A 425 31.07 6.99 6.57
C ASN A 425 30.61 7.75 7.81
N GLU A 426 31.04 9.01 7.92
CA GLU A 426 30.71 9.88 9.05
C GLU A 426 31.12 9.24 10.37
N ILE A 427 32.38 8.81 10.44
CA ILE A 427 32.89 8.08 11.60
C ILE A 427 33.08 8.99 12.81
N LEU A 428 32.91 10.30 12.63
CA LEU A 428 32.96 11.25 13.74
C LEU A 428 31.57 11.76 14.18
N LEU A 429 30.51 11.49 13.40
CA LEU A 429 29.21 12.09 13.65
C LEU A 429 28.72 11.85 15.08
N VAL A 430 28.62 10.58 15.49
CA VAL A 430 28.14 10.28 16.82
C VAL A 430 29.23 10.52 17.85
N THR A 431 30.49 10.43 17.46
CA THR A 431 31.57 10.74 18.41
C THR A 431 31.45 12.17 18.91
N GLN A 432 31.29 13.13 18.00
CA GLN A 432 31.23 14.52 18.41
C GLN A 432 29.96 14.86 19.19
N ARG A 433 28.91 14.05 19.05
CA ARG A 433 27.72 14.26 19.87
C ARG A 433 27.94 13.76 21.29
N LYS A 434 28.25 12.47 21.44
CA LYS A 434 28.33 11.86 22.77
C LYS A 434 29.44 12.45 23.62
N TYR A 435 30.51 12.96 23.01
CA TYR A 435 31.70 13.40 23.75
C TYR A 435 32.06 14.83 23.37
N LYS A 436 32.28 15.69 24.36
CA LYS A 436 32.45 17.12 24.12
C LYS A 436 33.71 17.71 24.74
N THR A 437 34.42 16.95 25.56
CA THR A 437 35.68 17.36 26.17
C THR A 437 36.83 16.67 25.46
N GLU A 438 37.92 17.39 25.24
CA GLU A 438 39.03 16.80 24.50
C GLU A 438 39.75 15.70 25.28
N ALA A 439 39.26 15.37 26.47
CA ALA A 439 39.80 14.26 27.26
C ALA A 439 39.01 12.99 27.00
N GLU A 440 37.69 13.07 27.05
CA GLU A 440 36.92 11.90 26.65
C GLU A 440 36.97 11.71 25.14
N LEU A 441 37.41 12.72 24.39
CA LEU A 441 37.56 12.59 22.95
C LEU A 441 38.87 11.93 22.55
N LYS A 442 39.95 12.18 23.28
CA LYS A 442 41.25 11.67 22.84
C LYS A 442 41.27 10.17 22.61
N PRO A 443 40.70 9.31 23.49
CA PRO A 443 40.71 7.87 23.19
C PRO A 443 39.95 7.49 21.93
N VAL A 444 38.78 8.09 21.70
CA VAL A 444 37.97 7.70 20.55
C VAL A 444 38.64 8.14 19.26
N LEU A 445 39.24 9.34 19.25
CA LEU A 445 39.93 9.78 18.04
C LEU A 445 41.16 8.93 17.74
N GLU A 446 41.88 8.48 18.77
CA GLU A 446 42.99 7.54 18.51
C GLU A 446 42.46 6.25 17.91
N ARG A 447 41.47 5.66 18.58
CA ARG A 447 40.85 4.41 18.15
C ARG A 447 40.40 4.49 16.70
N THR A 448 40.09 5.69 16.22
CA THR A 448 39.46 5.85 14.91
C THR A 448 40.50 5.95 13.80
N LEU A 449 41.40 6.94 13.90
CA LEU A 449 42.52 6.97 12.97
C LEU A 449 43.28 5.66 12.96
N ALA A 450 43.38 4.98 14.11
CA ALA A 450 43.99 3.66 14.16
C ALA A 450 43.30 2.71 13.20
N LEU A 451 41.97 2.63 13.27
CA LEU A 451 41.24 1.67 12.45
C LEU A 451 41.21 2.13 10.98
N ALA A 452 41.14 3.44 10.74
CA ALA A 452 41.14 3.97 9.39
C ALA A 452 42.41 3.60 8.64
N ASN A 453 43.56 3.80 9.27
CA ASN A 453 44.85 3.41 8.68
C ASN A 453 44.92 1.90 8.47
N ARG A 454 44.40 1.13 9.42
CA ARG A 454 44.43 -0.31 9.27
C ARG A 454 43.70 -0.73 8.01
N LEU A 455 42.51 -0.15 7.79
CA LEU A 455 41.70 -0.53 6.65
C LEU A 455 42.28 0.03 5.34
N GLU A 456 42.80 1.25 5.37
CA GLU A 456 43.47 1.79 4.19
C GLU A 456 44.66 0.94 3.80
N ARG A 457 45.41 0.42 4.78
CA ARG A 457 46.47 -0.54 4.46
C ARG A 457 45.88 -1.81 3.85
N VAL A 458 44.85 -2.37 4.47
CA VAL A 458 44.26 -3.63 3.98
C VAL A 458 43.71 -3.45 2.57
N LEU A 459 43.06 -2.30 2.32
CA LEU A 459 42.45 -2.01 1.03
C LEU A 459 43.51 -2.09 -0.07
N LYS A 460 44.48 -1.17 -0.03
CA LYS A 460 45.54 -1.17 -1.03
C LYS A 460 46.26 -2.50 -1.11
N GLU A 461 46.34 -3.25 0.01
CA GLU A 461 46.91 -4.59 -0.01
C GLU A 461 46.10 -5.53 -0.90
N GLU A 462 44.77 -5.47 -0.79
CA GLU A 462 43.90 -6.36 -1.53
C GLU A 462 43.73 -5.95 -2.98
N ASP A 463 43.89 -4.66 -3.30
CA ASP A 463 43.53 -4.15 -4.61
C ASP A 463 44.22 -2.81 -4.82
N SER A 464 45.30 -2.83 -5.58
CA SER A 464 45.92 -1.59 -6.01
C SER A 464 45.37 -1.10 -7.35
N THR A 465 44.38 -1.80 -7.92
CA THR A 465 43.80 -1.37 -9.19
C THR A 465 42.72 -0.31 -9.01
N ARG A 466 42.42 0.09 -7.78
CA ARG A 466 41.25 0.92 -7.53
C ARG A 466 41.54 1.94 -6.45
N ILE A 467 40.94 3.11 -6.61
CA ILE A 467 41.14 4.24 -5.72
C ILE A 467 40.34 4.05 -4.44
N SER A 468 40.77 4.66 -3.33
CA SER A 468 40.05 4.52 -2.07
C SER A 468 39.32 5.81 -1.74
N THR A 469 38.42 5.73 -0.77
CA THR A 469 37.51 6.84 -0.50
C THR A 469 36.93 6.76 0.90
N MET A 470 36.57 7.93 1.44
CA MET A 470 35.88 8.07 2.72
C MET A 470 34.77 9.11 2.57
N ALA A 471 33.65 8.88 3.24
CA ALA A 471 32.52 9.80 3.21
C ALA A 471 32.41 10.48 4.56
N PHE A 472 32.51 11.81 4.57
CA PHE A 472 32.42 12.65 5.77
C PHE A 472 31.03 13.28 5.90
N HIS A 473 30.69 13.68 7.12
CA HIS A 473 29.58 14.61 7.28
C HIS A 473 30.11 16.05 7.27
N GLY A 474 29.18 17.00 7.18
CA GLY A 474 29.56 18.38 6.89
C GLY A 474 30.25 19.16 7.98
N SER A 475 31.44 18.72 8.39
CA SER A 475 32.18 19.34 9.48
C SER A 475 33.65 19.36 9.12
N ASN A 476 34.33 20.47 9.39
CA ASN A 476 35.75 20.52 9.09
C ASN A 476 36.57 19.66 10.05
N SER A 477 35.93 18.96 10.99
CA SER A 477 36.63 18.11 11.95
C SER A 477 37.37 16.95 11.29
N TYR A 478 36.90 16.49 10.14
CA TYR A 478 37.63 15.44 9.44
C TYR A 478 38.96 15.94 8.88
N ASN A 479 39.16 17.26 8.77
CA ASN A 479 40.47 17.76 8.40
C ASN A 479 41.38 18.02 9.60
N GLU A 480 40.82 18.50 10.71
CA GLU A 480 41.62 18.73 11.91
C GLU A 480 42.17 17.42 12.46
N THR A 481 41.29 16.41 12.58
CA THR A 481 41.72 15.10 13.05
C THR A 481 42.62 14.38 12.06
N GLY A 482 42.69 14.84 10.81
CA GLY A 482 43.51 14.19 9.82
C GLY A 482 42.91 12.97 9.15
N LEU A 483 41.62 12.69 9.39
CA LEU A 483 40.98 11.59 8.69
C LEU A 483 41.01 11.78 7.18
N SER A 484 41.11 13.01 6.69
CA SER A 484 41.10 13.25 5.25
C SER A 484 42.47 13.13 4.60
N LYS A 485 43.49 12.80 5.36
CA LYS A 485 44.81 12.57 4.79
C LYS A 485 45.06 11.12 4.46
N ILE A 486 44.02 10.27 4.48
CA ILE A 486 44.18 8.82 4.48
C ILE A 486 43.83 8.21 3.13
N THR A 487 42.66 8.54 2.59
CA THR A 487 42.20 7.89 1.37
C THR A 487 42.50 8.74 0.14
N ASP A 488 42.33 8.14 -1.03
CA ASP A 488 42.70 8.81 -2.27
C ASP A 488 41.81 10.02 -2.55
N ILE A 489 40.50 9.87 -2.34
CA ILE A 489 39.56 10.98 -2.54
C ILE A 489 38.65 11.05 -1.32
N VAL A 490 37.93 12.17 -1.21
CA VAL A 490 37.00 12.39 -0.11
C VAL A 490 35.62 12.69 -0.65
N GLY A 491 34.62 12.37 0.17
CA GLY A 491 33.23 12.68 -0.12
C GLY A 491 32.62 13.47 1.02
N TRP A 492 31.89 14.52 0.66
CA TRP A 492 31.19 15.37 1.63
C TRP A 492 29.69 15.12 1.59
N ASN A 493 29.10 14.79 2.74
CA ASN A 493 27.66 14.59 2.88
C ASN A 493 27.04 15.91 3.33
N LEU A 494 26.50 16.65 2.36
CA LEU A 494 26.19 18.05 2.54
C LEU A 494 24.68 18.24 2.48
N TYR A 495 24.15 18.92 3.49
CA TYR A 495 22.73 19.20 3.53
C TYR A 495 22.46 20.67 3.80
N GLN A 496 23.30 21.56 3.27
CA GLN A 496 23.01 22.99 3.41
C GLN A 496 21.71 23.32 2.70
N GLY A 497 20.81 23.98 3.41
CA GLY A 497 19.48 24.20 2.88
C GLY A 497 18.44 23.24 3.39
N TRP A 498 18.85 22.14 4.02
CA TRP A 498 17.89 21.25 4.63
C TRP A 498 18.09 21.25 6.15
N TYR A 499 19.12 20.56 6.65
CA TYR A 499 19.54 20.67 8.05
C TYR A 499 20.22 22.02 8.24
N GLY A 500 19.42 23.07 8.35
CA GLY A 500 19.97 24.40 8.57
C GLY A 500 20.69 24.99 7.36
N GLY A 501 21.20 26.21 7.55
CA GLY A 501 21.84 26.94 6.47
C GLY A 501 20.83 27.36 5.43
N ASP A 502 21.33 27.74 4.27
CA ASP A 502 20.49 28.00 3.11
C ASP A 502 21.22 27.51 1.87
N LEU A 503 20.49 27.37 0.77
CA LEU A 503 20.99 26.61 -0.38
C LEU A 503 22.37 27.08 -0.83
N THR A 504 22.70 28.36 -0.61
CA THR A 504 23.96 28.91 -1.06
C THR A 504 25.12 28.52 -0.14
N GLY A 505 24.84 28.14 1.10
CA GLY A 505 25.88 27.57 1.92
C GLY A 505 26.45 26.29 1.34
N PHE A 506 25.80 25.74 0.32
CA PHE A 506 26.28 24.54 -0.33
C PHE A 506 27.52 24.90 -1.14
N GLU A 507 27.34 25.63 -2.25
CA GLU A 507 28.49 25.97 -3.07
C GLU A 507 29.57 26.64 -2.22
N LYS A 508 29.17 27.38 -1.18
CA LYS A 508 30.14 28.08 -0.33
C LYS A 508 30.98 27.09 0.46
N PHE A 509 30.36 26.03 0.97
CA PHE A 509 31.12 25.03 1.71
C PHE A 509 32.17 24.37 0.83
N LEU A 510 31.75 23.85 -0.33
CA LEU A 510 32.68 23.30 -1.32
C LEU A 510 33.70 24.34 -1.79
N ALA A 511 33.28 25.57 -2.09
CA ALA A 511 34.24 26.59 -2.46
C ALA A 511 35.31 26.72 -1.39
N GLN A 512 34.89 26.68 -0.13
CA GLN A 512 35.82 26.81 0.98
C GLN A 512 36.75 25.61 1.06
N GLN A 513 36.19 24.41 0.89
CA GLN A 513 36.96 23.17 1.03
C GLN A 513 38.01 23.04 -0.04
N HIS A 514 37.63 23.33 -1.28
CA HIS A 514 38.57 23.28 -2.38
C HIS A 514 39.74 24.23 -2.19
N GLN A 515 39.49 25.38 -1.56
CA GLN A 515 40.55 26.38 -1.42
C GLN A 515 41.53 26.02 -0.31
N ASN A 516 41.11 25.26 0.69
CA ASN A 516 41.98 24.90 1.80
C ASN A 516 42.66 23.54 1.63
N HIS A 517 42.09 22.65 0.84
CA HIS A 517 42.69 21.34 0.55
C HIS A 517 42.52 21.03 -0.92
N PRO A 518 43.27 21.70 -1.79
CA PRO A 518 43.06 21.49 -3.23
C PRO A 518 43.51 20.14 -3.72
N THR A 519 44.39 19.46 -3.00
CA THR A 519 44.85 18.14 -3.46
C THR A 519 43.96 17.00 -3.00
N HIS A 520 42.81 17.30 -2.36
CA HIS A 520 41.77 16.34 -2.01
C HIS A 520 40.69 16.41 -3.08
N PRO A 521 40.66 15.50 -4.06
CA PRO A 521 39.54 15.50 -5.00
C PRO A 521 38.24 15.17 -4.29
N MET A 522 37.16 15.83 -4.72
CA MET A 522 35.90 15.86 -3.98
C MET A 522 34.76 15.20 -4.75
N ILE A 523 33.95 14.43 -4.03
CA ILE A 523 32.64 13.96 -4.49
C ILE A 523 31.63 14.40 -3.45
N VAL A 524 30.54 15.00 -3.90
CA VAL A 524 29.46 15.22 -2.94
C VAL A 524 28.79 13.86 -2.76
N SER A 525 29.09 13.19 -1.63
CA SER A 525 28.75 11.79 -1.49
C SER A 525 27.37 11.55 -0.88
N GLU A 526 26.58 12.59 -0.68
CA GLU A 526 25.20 12.47 -0.21
C GLU A 526 24.62 13.88 -0.10
N TYR A 527 23.37 14.03 -0.51
CA TYR A 527 22.63 15.29 -0.41
C TYR A 527 21.17 14.98 -0.74
N GLY A 528 20.29 15.87 -0.34
CA GLY A 528 18.87 15.69 -0.59
C GLY A 528 18.03 16.31 0.50
N ALA A 529 16.72 16.12 0.39
CA ALA A 529 15.73 16.80 1.21
C ALA A 529 14.44 15.99 1.24
N GLY A 530 13.87 15.82 2.42
CA GLY A 530 12.71 14.95 2.55
C GLY A 530 11.43 15.55 2.00
N SER A 531 10.51 14.68 1.58
CA SER A 531 9.28 15.15 0.98
C SER A 531 8.19 14.11 1.21
N ASP A 532 6.95 14.59 1.16
CA ASP A 532 5.76 13.78 1.39
C ASP A 532 4.72 14.18 0.35
N LYS A 533 4.35 13.23 -0.51
CA LYS A 533 3.28 13.41 -1.48
C LYS A 533 2.04 14.10 -0.90
N ARG A 534 1.76 13.93 0.40
CA ARG A 534 0.56 14.50 0.98
C ARG A 534 0.60 16.02 1.13
N LEU A 535 1.80 16.62 1.14
CA LEU A 535 2.00 18.03 1.44
C LEU A 535 2.43 18.80 0.21
N HIS A 536 1.86 19.99 0.01
CA HIS A 536 2.26 20.89 -1.06
C HIS A 536 2.19 22.32 -0.55
N SER A 537 3.07 23.19 -1.07
CA SER A 537 3.13 24.57 -0.59
C SER A 537 3.41 25.52 -1.75
N LEU A 538 2.82 26.71 -1.68
CA LEU A 538 3.14 27.77 -2.62
C LEU A 538 4.30 28.62 -2.15
N HIS A 539 4.74 28.47 -0.92
CA HIS A 539 5.90 29.19 -0.40
C HIS A 539 6.75 28.22 0.40
N PRO A 540 7.37 27.25 -0.28
CA PRO A 540 7.99 26.12 0.43
C PRO A 540 9.27 26.54 1.13
N ARG A 541 9.35 26.18 2.40
CA ARG A 541 10.49 26.46 3.25
C ARG A 541 10.98 25.13 3.82
N ALA A 542 12.27 25.06 4.13
CA ALA A 542 12.85 23.84 4.68
C ALA A 542 11.97 23.29 5.79
N PHE A 543 11.73 21.99 5.74
CA PHE A 543 11.16 21.17 6.81
C PHE A 543 9.66 21.27 6.91
N ASP A 544 9.00 21.88 5.94
CA ASP A 544 7.57 21.69 5.80
C ASP A 544 7.27 20.34 5.18
N PHE A 545 8.30 19.70 4.59
CA PHE A 545 8.23 18.42 3.90
C PHE A 545 7.37 18.45 2.65
N SER A 546 7.09 19.65 2.16
CA SER A 546 6.36 19.83 0.92
C SER A 546 7.14 19.28 -0.26
N ILE A 547 6.40 18.75 -1.25
CA ILE A 547 7.04 18.27 -2.47
C ILE A 547 7.83 19.39 -3.13
N GLU A 548 7.38 20.63 -2.98
CA GLU A 548 7.94 21.72 -3.76
C GLU A 548 9.26 22.21 -3.20
N TYR A 549 9.46 22.14 -1.88
CA TYR A 549 10.79 22.50 -1.39
C TYR A 549 11.83 21.52 -1.88
N GLN A 550 11.49 20.24 -1.91
CA GLN A 550 12.49 19.28 -2.35
C GLN A 550 12.91 19.58 -3.78
N GLN A 551 11.97 20.06 -4.60
CA GLN A 551 12.32 20.47 -5.95
C GLN A 551 13.15 21.75 -5.92
N LYS A 552 12.80 22.70 -5.06
CA LYS A 552 13.60 23.91 -4.96
C LYS A 552 15.05 23.54 -4.62
N TYR A 553 15.21 22.61 -3.67
CA TYR A 553 16.52 22.21 -3.19
C TYR A 553 17.32 21.50 -4.28
N LEU A 554 16.73 20.49 -4.93
CA LEU A 554 17.43 19.80 -6.01
C LEU A 554 17.60 20.68 -7.24
N GLU A 555 16.77 21.71 -7.42
CA GLU A 555 17.02 22.58 -8.56
C GLU A 555 18.18 23.52 -8.30
N HIS A 556 18.54 23.69 -7.02
CA HIS A 556 19.70 24.49 -6.69
C HIS A 556 20.99 23.69 -6.75
N TYR A 557 20.91 22.39 -6.43
CA TYR A 557 22.08 21.54 -6.24
C TYR A 557 22.64 20.97 -7.53
N LEU A 558 21.77 20.39 -8.35
CA LEU A 558 22.24 19.74 -9.57
C LEU A 558 23.05 20.67 -10.46
N PRO A 559 22.64 21.93 -10.73
CA PRO A 559 23.49 22.77 -11.58
C PRO A 559 24.84 23.05 -10.96
N VAL A 560 24.86 23.29 -9.65
CA VAL A 560 26.13 23.43 -8.94
C VAL A 560 26.99 22.18 -9.16
N LEU A 561 26.37 21.00 -9.08
CA LEU A 561 27.11 19.76 -9.36
C LEU A 561 27.65 19.72 -10.78
N GLU A 562 26.85 20.07 -11.79
CA GLU A 562 27.35 20.02 -13.17
C GLU A 562 28.40 21.09 -13.42
N ASP A 563 28.10 22.34 -13.07
CA ASP A 563 28.88 23.50 -13.51
C ASP A 563 30.16 23.74 -12.71
N THR A 564 30.38 23.08 -11.58
CA THR A 564 31.61 23.28 -10.81
C THR A 564 32.67 22.28 -11.25
N PRO A 565 33.82 22.75 -11.76
CA PRO A 565 34.89 21.86 -12.22
C PRO A 565 35.53 20.99 -11.16
N TYR A 566 35.91 21.58 -10.02
CA TYR A 566 36.62 20.85 -8.96
C TYR A 566 35.75 19.83 -8.23
N ILE A 567 34.45 19.78 -8.52
CA ILE A 567 33.58 18.75 -7.99
C ILE A 567 33.53 17.60 -9.00
N CYS A 568 33.98 16.43 -8.57
CA CYS A 568 34.03 15.29 -9.49
C CYS A 568 32.65 14.79 -9.85
N GLY A 569 31.69 14.99 -8.96
CA GLY A 569 30.35 14.50 -9.15
C GLY A 569 29.64 14.45 -7.82
N GLY A 570 28.43 13.92 -7.87
CA GLY A 570 27.67 13.74 -6.65
C GLY A 570 27.05 12.36 -6.64
N THR A 571 26.68 11.93 -5.46
CA THR A 571 25.80 10.78 -5.32
C THR A 571 24.64 11.22 -4.44
N HIS A 572 23.45 11.31 -5.04
CA HIS A 572 22.24 11.71 -4.33
C HIS A 572 21.96 10.74 -3.17
N TRP A 573 21.10 11.19 -2.27
CA TRP A 573 20.60 10.34 -1.19
C TRP A 573 20.00 9.08 -1.77
N ASN A 574 19.67 8.11 -0.91
CA ASN A 574 19.21 6.81 -1.39
C ASN A 574 18.11 6.96 -2.42
N PHE A 575 18.26 6.24 -3.53
CA PHE A 575 17.37 6.39 -4.68
C PHE A 575 15.88 6.33 -4.31
N ILE A 576 15.52 5.61 -3.25
CA ILE A 576 14.12 5.27 -2.98
C ILE A 576 13.76 5.51 -1.52
N ASP A 577 12.56 6.06 -1.28
CA ASP A 577 12.03 6.17 0.07
C ASP A 577 12.00 4.79 0.74
N PHE A 578 12.18 4.78 2.04
CA PHE A 578 12.09 3.53 2.76
C PHE A 578 11.80 3.85 4.21
N SER A 579 11.06 2.96 4.87
CA SER A 579 10.78 3.13 6.28
C SER A 579 11.67 2.20 7.09
N SER A 580 12.13 2.69 8.24
CA SER A 580 12.87 1.89 9.21
C SER A 580 12.10 1.92 10.52
N ALA A 581 12.25 0.85 11.30
CA ALA A 581 11.53 0.67 12.56
C ALA A 581 12.31 1.19 13.76
N LEU A 582 13.13 2.22 13.61
CA LEU A 582 14.04 2.64 14.68
C LEU A 582 14.09 4.17 14.76
N ARG A 583 13.73 4.70 15.94
CA ARG A 583 13.86 6.11 16.28
C ARG A 583 13.02 6.99 15.36
N ILE A 590 14.61 10.72 9.30
CA ILE A 590 14.02 11.27 8.07
C ILE A 590 14.39 10.39 6.88
N ASN A 591 13.45 9.54 6.47
CA ASN A 591 13.74 8.49 5.49
C ASN A 591 12.93 8.61 4.21
N ASN A 592 12.85 9.81 3.65
CA ASN A 592 12.01 10.04 2.49
C ASN A 592 12.62 11.05 1.53
N LYS A 593 13.94 11.21 1.57
CA LYS A 593 14.64 12.16 0.72
C LYS A 593 14.83 11.66 -0.71
N GLY A 594 14.35 10.47 -1.04
CA GLY A 594 14.63 9.85 -2.32
C GLY A 594 13.97 10.53 -3.50
N LEU A 595 14.18 9.95 -4.67
CA LEU A 595 13.57 10.39 -5.92
C LEU A 595 12.46 9.47 -6.37
N VAL A 596 12.21 8.41 -5.61
CA VAL A 596 11.27 7.36 -5.98
C VAL A 596 10.56 6.90 -4.72
N TYR A 597 9.23 6.79 -4.79
CA TYR A 597 8.49 6.28 -3.66
C TYR A 597 8.74 4.78 -3.48
N ALA A 598 8.47 4.30 -2.26
CA ALA A 598 8.64 2.89 -1.92
C ALA A 598 7.85 1.95 -2.82
N ASP A 599 6.72 2.37 -3.38
CA ASP A 599 6.00 1.52 -4.32
C ASP A 599 6.65 1.56 -5.68
N ARG A 600 7.87 2.06 -5.74
CA ARG A 600 8.71 2.05 -6.94
C ARG A 600 8.13 2.89 -8.07
N THR A 601 7.22 3.83 -7.72
CA THR A 601 6.77 4.89 -8.60
C THR A 601 7.70 6.10 -8.47
N PRO A 602 8.18 6.67 -9.58
CA PRO A 602 9.05 7.84 -9.47
C PRO A 602 8.28 9.05 -8.95
N LYS A 603 8.93 9.83 -8.10
CA LYS A 603 8.42 11.14 -7.75
C LYS A 603 8.47 12.02 -9.00
N ASP A 604 8.06 13.27 -8.86
CA ASP A 604 8.11 14.11 -10.05
C ASP A 604 9.52 14.57 -10.31
N VAL A 605 10.25 14.89 -9.26
CA VAL A 605 11.60 15.38 -9.45
C VAL A 605 12.50 14.34 -10.11
N TYR A 606 12.07 13.07 -10.17
CA TYR A 606 12.80 12.09 -10.95
C TYR A 606 13.02 12.56 -12.37
N HIS A 607 12.09 13.37 -12.90
CA HIS A 607 12.22 13.82 -14.27
C HIS A 607 13.00 15.12 -14.39
N TYR A 608 13.20 15.84 -13.28
CA TYR A 608 14.21 16.89 -13.30
C TYR A 608 15.58 16.30 -13.60
N TYR A 609 15.93 15.20 -12.91
CA TYR A 609 17.19 14.52 -13.21
C TYR A 609 17.18 13.93 -14.59
N GLN A 610 16.10 13.27 -14.98
CA GLN A 610 16.07 12.68 -16.32
C GLN A 610 16.26 13.73 -17.42
N ALA A 611 15.78 14.96 -17.22
CA ALA A 611 15.87 15.97 -18.27
C ALA A 611 17.27 16.56 -18.38
N ALA A 612 17.94 16.74 -17.24
CA ALA A 612 19.32 17.18 -17.23
C ALA A 612 20.32 16.09 -17.63
N TRP A 613 19.99 14.82 -17.45
CA TRP A 613 20.97 13.75 -17.61
C TRP A 613 20.80 12.92 -18.86
N ARG A 614 19.63 12.92 -19.49
CA ARG A 614 19.45 12.27 -20.79
C ARG A 614 19.47 13.34 -21.88
N LYS A 615 20.31 13.14 -22.89
CA LYS A 615 20.21 13.91 -24.12
C LYS A 615 19.73 13.07 -25.29
N ASP A 616 19.78 11.75 -25.17
CA ASP A 616 19.39 10.89 -26.29
C ASP A 616 17.90 10.95 -26.54
N ILE A 617 17.09 10.96 -25.49
CA ILE A 617 15.64 10.86 -25.61
C ILE A 617 14.95 12.19 -25.26
N PRO A 618 13.78 12.46 -25.81
CA PRO A 618 12.98 13.60 -25.35
C PRO A 618 12.38 13.32 -23.97
N VAL A 619 12.51 14.30 -23.09
CA VAL A 619 11.92 14.29 -21.75
C VAL A 619 10.93 15.44 -21.67
N LEU A 620 9.68 15.14 -21.29
CA LEU A 620 8.64 16.16 -21.16
C LEU A 620 7.59 15.61 -20.21
N HIS A 621 7.70 15.99 -18.94
CA HIS A 621 6.90 15.42 -17.86
C HIS A 621 6.14 16.51 -17.14
N ILE A 622 4.81 16.45 -17.17
CA ILE A 622 3.99 17.37 -16.36
C ILE A 622 4.17 16.99 -14.90
N ALA A 623 4.80 17.86 -14.12
CA ALA A 623 5.13 17.54 -12.72
C ALA A 623 3.88 17.63 -11.86
N SER A 624 3.03 16.64 -11.98
CA SER A 624 1.82 16.66 -11.19
C SER A 624 1.32 15.26 -10.85
N ARG A 625 2.12 14.21 -11.02
CA ARG A 625 1.70 12.94 -10.44
C ARG A 625 1.76 13.04 -8.92
N ASP A 626 2.65 13.89 -8.42
CA ASP A 626 2.81 14.09 -6.99
C ASP A 626 1.66 14.89 -6.36
N TRP A 627 0.66 15.34 -7.17
CA TRP A 627 -0.33 16.35 -6.79
C TRP A 627 -1.57 16.19 -7.67
N THR A 628 -2.28 15.07 -7.53
CA THR A 628 -3.50 14.85 -8.28
C THR A 628 -4.77 15.13 -7.48
N ASP A 629 -4.68 15.61 -6.24
CA ASP A 629 -5.83 16.01 -5.43
C ASP A 629 -5.64 17.47 -5.11
N ARG A 630 -5.99 18.33 -6.05
CA ARG A 630 -5.85 19.76 -5.84
C ARG A 630 -7.11 20.35 -5.21
N ALA A 631 -6.91 21.49 -4.54
CA ALA A 631 -7.96 22.26 -3.90
C ALA A 631 -7.39 23.63 -3.57
N GLY A 632 -8.29 24.58 -3.36
CA GLY A 632 -7.91 25.96 -3.10
C GLY A 632 -9.14 26.84 -2.91
N VAL A 633 -8.88 28.03 -2.39
CA VAL A 633 -9.94 28.97 -1.97
C VAL A 633 -10.37 29.80 -3.17
N GLN A 634 -11.68 29.88 -3.39
CA GLN A 634 -12.27 30.41 -4.62
C GLN A 634 -13.12 31.65 -4.36
N GLN A 635 -12.86 32.73 -5.10
CA GLN A 635 -13.66 33.95 -5.02
C GLN A 635 -14.84 33.80 -5.97
N GLY A 636 -16.05 33.71 -5.42
CA GLY A 636 -17.23 33.60 -6.24
C GLY A 636 -17.13 32.41 -7.16
N ASN A 637 -17.07 32.67 -8.46
CA ASN A 637 -16.78 31.62 -9.44
C ASN A 637 -15.55 31.96 -10.27
N ALA A 638 -14.75 32.91 -9.81
CA ALA A 638 -13.48 33.16 -10.47
C ALA A 638 -12.61 31.92 -10.32
N PRO A 639 -11.77 31.61 -11.30
CA PRO A 639 -11.02 30.36 -11.24
C PRO A 639 -9.89 30.50 -10.23
N VAL A 640 -9.52 29.36 -9.64
CA VAL A 640 -8.48 29.28 -8.60
C VAL A 640 -7.16 28.96 -9.26
N TYR A 641 -6.20 29.87 -9.15
CA TYR A 641 -4.90 29.71 -9.78
C TYR A 641 -3.95 28.95 -8.85
N LEU A 642 -3.47 27.80 -9.31
CA LEU A 642 -2.47 26.96 -8.67
C LEU A 642 -1.36 26.62 -9.65
N PRO A 643 -0.11 26.51 -9.19
CA PRO A 643 1.00 26.27 -10.12
C PRO A 643 1.07 24.83 -10.60
N VAL A 644 1.46 24.67 -11.86
CA VAL A 644 1.73 23.38 -12.47
C VAL A 644 3.12 23.44 -13.10
N LYS A 645 4.08 22.72 -12.53
CA LYS A 645 5.46 22.74 -12.98
C LYS A 645 5.71 21.71 -14.07
N ILE A 646 6.64 21.99 -14.96
CA ILE A 646 6.97 21.09 -16.07
C ILE A 646 8.47 20.85 -16.09
N TYR A 647 8.89 19.57 -16.03
CA TYR A 647 10.31 19.23 -16.20
C TYR A 647 10.54 18.68 -17.61
N THR A 648 11.53 19.22 -18.29
CA THR A 648 11.74 18.86 -19.69
C THR A 648 13.10 19.36 -20.18
N ASN A 649 13.58 18.74 -21.26
CA ASN A 649 14.77 19.21 -21.98
C ASN A 649 14.41 19.74 -23.37
N LEU A 650 13.14 19.98 -23.60
CA LEU A 650 12.72 20.77 -24.74
C LEU A 650 12.98 22.24 -24.42
N SER A 651 13.17 23.04 -25.46
CA SER A 651 13.54 24.41 -25.23
C SER A 651 12.33 25.26 -24.83
N GLU A 652 11.13 24.93 -25.34
CA GLU A 652 9.90 25.63 -24.97
C GLU A 652 8.70 24.68 -25.02
N VAL A 653 7.81 24.82 -24.03
CA VAL A 653 6.65 23.93 -23.85
C VAL A 653 5.37 24.75 -23.85
N GLU A 654 4.28 24.10 -24.27
CA GLU A 654 2.95 24.69 -24.27
C GLU A 654 2.02 23.85 -23.39
N LEU A 655 1.32 24.50 -22.47
CA LEU A 655 0.41 23.78 -21.57
C LEU A 655 -1.04 24.14 -21.89
N PHE A 656 -1.88 23.11 -21.90
CA PHE A 656 -3.32 23.22 -22.10
C PHE A 656 -4.02 22.74 -20.84
N ILE A 657 -5.20 23.28 -20.56
CA ILE A 657 -6.04 22.72 -19.51
C ILE A 657 -7.44 22.62 -20.06
N ASP A 658 -7.98 21.41 -20.10
CA ASP A 658 -9.29 21.19 -20.67
C ASP A 658 -9.38 21.77 -22.07
N GLY A 659 -8.25 21.81 -22.78
CA GLY A 659 -8.22 22.24 -24.16
C GLY A 659 -7.78 23.68 -24.35
N ILE A 660 -7.81 24.48 -23.31
CA ILE A 660 -7.44 25.89 -23.41
C ILE A 660 -5.93 26.01 -23.24
N SER A 661 -5.25 26.50 -24.25
CA SER A 661 -3.83 26.77 -24.12
C SER A 661 -3.58 27.86 -23.10
N LEU A 662 -2.58 27.67 -22.25
CA LEU A 662 -2.11 28.71 -21.36
C LEU A 662 -0.92 29.43 -21.94
N GLY A 663 -0.61 29.17 -23.21
CA GLY A 663 0.51 29.81 -23.89
C GLY A 663 1.85 29.16 -23.63
N LYS A 664 2.74 29.18 -24.62
CA LYS A 664 4.09 28.63 -24.51
C LYS A 664 4.92 29.33 -23.46
N GLN A 665 5.94 28.63 -23.01
CA GLN A 665 6.92 29.15 -22.07
C GLN A 665 8.30 28.64 -22.47
N LYS A 666 9.30 29.51 -22.39
CA LYS A 666 10.68 29.10 -22.64
C LYS A 666 11.25 28.48 -21.37
N THR A 667 11.96 27.37 -21.52
CA THR A 667 12.40 26.57 -20.37
C THR A 667 13.81 26.96 -19.95
N GLU A 668 14.02 26.99 -18.64
CA GLU A 668 15.32 27.28 -18.05
C GLU A 668 15.51 26.35 -16.86
N ASN A 669 16.77 25.94 -16.64
CA ASN A 669 17.13 24.89 -15.69
C ASN A 669 16.21 23.70 -15.81
N TYR A 670 15.90 23.34 -17.05
CA TYR A 670 15.09 22.16 -17.36
C TYR A 670 13.70 22.23 -16.75
N THR A 671 13.22 23.42 -16.41
CA THR A 671 11.90 23.51 -15.80
C THR A 671 11.14 24.72 -16.35
N ALA A 672 9.81 24.60 -16.32
CA ALA A 672 8.87 25.65 -16.66
C ALA A 672 7.71 25.53 -15.70
N THR A 673 7.25 26.65 -15.16
CA THR A 673 6.08 26.68 -14.32
C THR A 673 4.99 27.44 -15.06
N PHE A 674 3.77 26.94 -14.96
CA PHE A 674 2.58 27.65 -15.42
C PHE A 674 1.68 27.94 -14.22
N GLU A 675 1.06 29.12 -14.21
CA GLU A 675 -0.02 29.40 -13.28
C GLU A 675 -1.32 29.00 -13.97
N VAL A 676 -1.96 27.95 -13.47
CA VAL A 676 -3.09 27.32 -14.16
C VAL A 676 -4.41 27.74 -13.54
N PRO A 677 -5.45 28.03 -14.36
CA PRO A 677 -6.76 28.36 -13.79
C PRO A 677 -7.64 27.15 -13.58
N PHE A 678 -7.83 26.71 -12.33
CA PHE A 678 -8.65 25.54 -12.03
C PHE A 678 -10.10 25.92 -11.82
N SER A 679 -10.98 25.27 -12.57
CA SER A 679 -12.42 25.53 -12.57
C SER A 679 -13.15 24.21 -12.39
N ASN A 680 -13.46 23.53 -13.49
CA ASN A 680 -13.99 22.17 -13.49
C ASN A 680 -13.27 21.27 -12.50
N ARG A 681 -13.96 20.21 -12.04
CA ARG A 681 -13.49 19.34 -10.96
C ARG A 681 -12.68 18.15 -11.45
N ASN A 682 -12.56 17.97 -12.76
CA ASN A 682 -11.81 16.85 -13.35
C ASN A 682 -11.05 17.34 -14.57
N PRO A 683 -10.10 18.25 -14.38
CA PRO A 683 -9.42 18.86 -15.53
C PRO A 683 -8.52 17.87 -16.23
N PHE A 684 -8.05 18.27 -17.41
CA PHE A 684 -7.16 17.44 -18.22
C PHE A 684 -5.96 18.27 -18.69
N LEU A 685 -4.83 18.13 -17.98
CA LEU A 685 -3.59 18.83 -18.36
C LEU A 685 -2.91 18.17 -19.54
N PHE A 686 -2.37 18.98 -20.44
CA PHE A 686 -1.77 18.50 -21.68
C PHE A 686 -0.63 19.43 -22.09
N ALA A 687 0.56 18.86 -22.30
CA ALA A 687 1.71 19.63 -22.74
C ALA A 687 2.21 19.11 -24.07
N GLN A 688 2.85 20.00 -24.84
CA GLN A 688 3.54 19.59 -26.06
C GLN A 688 4.65 20.56 -26.42
N GLY A 689 5.59 20.05 -27.22
CA GLY A 689 6.80 20.75 -27.61
C GLY A 689 7.52 19.93 -28.66
N ASN A 690 8.64 20.48 -29.14
CA ASN A 690 9.33 19.88 -30.28
C ASN A 690 10.77 19.54 -29.90
N TYR A 691 11.05 18.25 -29.77
CA TYR A 691 12.40 17.74 -29.58
C TYR A 691 12.83 17.04 -30.86
N GLN A 692 13.88 17.56 -31.49
CA GLN A 692 14.54 16.86 -32.59
C GLN A 692 13.59 16.69 -33.78
N GLY A 693 12.86 17.75 -34.12
CA GLY A 693 12.00 17.74 -35.29
C GLY A 693 10.74 16.90 -35.16
N LYS A 694 10.65 16.02 -34.17
CA LYS A 694 9.42 15.29 -33.89
C LYS A 694 8.54 16.09 -32.95
N THR A 695 7.32 15.61 -32.73
CA THR A 695 6.44 16.19 -31.73
C THR A 695 6.47 15.32 -30.48
N VAL A 696 6.46 15.95 -29.32
CA VAL A 696 6.52 15.29 -28.03
C VAL A 696 5.34 15.76 -27.18
N GLN A 697 4.64 14.82 -26.53
CA GLN A 697 3.41 15.13 -25.81
C GLN A 697 3.35 14.44 -24.45
N ASP A 698 2.62 15.05 -23.52
CA ASP A 698 2.30 14.40 -22.25
C ASP A 698 0.95 14.92 -21.77
N GLY A 699 0.20 14.04 -21.11
CA GLY A 699 -1.10 14.40 -20.58
C GLY A 699 -1.44 13.64 -19.33
N LEU A 700 -2.41 14.16 -18.59
CA LEU A 700 -2.69 13.66 -17.25
C LEU A 700 -4.03 14.22 -16.74
N ARG A 701 -4.90 13.37 -16.21
CA ARG A 701 -6.14 13.81 -15.56
C ARG A 701 -5.91 14.02 -14.05
N ILE A 702 -6.38 15.15 -13.52
CA ILE A 702 -6.32 15.31 -12.08
C ILE A 702 -7.66 15.70 -11.47
N ASN A 703 -7.64 16.06 -10.19
CA ASN A 703 -8.83 16.35 -9.43
C ASN A 703 -8.66 17.69 -8.73
N PHE A 704 -9.69 18.52 -8.81
CA PHE A 704 -9.68 19.82 -8.16
C PHE A 704 -10.98 20.02 -7.42
N THR A 705 -10.87 20.41 -6.15
CA THR A 705 -12.02 20.76 -5.33
C THR A 705 -11.95 22.24 -4.98
N PRO A 706 -12.92 23.07 -5.38
CA PRO A 706 -12.94 24.46 -4.92
C PRO A 706 -13.63 24.62 -3.58
N ILE A 707 -13.08 25.49 -2.75
CA ILE A 707 -13.58 25.78 -1.41
C ILE A 707 -13.91 27.25 -1.35
N PRO A 708 -15.11 27.65 -0.89
CA PRO A 708 -15.53 29.04 -1.04
C PRO A 708 -14.89 29.93 0.02
N ALA A 709 -14.40 31.10 -0.43
CA ALA A 709 -13.86 32.10 0.49
C ALA A 709 -14.95 32.68 1.38
N CYS A 710 -16.10 33.03 0.79
CA CYS A 710 -17.20 33.63 1.51
C CYS A 710 -18.35 32.64 1.48
N LEU A 711 -18.71 32.12 2.66
CA LEU A 711 -19.71 31.06 2.78
C LEU A 711 -21.12 31.64 2.68
N ASP A 712 -22.05 30.77 2.28
CA ASP A 712 -23.46 31.13 2.26
C ASP A 712 -24.29 29.86 2.34
N ALA A 713 -25.59 30.02 2.58
CA ALA A 713 -26.47 28.89 2.82
C ALA A 713 -26.47 27.87 1.70
N ASN A 714 -25.82 28.17 0.57
CA ASN A 714 -25.85 27.26 -0.57
C ASN A 714 -24.52 26.57 -0.86
N ASN A 715 -23.39 27.29 -0.79
CA ASN A 715 -22.09 26.65 -1.01
C ASN A 715 -21.64 25.77 0.14
N LEU A 716 -22.32 25.82 1.30
CA LEU A 716 -22.10 24.87 2.37
C LEU A 716 -22.71 23.52 2.10
N LYS A 717 -23.51 23.38 1.04
CA LYS A 717 -24.25 22.15 0.76
C LYS A 717 -23.27 21.05 0.39
N GLY A 718 -23.06 20.13 1.31
CA GLY A 718 -22.09 19.07 1.08
C GLY A 718 -20.65 19.53 1.11
N LEU A 719 -20.34 20.55 1.89
CA LEU A 719 -18.98 21.04 2.02
C LEU A 719 -18.31 20.40 3.23
N GLU A 720 -16.99 20.35 3.20
CA GLU A 720 -16.23 19.93 4.37
C GLU A 720 -14.97 20.80 4.42
N LEU A 721 -15.06 21.91 5.13
CA LEU A 721 -14.03 22.95 5.12
C LEU A 721 -13.01 22.63 6.21
N ALA A 722 -11.81 22.22 5.79
CA ALA A 722 -10.77 21.78 6.71
C ALA A 722 -9.50 22.61 6.52
N VAL A 723 -8.85 22.96 7.63
CA VAL A 723 -7.77 23.92 7.64
C VAL A 723 -6.55 23.33 8.35
N ASN A 724 -5.42 23.31 7.66
CA ASN A 724 -4.15 22.92 8.28
C ASN A 724 -3.63 24.14 9.04
N VAL A 725 -4.05 24.25 10.31
CA VAL A 725 -3.80 25.46 11.08
C VAL A 725 -2.34 25.53 11.45
N GLY A 726 -1.77 26.73 11.35
CA GLY A 726 -0.37 26.90 11.68
C GLY A 726 0.57 26.50 10.58
N SER A 727 0.09 25.86 9.52
CA SER A 727 0.91 25.52 8.37
C SER A 727 0.52 26.37 7.17
N GLN A 728 1.49 26.58 6.27
CA GLN A 728 1.25 27.19 4.97
C GLN A 728 1.14 26.14 3.88
N CYS A 729 0.82 24.89 4.24
CA CYS A 729 0.85 23.76 3.33
C CYS A 729 -0.52 23.12 3.21
N PHE A 730 -0.88 22.72 2.00
CA PHE A 730 -1.98 21.79 1.81
C PHE A 730 -1.60 20.40 2.33
N PHE A 731 -2.54 19.73 2.98
CA PHE A 731 -2.34 18.36 3.44
C PHE A 731 -3.49 17.48 2.94
N THR A 732 -3.22 16.67 1.92
CA THR A 732 -4.18 15.67 1.51
C THR A 732 -4.11 14.50 2.48
N SER A 733 -5.24 14.18 3.11
CA SER A 733 -5.28 13.21 4.18
C SER A 733 -5.26 11.78 3.65
N ASP A 734 -4.67 10.88 4.44
CA ASP A 734 -4.77 9.45 4.21
C ASP A 734 -5.83 8.80 5.09
N GLU A 735 -6.53 9.59 5.90
CA GLU A 735 -7.67 9.10 6.67
C GLU A 735 -8.98 9.32 5.94
N SER A 736 -9.11 10.44 5.23
CA SER A 736 -10.40 10.87 4.72
C SER A 736 -10.37 11.15 3.22
N GLN A 737 -9.22 11.58 2.71
CA GLN A 737 -8.95 12.11 1.37
C GLN A 737 -9.24 13.61 1.32
N LEU A 738 -9.58 14.24 2.44
CA LEU A 738 -9.75 15.69 2.44
C LEU A 738 -8.41 16.36 2.21
N THR A 739 -8.43 17.43 1.45
CA THR A 739 -7.28 18.33 1.41
C THR A 739 -7.56 19.45 2.38
N TRP A 740 -6.85 19.45 3.50
CA TRP A 740 -6.90 20.50 4.49
C TRP A 740 -6.16 21.72 3.97
N LEU A 741 -6.86 22.86 3.83
CA LEU A 741 -6.32 24.06 3.23
C LEU A 741 -5.33 24.76 4.17
N PRO A 742 -4.36 25.49 3.62
CA PRO A 742 -3.44 26.25 4.48
C PRO A 742 -4.18 27.36 5.20
N ASP A 743 -3.71 27.64 6.42
CA ASP A 743 -4.27 28.69 7.23
C ASP A 743 -4.25 30.03 6.50
N GLN A 744 -5.39 30.71 6.49
CA GLN A 744 -5.54 32.11 6.16
C GLN A 744 -6.08 32.82 7.39
N PRO A 745 -5.74 34.09 7.59
CA PRO A 745 -6.27 34.84 8.74
C PRO A 745 -7.66 35.38 8.45
N TYR A 746 -8.41 35.59 9.54
CA TYR A 746 -9.81 36.00 9.40
C TYR A 746 -9.91 37.36 8.71
N ALA A 747 -10.83 37.45 7.77
CA ALA A 747 -11.19 38.72 7.15
C ALA A 747 -12.71 38.75 7.02
N ALA A 748 -13.29 39.92 7.21
CA ALA A 748 -14.74 40.02 7.29
C ALA A 748 -15.40 39.47 6.04
N GLY A 749 -16.43 38.64 6.23
CA GLY A 749 -17.10 37.93 5.16
C GLY A 749 -16.54 36.55 4.90
N SER A 750 -15.37 36.24 5.45
CA SER A 750 -14.66 35.01 5.14
C SER A 750 -14.53 34.15 6.39
N TRP A 751 -13.38 33.50 6.53
CA TRP A 751 -13.06 32.64 7.65
C TRP A 751 -11.56 32.73 7.92
N GLY A 752 -11.14 32.28 9.09
CA GLY A 752 -9.73 32.25 9.37
C GLY A 752 -9.41 32.41 10.84
N TYR A 753 -8.13 32.57 11.10
CA TYR A 753 -7.63 32.59 12.46
C TYR A 753 -7.62 34.01 12.99
N ILE A 754 -7.47 34.10 14.31
CA ILE A 754 -7.22 35.33 15.04
C ILE A 754 -6.08 35.04 16.00
N GLY A 755 -4.97 35.75 15.84
CA GLY A 755 -3.90 35.70 16.83
C GLY A 755 -2.84 34.65 16.56
N GLY A 756 -1.91 34.57 17.51
CA GLY A 756 -0.95 33.48 17.58
C GLY A 756 0.10 33.40 16.50
N LYS A 757 1.25 32.82 16.84
CA LYS A 757 2.33 32.62 15.88
C LYS A 757 2.26 31.22 15.32
N GLU A 758 2.94 31.03 14.19
CA GLU A 758 3.13 29.68 13.66
C GLU A 758 4.09 28.88 14.54
N GLY A 759 3.84 27.57 14.59
CA GLY A 759 4.66 26.67 15.38
C GLY A 759 4.73 25.30 14.75
N THR A 760 5.89 24.65 14.87
CA THR A 760 6.17 23.42 14.14
C THR A 760 6.90 22.45 15.08
N ALA A 761 6.85 21.16 14.74
CA ALA A 761 7.48 20.12 15.53
C ALA A 761 7.98 19.02 14.61
N GLN A 762 8.94 18.22 15.11
CA GLN A 762 9.56 17.18 14.28
C GLN A 762 9.45 15.78 14.86
N THR A 763 8.97 15.62 16.09
CA THR A 763 8.58 14.31 16.60
C THR A 763 7.47 13.73 15.75
N GLU A 764 7.42 12.40 15.66
CA GLU A 764 6.22 11.79 15.10
C GLU A 764 5.11 11.82 16.16
N ILE A 765 3.88 11.62 15.72
CA ILE A 765 2.73 11.84 16.58
C ILE A 765 1.98 10.53 16.75
N GLN A 766 1.58 10.24 18.00
CA GLN A 766 0.88 9.00 18.33
C GLN A 766 -0.59 9.05 17.91
N ASN A 767 -1.14 7.88 17.59
CA ASN A 767 -2.58 7.65 17.43
C ASN A 767 -3.19 8.33 16.19
N THR A 768 -2.42 8.56 15.13
CA THR A 768 -3.01 9.04 13.89
C THR A 768 -2.17 8.69 12.67
N ALA A 769 -2.86 8.38 11.58
CA ALA A 769 -2.21 8.26 10.28
C ALA A 769 -1.84 9.60 9.69
N ASP A 770 -2.44 10.69 10.17
CA ASP A 770 -2.33 12.01 9.56
C ASP A 770 -1.29 12.86 10.24
N GLY A 771 -0.07 12.36 10.35
CA GLY A 771 0.97 12.97 11.15
C GLY A 771 1.25 14.43 10.90
N PRO A 772 1.63 14.80 9.67
CA PRO A 772 1.99 16.21 9.42
C PRO A 772 0.89 17.20 9.77
N LEU A 773 -0.38 16.78 9.73
CA LEU A 773 -1.45 17.69 10.15
C LEU A 773 -1.21 18.17 11.56
N PHE A 774 -0.89 17.24 12.47
CA PHE A 774 -0.71 17.52 13.89
C PHE A 774 0.67 18.05 14.24
N GLN A 775 1.61 18.12 13.30
CA GLN A 775 2.95 18.58 13.58
C GLN A 775 3.12 20.09 13.45
N THR A 776 2.13 20.78 12.93
CA THR A 776 2.12 22.23 12.90
C THR A 776 0.83 22.72 13.54
N LEU A 777 0.94 23.82 14.28
CA LEU A 777 -0.22 24.46 14.91
C LEU A 777 -0.01 25.97 14.97
N ARG A 778 -1.10 26.68 15.24
CA ARG A 778 -1.05 28.08 15.60
C ARG A 778 -0.93 28.14 17.12
N ASN A 779 0.23 28.57 17.60
CA ASN A 779 0.51 28.69 19.02
C ASN A 779 -0.02 30.02 19.52
N GLU A 780 -0.45 30.04 20.79
CA GLU A 780 -1.04 31.23 21.42
C GLU A 780 -2.18 31.79 20.59
N ILE A 781 -2.98 30.89 20.01
CA ILE A 781 -4.07 31.33 19.16
C ILE A 781 -5.09 32.01 20.05
N GLU A 782 -5.77 33.01 19.50
CA GLU A 782 -6.86 33.66 20.21
C GLU A 782 -8.23 33.07 19.85
N GLY A 783 -8.45 32.77 18.57
CA GLY A 783 -9.74 32.25 18.15
C GLY A 783 -9.72 31.88 16.68
N TYR A 784 -10.87 31.37 16.22
CA TYR A 784 -11.08 31.03 14.82
C TYR A 784 -12.51 31.37 14.45
N ARG A 785 -12.70 32.04 13.32
CA ARG A 785 -14.02 32.55 12.97
C ARG A 785 -14.44 32.24 11.55
N PHE A 786 -15.61 31.63 11.39
CA PHE A 786 -16.26 31.42 10.10
C PHE A 786 -17.50 32.30 10.04
N ASP A 787 -17.63 33.11 8.99
CA ASP A 787 -18.87 33.82 8.74
C ASP A 787 -19.80 32.89 7.96
N ALA A 788 -20.77 32.32 8.64
CA ALA A 788 -21.68 31.37 8.02
C ALA A 788 -23.10 31.69 8.45
N PRO A 789 -24.11 31.23 7.69
CA PRO A 789 -25.52 31.46 8.06
C PRO A 789 -25.94 30.81 9.37
N GLN A 790 -27.18 31.03 9.78
CA GLN A 790 -27.68 30.33 10.95
C GLN A 790 -27.89 28.87 10.59
N GLY A 791 -27.78 28.01 11.57
CA GLY A 791 -28.06 26.62 11.34
C GLY A 791 -27.25 25.76 12.28
N VAL A 792 -27.32 24.45 12.06
CA VAL A 792 -26.62 23.48 12.88
C VAL A 792 -25.38 23.02 12.14
N TYR A 793 -24.23 23.09 12.84
CA TYR A 793 -22.92 22.84 12.26
C TYR A 793 -22.14 21.84 13.12
N GLU A 794 -21.40 20.96 12.46
CA GLU A 794 -20.44 20.09 13.14
C GLU A 794 -19.05 20.73 13.06
N ILE A 795 -18.42 20.95 14.21
CA ILE A 795 -17.08 21.52 14.28
C ILE A 795 -16.15 20.47 14.86
N GLU A 796 -15.03 20.23 14.20
CA GLU A 796 -14.04 19.28 14.68
C GLU A 796 -12.75 20.04 14.91
N LEU A 797 -12.23 19.96 16.14
CA LEU A 797 -11.00 20.65 16.52
C LEU A 797 -9.93 19.61 16.79
N LEU A 798 -8.67 19.96 16.50
CA LEU A 798 -7.55 19.03 16.55
C LEU A 798 -6.42 19.64 17.37
N PHE A 799 -5.92 18.89 18.35
CA PHE A 799 -4.91 19.37 19.28
C PHE A 799 -3.78 18.35 19.44
N THR A 800 -2.57 18.86 19.64
CA THR A 800 -1.45 18.06 20.15
C THR A 800 -0.49 18.99 20.89
N ASP A 801 -0.39 18.82 22.21
CA ASP A 801 0.58 19.62 22.98
C ASP A 801 1.98 19.16 22.63
N ILE A 802 2.84 20.10 22.25
CA ILE A 802 4.18 19.78 21.80
C ILE A 802 5.26 20.52 22.60
N PHE A 803 4.89 21.06 23.77
CA PHE A 803 5.75 21.95 24.55
C PHE A 803 5.97 21.39 25.95
N ARG A 804 7.02 20.61 26.13
CA ARG A 804 7.47 20.21 27.47
C ARG A 804 7.85 21.45 28.31
N ARG A 822 3.16 25.88 33.83
CA ARG A 822 2.29 24.73 33.95
C ARG A 822 1.92 24.14 32.60
N GLU A 823 1.40 22.90 32.62
CA GLU A 823 0.83 22.30 31.43
C GLU A 823 -0.34 23.14 30.93
N SER A 824 -0.32 23.46 29.64
CA SER A 824 -1.35 24.35 29.07
C SER A 824 -2.75 23.79 29.30
N THR A 825 -3.69 24.68 29.58
CA THR A 825 -5.09 24.32 29.79
C THR A 825 -5.95 25.49 29.36
N PHE A 826 -7.09 25.21 28.75
CA PHE A 826 -7.93 26.31 28.29
C PHE A 826 -9.34 25.83 28.12
N GLY A 827 -10.24 26.79 28.02
CA GLY A 827 -11.59 26.54 27.62
C GLY A 827 -11.80 27.01 26.19
N ILE A 828 -12.94 26.61 25.65
CA ILE A 828 -13.29 26.91 24.28
C ILE A 828 -14.75 27.30 24.25
N SER A 829 -15.04 28.52 23.79
CA SER A 829 -16.42 28.94 23.62
C SER A 829 -16.69 29.20 22.14
N ILE A 830 -17.90 28.87 21.73
CA ILE A 830 -18.33 29.05 20.35
C ILE A 830 -19.55 29.95 20.39
N ASN A 831 -19.38 31.20 19.99
CA ASN A 831 -20.45 32.18 20.07
C ASN A 831 -20.95 32.30 21.51
N GLY A 832 -20.02 32.26 22.46
CA GLY A 832 -20.33 32.47 23.84
C GLY A 832 -20.73 31.23 24.61
N GLU A 833 -21.22 30.19 23.94
CA GLU A 833 -21.45 28.90 24.60
C GLU A 833 -20.13 28.20 24.86
N VAL A 834 -19.97 27.65 26.06
CA VAL A 834 -18.73 27.02 26.46
C VAL A 834 -18.84 25.51 26.20
N VAL A 835 -18.07 25.00 25.24
CA VAL A 835 -18.05 23.58 24.89
C VAL A 835 -16.97 22.83 25.65
N GLU A 836 -15.73 23.27 25.56
CA GLU A 836 -14.69 22.74 26.42
C GLU A 836 -14.46 23.73 27.56
N GLU A 837 -14.61 23.24 28.77
CA GLU A 837 -14.47 24.09 29.94
C GLU A 837 -13.05 24.08 30.49
N SER A 838 -12.34 22.97 30.39
CA SER A 838 -10.96 22.91 30.91
C SER A 838 -10.14 21.87 30.14
N LEU A 839 -10.13 21.99 28.80
CA LEU A 839 -9.41 21.04 27.96
C LEU A 839 -7.91 21.19 28.12
N SER A 840 -7.24 20.09 28.47
CA SER A 840 -5.77 20.01 28.53
C SER A 840 -5.27 18.78 27.77
N PRO A 841 -4.73 18.96 26.57
CA PRO A 841 -4.30 17.79 25.78
C PRO A 841 -3.19 16.97 26.43
N CYS A 842 -2.29 17.61 27.19
CA CYS A 842 -1.17 16.88 27.78
C CYS A 842 -1.57 16.12 29.05
N LYS A 843 -2.37 16.73 29.92
CA LYS A 843 -2.80 16.03 31.13
C LYS A 843 -3.71 14.86 30.81
N GLU A 844 -4.74 15.10 29.97
CA GLU A 844 -5.70 14.09 29.54
C GLU A 844 -5.03 12.96 28.79
N SER A 845 -4.51 13.24 27.60
CA SER A 845 -3.85 12.23 26.77
C SER A 845 -2.36 12.10 27.07
N GLY A 846 -1.58 13.01 26.53
CA GLY A 846 -0.14 12.96 26.67
C GLY A 846 0.49 13.92 25.70
N TYR A 847 1.79 14.11 25.87
CA TYR A 847 2.53 14.91 24.92
C TYR A 847 2.71 14.12 23.63
N PHE A 848 2.49 14.78 22.50
CA PHE A 848 2.68 14.19 21.17
C PHE A 848 1.69 13.06 20.89
N ARG A 849 0.52 13.09 21.55
CA ARG A 849 -0.62 12.28 21.19
C ARG A 849 -1.67 13.16 20.54
N ALA A 850 -2.51 12.55 19.72
CA ALA A 850 -3.55 13.28 19.01
C ALA A 850 -4.86 13.29 19.81
N LEU A 851 -5.56 14.42 19.74
CA LEU A 851 -6.90 14.57 20.26
C LEU A 851 -7.79 15.07 19.13
N ARG A 852 -8.88 14.37 18.88
CA ARG A 852 -9.89 14.83 17.94
C ARG A 852 -11.16 15.05 18.75
N LYS A 853 -11.46 16.30 19.03
CA LYS A 853 -12.72 16.67 19.65
C LYS A 853 -13.66 17.15 18.55
N LYS A 854 -14.95 16.91 18.74
CA LYS A 854 -15.98 17.17 17.72
C LYS A 854 -17.26 17.62 18.41
N TYR A 855 -17.79 18.77 18.04
CA TYR A 855 -18.93 19.36 18.75
C TYR A 855 -20.06 19.68 17.78
N TYR A 856 -21.30 19.38 18.17
CA TYR A 856 -22.48 19.80 17.41
C TYR A 856 -22.97 21.11 18.03
N ILE A 857 -23.06 22.17 17.22
CA ILE A 857 -23.41 23.48 17.74
C ILE A 857 -24.52 24.11 16.90
N THR A 858 -25.33 24.96 17.54
CA THR A 858 -26.49 25.61 16.92
C THR A 858 -26.19 27.10 16.81
N ASN A 859 -26.04 27.59 15.59
CA ASN A 859 -25.64 28.97 15.36
C ASN A 859 -26.88 29.82 15.09
N ASP A 860 -27.10 30.86 15.92
CA ASP A 860 -28.14 31.83 15.63
C ASP A 860 -27.61 33.18 15.17
N LYS A 861 -26.34 33.48 15.43
CA LYS A 861 -25.68 34.65 14.84
C LYS A 861 -25.42 34.37 13.36
N GLU A 862 -24.72 35.29 12.69
CA GLU A 862 -24.33 35.13 11.29
C GLU A 862 -22.86 34.72 11.16
N TYR A 863 -22.30 34.10 12.20
CA TYR A 863 -20.88 33.82 12.27
C TYR A 863 -20.68 32.74 13.33
N ILE A 864 -19.56 32.03 13.21
CA ILE A 864 -19.16 31.03 14.19
C ILE A 864 -17.83 31.52 14.76
N ASP A 865 -17.88 32.05 15.99
CA ASP A 865 -16.77 32.77 16.62
C ASP A 865 -16.26 31.85 17.72
N ILE A 866 -15.22 31.09 17.39
CA ILE A 866 -14.57 30.21 18.36
C ILE A 866 -13.51 31.02 19.09
N ARG A 867 -13.59 31.06 20.41
CA ARG A 867 -12.64 31.78 21.24
C ARG A 867 -11.92 30.80 22.16
N PHE A 868 -10.62 31.07 22.39
CA PHE A 868 -9.79 30.25 23.27
C PHE A 868 -9.47 31.03 24.53
N HIS A 869 -9.82 30.49 25.68
CA HIS A 869 -9.69 31.19 26.95
C HIS A 869 -8.60 30.52 27.78
N SER A 870 -7.43 31.15 27.84
CA SER A 870 -6.29 30.55 28.52
C SER A 870 -6.52 30.44 30.03
N THR A 871 -5.87 29.46 30.64
CA THR A 871 -5.91 29.29 32.09
C THR A 871 -4.50 29.06 32.60
N SER A 872 -3.80 28.09 32.00
CA SER A 872 -2.38 27.87 32.18
C SER A 872 -1.74 27.78 30.80
N GLY A 873 -0.41 27.77 30.76
CA GLY A 873 0.33 27.73 29.50
C GLY A 873 -0.22 28.62 28.40
N THR A 874 -0.34 28.08 27.18
CA THR A 874 -0.89 28.83 26.05
C THR A 874 -1.97 28.02 25.35
N CYS A 875 -2.86 28.74 24.68
CA CYS A 875 -3.81 28.05 23.80
C CYS A 875 -3.13 27.69 22.49
N PHE A 876 -3.67 26.67 21.82
CA PHE A 876 -3.15 26.26 20.51
C PHE A 876 -4.16 25.38 19.80
N LEU A 877 -3.95 25.25 18.49
CA LEU A 877 -4.88 24.53 17.62
C LEU A 877 -4.09 23.96 16.45
N ASN A 878 -4.12 22.64 16.27
CA ASN A 878 -3.42 22.06 15.12
C ASN A 878 -4.30 21.91 13.89
N GLY A 879 -5.63 21.90 14.04
CA GLY A 879 -6.48 21.89 12.86
C GLY A 879 -7.95 22.06 13.20
N ILE A 880 -8.70 22.54 12.21
CA ILE A 880 -10.13 22.75 12.41
C ILE A 880 -10.87 22.38 11.13
N LYS A 881 -12.03 21.74 11.30
CA LYS A 881 -12.85 21.32 10.17
C LYS A 881 -14.31 21.56 10.52
N LEU A 882 -15.02 22.27 9.65
CA LEU A 882 -16.43 22.58 9.84
C LEU A 882 -17.24 22.02 8.68
N ARG A 883 -18.50 21.67 8.94
CA ARG A 883 -19.42 21.32 7.87
C ARG A 883 -20.85 21.42 8.35
N ASN A 884 -21.72 21.94 7.49
CA ASN A 884 -23.10 22.23 7.88
C ASN A 884 -23.92 20.95 7.97
N ILE A 885 -24.68 20.79 9.06
CA ILE A 885 -25.57 19.64 9.17
C ILE A 885 -26.97 20.08 8.77
N TYR A 886 -27.50 21.10 9.43
CA TYR A 886 -28.85 21.56 9.14
C TYR A 886 -28.97 23.05 8.75
N GLN B 32 -30.15 24.36 27.81
CA GLN B 32 -30.29 23.75 26.48
C GLN B 32 -29.35 22.54 26.22
N ARG B 33 -29.27 22.08 24.96
CA ARG B 33 -28.65 20.81 24.62
C ARG B 33 -27.21 20.99 24.12
N GLN B 34 -26.37 19.99 24.40
CA GLN B 34 -24.93 20.08 24.17
C GLN B 34 -24.31 18.69 23.95
N THR B 35 -23.76 18.45 22.76
CA THR B 35 -23.27 17.13 22.35
C THR B 35 -21.82 17.21 21.84
N GLN B 36 -20.93 16.39 22.41
CA GLN B 36 -19.54 16.39 21.99
C GLN B 36 -18.98 14.96 22.01
N THR B 37 -17.77 14.77 21.51
CA THR B 37 -17.19 13.44 21.53
C THR B 37 -16.22 13.32 22.69
N ILE B 38 -16.10 12.09 23.18
CA ILE B 38 -15.06 11.69 24.11
C ILE B 38 -14.19 10.61 23.46
N ASN B 39 -13.67 10.87 22.25
CA ASN B 39 -12.95 9.85 21.51
C ASN B 39 -11.48 9.76 21.88
N ASP B 40 -11.02 10.62 22.79
CA ASP B 40 -9.62 10.81 23.10
C ASP B 40 -9.27 10.23 24.46
N SER B 41 -7.97 9.96 24.64
CA SER B 41 -7.37 9.66 25.95
C SER B 41 -7.91 8.37 26.55
N TRP B 42 -8.06 7.34 25.73
CA TRP B 42 -8.47 6.03 26.22
C TRP B 42 -7.25 5.15 26.44
N LYS B 43 -7.35 4.26 27.43
CA LYS B 43 -6.45 3.14 27.64
C LYS B 43 -7.15 1.85 27.22
N PHE B 44 -6.39 0.91 26.65
CA PHE B 44 -6.98 -0.33 26.14
C PHE B 44 -6.11 -1.54 26.46
N LEU B 45 -6.74 -2.57 27.01
CA LEU B 45 -6.06 -3.82 27.34
C LEU B 45 -6.78 -4.97 26.65
N LYS B 46 -6.04 -5.68 25.80
CA LYS B 46 -6.53 -6.88 25.12
C LYS B 46 -6.38 -8.06 26.07
N GLY B 47 -7.49 -8.54 26.61
CA GLY B 47 -7.51 -9.59 27.62
C GLY B 47 -8.57 -9.29 28.67
N GLU B 48 -9.01 -10.34 29.37
CA GLU B 48 -9.92 -10.17 30.49
C GLU B 48 -9.13 -9.70 31.72
N CYS B 49 -9.80 -8.97 32.60
CA CYS B 49 -9.06 -8.41 33.73
C CYS B 49 -9.93 -8.26 34.97
N THR B 50 -9.26 -8.38 36.11
CA THR B 50 -9.81 -8.34 37.47
C THR B 50 -10.39 -6.95 37.74
N ALA B 51 -11.73 -6.85 37.69
CA ALA B 51 -12.47 -5.60 37.82
C ALA B 51 -11.63 -4.40 37.37
N ALA B 52 -11.34 -4.35 36.06
CA ALA B 52 -10.81 -3.15 35.43
C ALA B 52 -11.83 -2.04 35.36
N ALA B 53 -13.05 -2.31 35.83
CA ALA B 53 -14.06 -1.27 36.00
C ALA B 53 -13.77 -0.37 37.20
N ASP B 54 -13.04 -0.88 38.19
CA ASP B 54 -12.72 -0.13 39.41
C ASP B 54 -12.07 1.20 39.08
N SER B 55 -12.48 2.24 39.80
CA SER B 55 -11.85 3.55 39.64
C SER B 55 -10.42 3.56 40.14
N ALA B 56 -10.12 2.73 41.14
CA ALA B 56 -8.82 2.67 41.77
C ALA B 56 -7.78 1.92 40.95
N PHE B 57 -8.07 1.56 39.70
CA PHE B 57 -7.20 0.65 38.95
C PHE B 57 -5.94 1.35 38.45
N ASP B 58 -4.87 0.58 38.28
CA ASP B 58 -3.64 1.06 37.64
C ASP B 58 -3.68 0.68 36.15
N ASP B 59 -4.15 1.61 35.30
CA ASP B 59 -4.11 1.39 33.86
C ASP B 59 -2.89 2.03 33.21
N SER B 60 -1.84 2.30 33.98
CA SER B 60 -0.69 3.04 33.48
C SER B 60 -0.01 2.32 32.32
N LYS B 61 0.06 0.99 32.38
CA LYS B 61 0.77 0.21 31.37
C LYS B 61 -0.12 -0.28 30.23
N TRP B 62 -1.42 0.02 30.25
CA TRP B 62 -2.27 -0.25 29.08
C TRP B 62 -1.88 0.66 27.92
N THR B 63 -2.43 0.36 26.76
CA THR B 63 -2.09 1.08 25.53
C THR B 63 -2.90 2.37 25.40
N SER B 64 -2.22 3.46 25.06
CA SER B 64 -2.89 4.69 24.70
C SER B 64 -3.50 4.54 23.31
N ILE B 65 -4.83 4.73 23.20
CA ILE B 65 -5.54 4.57 21.95
C ILE B 65 -6.49 5.75 21.76
N HIS B 66 -6.83 6.02 20.51
CA HIS B 66 -7.82 7.04 20.17
C HIS B 66 -8.93 6.40 19.36
N LEU B 67 -10.19 6.51 19.84
CA LEU B 67 -11.31 5.93 19.10
C LEU B 67 -11.56 6.71 17.80
N PRO B 68 -12.05 6.05 16.74
CA PRO B 68 -12.48 4.66 16.57
C PRO B 68 -11.32 3.66 16.51
N HIS B 69 -11.53 2.50 17.14
CA HIS B 69 -10.49 1.52 17.44
C HIS B 69 -10.96 0.16 16.97
N THR B 70 -10.24 -0.42 16.00
CA THR B 70 -10.63 -1.66 15.33
C THR B 70 -9.61 -2.75 15.62
N TRP B 71 -10.10 -3.93 16.06
CA TRP B 71 -9.29 -4.88 16.82
C TRP B 71 -8.21 -5.59 16.00
N ASN B 72 -8.58 -6.33 14.96
CA ASN B 72 -7.55 -7.19 14.39
C ASN B 72 -6.99 -6.67 13.09
N THR B 73 -6.44 -5.45 13.06
CA THR B 73 -6.00 -4.89 11.79
C THR B 73 -4.70 -5.53 11.32
N ASP B 74 -4.38 -6.71 11.85
CA ASP B 74 -3.26 -7.56 11.40
C ASP B 74 -3.70 -9.03 11.31
N ALA B 75 -3.53 -9.61 10.12
CA ALA B 75 -4.23 -10.83 9.71
C ALA B 75 -3.26 -11.98 9.41
N TYR B 76 -3.15 -12.93 10.37
CA TYR B 76 -2.44 -14.19 10.20
C TYR B 76 -3.46 -15.32 10.19
N THR B 77 -4.62 -15.05 9.58
CA THR B 77 -5.79 -15.93 9.60
C THR B 77 -6.23 -16.23 11.01
N GLU B 78 -6.93 -17.36 11.18
CA GLU B 78 -7.40 -17.77 12.49
C GLU B 78 -6.30 -17.74 13.55
N LYS B 79 -5.10 -18.21 13.20
CA LYS B 79 -4.02 -18.20 14.19
C LYS B 79 -3.59 -16.77 14.47
N ASP B 80 -3.68 -16.36 15.74
CA ASP B 80 -3.28 -15.03 16.17
C ASP B 80 -4.13 -13.93 15.53
N TYR B 81 -5.39 -14.28 15.24
CA TYR B 81 -6.49 -13.34 15.09
C TYR B 81 -7.26 -13.40 16.40
N TYR B 82 -7.45 -12.27 17.06
CA TYR B 82 -7.91 -12.31 18.44
C TYR B 82 -9.42 -12.48 18.54
N ARG B 83 -9.85 -13.58 19.15
CA ARG B 83 -11.23 -13.79 19.61
C ARG B 83 -11.19 -13.77 21.14
N GLY B 84 -11.76 -12.74 21.74
CA GLY B 84 -11.75 -12.66 23.20
C GLY B 84 -12.35 -11.36 23.68
N THR B 85 -12.05 -11.03 24.93
CA THR B 85 -12.59 -9.86 25.63
C THR B 85 -11.51 -8.79 25.74
N GLY B 86 -11.89 -7.54 25.46
CA GLY B 86 -10.99 -6.39 25.61
C GLY B 86 -11.57 -5.36 26.57
N TRP B 87 -10.75 -4.46 27.11
CA TRP B 87 -11.22 -3.50 28.10
C TRP B 87 -10.82 -2.09 27.68
N TYR B 88 -11.83 -1.21 27.57
CA TYR B 88 -11.64 0.21 27.26
C TYR B 88 -11.85 1.06 28.52
N ARG B 89 -10.94 1.99 28.77
CA ARG B 89 -10.94 2.80 30.01
C ARG B 89 -10.60 4.25 29.73
N ARG B 90 -11.43 5.17 30.22
CA ARG B 90 -11.16 6.61 30.11
C ARG B 90 -11.70 7.33 31.32
N GLN B 91 -10.98 8.38 31.74
CA GLN B 91 -11.41 9.23 32.83
C GLN B 91 -12.34 10.33 32.30
N LEU B 92 -13.48 10.52 32.97
CA LEU B 92 -14.40 11.61 32.68
C LEU B 92 -14.36 12.64 33.81
N THR B 93 -13.66 13.74 33.57
CA THR B 93 -13.73 14.90 34.44
C THR B 93 -14.86 15.78 33.87
N LEU B 94 -15.90 16.00 34.68
CA LEU B 94 -17.13 16.63 34.23
C LEU B 94 -17.06 18.17 34.26
N PRO B 95 -17.88 18.84 33.46
CA PRO B 95 -17.91 20.31 33.50
C PRO B 95 -18.94 20.83 34.48
N GLN B 96 -18.58 21.96 35.09
CA GLN B 96 -19.43 22.54 36.13
C GLN B 96 -20.80 22.89 35.61
N GLY B 97 -20.89 23.31 34.35
CA GLY B 97 -22.15 23.74 33.75
C GLY B 97 -23.21 22.67 33.54
N TRP B 98 -23.02 21.47 34.10
CA TRP B 98 -23.93 20.36 33.86
C TRP B 98 -24.54 19.78 35.13
N LYS B 99 -24.43 20.48 36.28
CA LYS B 99 -24.72 19.85 37.56
C LYS B 99 -26.20 19.59 37.76
N GLU B 100 -27.08 20.33 37.07
CA GLU B 100 -28.52 20.08 37.13
C GLU B 100 -29.04 19.61 35.77
N LYS B 101 -28.23 18.80 35.08
CA LYS B 101 -28.55 18.31 33.74
C LYS B 101 -28.35 16.80 33.69
N GLN B 102 -29.29 16.11 33.01
CA GLN B 102 -29.13 14.69 32.71
C GLN B 102 -28.00 14.50 31.71
N ILE B 103 -27.29 13.39 31.83
CA ILE B 103 -26.16 13.08 30.95
C ILE B 103 -26.45 11.76 30.23
N ILE B 104 -26.47 11.82 28.90
CA ILE B 104 -26.71 10.65 28.05
C ILE B 104 -25.41 10.25 27.38
N LEU B 105 -24.98 9.03 27.62
CA LEU B 105 -23.81 8.44 26.98
C LEU B 105 -24.27 7.57 25.82
N ARG B 106 -23.77 7.84 24.62
CA ARG B 106 -24.09 7.05 23.43
C ARG B 106 -22.81 6.49 22.81
N LEU B 107 -22.86 5.22 22.40
CA LEU B 107 -21.82 4.57 21.61
C LEU B 107 -22.41 4.27 20.24
N ASP B 108 -21.93 4.98 19.22
CA ASP B 108 -22.53 4.84 17.89
C ASP B 108 -22.48 3.41 17.39
N ALA B 109 -21.41 2.67 17.70
CA ALA B 109 -21.33 1.26 17.36
C ALA B 109 -20.22 0.66 18.17
N ALA B 110 -20.40 -0.58 18.61
CA ALA B 110 -19.31 -1.29 19.29
C ALA B 110 -19.57 -2.78 19.17
N GLY B 111 -18.63 -3.52 18.58
CA GLY B 111 -18.83 -4.91 18.28
C GLY B 111 -17.83 -5.80 18.99
N LYS B 112 -18.26 -7.02 19.33
CA LYS B 112 -19.60 -7.54 19.01
C LYS B 112 -20.65 -7.18 20.05
N SER B 113 -20.19 -6.92 21.28
CA SER B 113 -21.07 -6.59 22.40
C SER B 113 -20.22 -5.93 23.47
N ALA B 114 -20.81 -4.94 24.15
CA ALA B 114 -20.07 -4.18 25.14
C ALA B 114 -20.91 -4.04 26.40
N THR B 115 -20.21 -3.84 27.51
CA THR B 115 -20.84 -3.51 28.79
C THR B 115 -20.17 -2.28 29.36
N ILE B 116 -20.96 -1.41 29.99
CA ILE B 116 -20.51 -0.08 30.36
C ILE B 116 -20.42 0.05 31.87
N TYR B 117 -19.26 0.45 32.35
CA TYR B 117 -18.99 0.59 33.77
C TYR B 117 -18.66 2.05 34.06
N ILE B 118 -19.58 2.75 34.71
CA ILE B 118 -19.29 4.04 35.32
C ILE B 118 -18.84 3.77 36.75
N ASN B 119 -17.58 4.10 37.06
CA ASN B 119 -17.12 4.05 38.45
C ASN B 119 -17.29 2.65 39.05
N GLY B 120 -16.99 1.62 38.27
CA GLY B 120 -17.16 0.25 38.73
C GLY B 120 -18.57 -0.29 38.68
N LYS B 121 -19.60 0.55 38.47
CA LYS B 121 -20.99 0.12 38.49
C LYS B 121 -21.53 -0.17 37.08
N ASN B 122 -22.40 -1.17 36.98
CA ASN B 122 -22.91 -1.67 35.70
C ASN B 122 -24.11 -0.84 35.27
N VAL B 123 -23.94 -0.04 34.22
CA VAL B 123 -25.07 0.74 33.73
C VAL B 123 -25.93 -0.10 32.78
N GLY B 124 -25.29 -0.92 31.96
CA GLY B 124 -26.01 -1.79 31.05
C GLY B 124 -25.07 -2.37 30.01
N GLU B 125 -25.62 -3.28 29.22
CA GLU B 125 -24.86 -3.95 28.15
C GLU B 125 -25.57 -3.72 26.81
N HIS B 126 -24.88 -4.10 25.72
CA HIS B 126 -25.46 -4.08 24.38
C HIS B 126 -24.94 -5.26 23.57
N ALA B 127 -25.76 -5.74 22.63
CA ALA B 127 -25.45 -6.88 21.76
C ALA B 127 -25.66 -6.49 20.30
N GLY B 128 -24.55 -6.36 19.56
CA GLY B 128 -24.62 -6.05 18.14
C GLY B 128 -23.71 -4.92 17.75
N GLY B 129 -22.85 -5.13 16.77
CA GLY B 129 -21.86 -4.14 16.46
C GLY B 129 -22.17 -3.22 15.30
N TYR B 130 -23.44 -3.01 14.98
CA TYR B 130 -23.83 -2.12 13.89
C TYR B 130 -24.88 -1.09 14.27
N THR B 131 -25.41 -1.14 15.46
CA THR B 131 -26.37 -0.16 15.94
C THR B 131 -25.80 0.54 17.16
N ALA B 132 -26.38 1.69 17.49
CA ALA B 132 -25.91 2.47 18.62
C ALA B 132 -26.63 2.03 19.89
N CYS B 133 -26.08 2.46 21.03
CA CYS B 133 -26.74 2.24 22.29
C CYS B 133 -26.48 3.47 23.15
N SER B 134 -27.38 3.72 24.10
CA SER B 134 -27.22 4.90 24.92
C SER B 134 -27.80 4.66 26.31
N PHE B 135 -27.15 5.25 27.30
CA PHE B 135 -27.50 5.07 28.71
C PHE B 135 -27.50 6.41 29.40
N ASN B 136 -28.58 6.73 30.12
CA ASN B 136 -28.61 7.87 31.03
C ASN B 136 -27.74 7.58 32.24
N ILE B 137 -26.55 8.17 32.28
CA ILE B 137 -25.57 7.83 33.29
C ILE B 137 -25.54 8.85 34.44
N THR B 138 -26.55 9.73 34.52
CA THR B 138 -26.54 10.76 35.57
C THR B 138 -26.47 10.20 36.99
N PRO B 139 -27.26 9.17 37.36
CA PRO B 139 -27.12 8.61 38.73
C PRO B 139 -25.72 8.18 39.11
N PHE B 140 -25.03 7.51 38.19
CA PHE B 140 -23.76 6.88 38.50
C PHE B 140 -22.60 7.86 38.52
N LEU B 141 -22.88 9.15 38.34
CA LEU B 141 -21.88 10.19 38.23
C LEU B 141 -21.89 11.13 39.43
N SER B 142 -20.69 11.51 39.88
CA SER B 142 -20.47 12.57 40.84
C SER B 142 -19.70 13.71 40.19
N PHE B 143 -19.90 14.92 40.67
CA PHE B 143 -19.21 16.09 40.12
C PHE B 143 -18.03 16.53 40.97
N ASP B 144 -17.69 15.79 42.02
CA ASP B 144 -16.59 16.12 42.92
C ASP B 144 -15.26 15.65 42.34
N THR B 145 -14.97 14.19 42.41
CA THR B 145 -13.80 13.48 41.89
C THR B 145 -14.07 12.98 40.47
N PRO B 146 -13.02 12.79 39.66
CA PRO B 146 -13.24 12.32 38.28
C PRO B 146 -13.88 10.95 38.25
N ASN B 147 -14.76 10.75 37.28
CA ASN B 147 -15.45 9.48 37.07
C ASN B 147 -14.62 8.58 36.15
N THR B 148 -14.75 7.27 36.35
CA THR B 148 -14.09 6.28 35.50
C THR B 148 -15.12 5.63 34.59
N LEU B 149 -14.89 5.76 33.28
CA LEU B 149 -15.69 5.09 32.26
C LEU B 149 -14.89 3.90 31.77
N ALA B 150 -15.42 2.71 32.01
CA ALA B 150 -14.79 1.49 31.52
C ALA B 150 -15.79 0.76 30.65
N VAL B 151 -15.29 0.15 29.57
CA VAL B 151 -16.14 -0.58 28.65
C VAL B 151 -15.56 -1.98 28.46
N CYS B 152 -16.41 -2.99 28.63
CA CYS B 152 -16.00 -4.37 28.45
C CYS B 152 -16.56 -4.84 27.11
N VAL B 153 -15.67 -4.97 26.13
CA VAL B 153 -16.05 -5.32 24.78
C VAL B 153 -15.60 -6.74 24.50
N ASP B 154 -16.39 -7.43 23.68
CA ASP B 154 -16.20 -8.85 23.41
C ASP B 154 -16.60 -9.11 21.97
N ASN B 155 -15.70 -9.69 21.20
CA ASN B 155 -15.98 -10.01 19.80
C ASN B 155 -16.26 -11.49 19.55
N ALA B 156 -16.24 -12.31 20.60
CA ALA B 156 -16.40 -13.75 20.51
C ALA B 156 -17.74 -14.13 21.11
N ARG B 157 -18.79 -13.97 20.31
CA ARG B 157 -20.15 -14.23 20.80
C ARG B 157 -20.97 -14.76 19.63
N GLN B 158 -21.11 -16.10 19.55
CA GLN B 158 -21.89 -16.74 18.51
C GLN B 158 -23.40 -16.63 18.71
N ASP B 159 -23.86 -15.87 19.69
CA ASP B 159 -25.29 -15.63 19.85
C ASP B 159 -25.69 -14.24 19.37
N ILE B 160 -24.80 -13.55 18.66
CA ILE B 160 -25.05 -12.21 18.11
C ILE B 160 -24.75 -12.21 16.62
N ALA B 161 -25.68 -11.75 15.81
CA ALA B 161 -25.46 -11.75 14.37
C ALA B 161 -24.37 -10.75 14.01
N PRO B 162 -23.60 -11.00 12.95
CA PRO B 162 -23.58 -12.21 12.12
C PRO B 162 -22.79 -13.34 12.78
N ILE B 163 -23.15 -14.58 12.45
CA ILE B 163 -22.50 -15.77 12.98
C ILE B 163 -21.60 -16.45 11.96
N SER B 164 -21.44 -15.86 10.78
CA SER B 164 -20.62 -16.41 9.72
C SER B 164 -20.14 -15.24 8.87
N GLY B 165 -19.37 -15.55 7.85
CA GLY B 165 -18.91 -14.49 6.97
C GLY B 165 -17.72 -13.78 7.57
N ASP B 166 -17.27 -12.73 6.89
CA ASP B 166 -16.01 -12.10 7.26
C ASP B 166 -16.08 -11.35 8.58
N PHE B 167 -17.28 -11.03 9.06
CA PHE B 167 -17.42 -10.14 10.21
C PHE B 167 -17.90 -10.87 11.46
N THR B 168 -17.75 -12.19 11.50
CA THR B 168 -18.11 -12.95 12.69
C THR B 168 -17.37 -12.44 13.93
N PHE B 169 -16.17 -11.89 13.75
CA PHE B 169 -15.35 -11.44 14.87
C PHE B 169 -14.93 -9.99 14.72
N PHE B 170 -15.83 -9.16 14.21
CA PHE B 170 -15.52 -7.76 14.01
C PHE B 170 -15.58 -7.08 15.36
N GLY B 171 -14.43 -6.61 15.84
CA GLY B 171 -14.28 -6.24 17.24
C GLY B 171 -13.75 -4.82 17.40
N GLY B 172 -14.15 -4.19 18.51
CA GLY B 172 -13.68 -2.87 18.88
C GLY B 172 -14.82 -1.91 19.10
N ILE B 173 -14.46 -0.74 19.65
CA ILE B 173 -15.26 0.47 19.58
C ILE B 173 -14.78 1.21 18.34
N TYR B 174 -15.30 0.82 17.18
CA TYR B 174 -14.84 1.35 15.92
C TYR B 174 -15.72 2.48 15.41
N ARG B 175 -16.42 3.18 16.31
CA ARG B 175 -17.14 4.39 15.98
C ARG B 175 -17.08 5.37 17.15
N ASP B 176 -17.60 6.56 16.91
CA ASP B 176 -17.57 7.64 17.89
C ASP B 176 -18.31 7.24 19.16
N VAL B 177 -17.98 7.96 20.23
CA VAL B 177 -18.65 7.84 21.52
C VAL B 177 -19.01 9.24 21.97
N TRP B 178 -20.25 9.43 22.42
CA TRP B 178 -20.79 10.77 22.61
C TRP B 178 -21.28 10.98 24.03
N LEU B 179 -21.03 12.17 24.55
CA LEU B 179 -21.66 12.65 25.78
C LEU B 179 -22.63 13.76 25.42
N THR B 180 -23.92 13.52 25.65
CA THR B 180 -24.96 14.53 25.47
C THR B 180 -25.50 14.94 26.83
N ALA B 181 -25.55 16.24 27.09
CA ALA B 181 -26.18 16.79 28.29
C ALA B 181 -27.42 17.59 27.90
N VAL B 182 -28.51 17.40 28.62
CA VAL B 182 -29.78 18.09 28.33
C VAL B 182 -30.41 18.60 29.63
N PRO B 183 -31.35 19.57 29.53
CA PRO B 183 -32.13 19.94 30.73
C PRO B 183 -32.89 18.74 31.27
N ASN B 184 -33.59 18.91 32.38
CA ASN B 184 -34.30 17.76 32.92
C ASN B 184 -35.59 17.48 32.17
N GLN B 185 -36.00 18.39 31.28
CA GLN B 185 -37.12 18.19 30.37
C GLN B 185 -36.54 18.05 28.97
N HIS B 186 -36.38 16.81 28.50
CA HIS B 186 -35.74 16.52 27.23
C HIS B 186 -36.60 15.56 26.43
N PHE B 187 -36.16 15.24 25.23
CA PHE B 187 -36.70 14.14 24.46
C PHE B 187 -36.01 12.83 24.86
N ASN B 188 -36.68 11.70 24.64
CA ASN B 188 -36.17 10.45 25.19
C ASN B 188 -34.98 9.97 24.37
N LEU B 189 -33.79 10.07 24.96
CA LEU B 189 -32.59 9.62 24.27
C LEU B 189 -32.18 8.22 24.67
N THR B 190 -33.08 7.46 25.29
CA THR B 190 -32.76 6.11 25.72
C THR B 190 -33.69 5.09 25.09
N ASN B 191 -34.45 5.51 24.08
CA ASN B 191 -35.32 4.64 23.29
C ASN B 191 -34.46 3.96 22.23
N HIS B 192 -33.88 2.81 22.60
CA HIS B 192 -33.14 1.96 21.68
C HIS B 192 -32.00 2.71 20.97
N GLY B 193 -31.36 3.64 21.68
CA GLY B 193 -30.26 4.34 21.05
C GLY B 193 -30.63 5.29 19.95
N SER B 194 -31.90 5.68 19.88
CA SER B 194 -32.37 6.57 18.82
C SER B 194 -32.54 7.99 19.35
N ASP B 195 -33.17 8.85 18.55
CA ASP B 195 -33.48 10.22 18.95
C ASP B 195 -34.82 10.35 19.64
N GLY B 196 -35.53 9.25 19.84
CA GLY B 196 -36.86 9.30 20.39
C GLY B 196 -37.90 9.95 19.50
N LEU B 197 -37.54 10.41 18.31
CA LEU B 197 -38.46 11.08 17.41
C LEU B 197 -38.72 10.27 16.15
N PHE B 198 -39.93 10.41 15.61
CA PHE B 198 -40.34 9.60 14.47
C PHE B 198 -41.29 10.42 13.59
N ILE B 199 -40.80 10.85 12.44
CA ILE B 199 -41.56 11.67 11.50
C ILE B 199 -41.91 10.81 10.31
N SER B 200 -43.20 10.69 10.02
CA SER B 200 -43.66 9.88 8.91
C SER B 200 -44.66 10.67 8.08
N THR B 201 -44.92 10.21 6.87
CA THR B 201 -45.93 10.84 6.03
C THR B 201 -46.99 9.80 5.68
N PRO B 202 -48.21 9.92 6.23
CA PRO B 202 -49.21 8.87 6.01
C PRO B 202 -49.88 8.90 4.64
N GLN B 203 -49.80 10.00 3.91
CA GLN B 203 -50.42 10.03 2.60
C GLN B 203 -49.64 11.00 1.74
N VAL B 204 -49.26 10.56 0.54
CA VAL B 204 -48.56 11.43 -0.38
C VAL B 204 -49.16 11.25 -1.78
N SER B 205 -49.35 12.37 -2.46
CA SER B 205 -49.67 12.41 -3.86
C SER B 205 -49.04 13.68 -4.41
N GLU B 206 -49.01 13.79 -5.73
CA GLU B 206 -48.44 14.96 -6.37
C GLU B 206 -49.07 16.27 -5.90
N GLU B 207 -50.31 16.21 -5.38
CA GLU B 207 -51.06 17.42 -5.10
C GLU B 207 -51.04 17.85 -3.64
N GLN B 208 -51.10 16.89 -2.72
CA GLN B 208 -51.22 17.21 -1.30
C GLN B 208 -50.71 16.03 -0.51
N ALA B 209 -49.97 16.31 0.55
CA ALA B 209 -49.44 15.24 1.40
C ALA B 209 -49.60 15.62 2.87
N THR B 210 -49.78 14.60 3.72
CA THR B 210 -49.93 14.81 5.15
C THR B 210 -48.64 14.43 5.89
N LEU B 211 -48.43 15.04 7.06
CA LEU B 211 -47.24 14.85 7.88
C LEU B 211 -47.66 14.48 9.29
N SER B 212 -46.86 13.64 9.94
CA SER B 212 -47.14 13.21 11.32
C SER B 212 -45.85 13.16 12.12
N ILE B 213 -45.78 13.95 13.19
CA ILE B 213 -44.57 14.09 14.02
C ILE B 213 -44.83 13.46 15.38
N ARG B 214 -44.02 12.47 15.75
CA ARG B 214 -44.25 11.70 16.97
C ARG B 214 -42.96 11.63 17.80
N GLY B 215 -43.08 11.14 19.02
CA GLY B 215 -41.95 11.06 19.90
C GLY B 215 -42.37 11.05 21.36
N GLU B 216 -41.36 10.97 22.22
CA GLU B 216 -41.53 10.95 23.67
C GLU B 216 -40.76 12.11 24.29
N VAL B 217 -41.34 12.69 25.36
CA VAL B 217 -40.70 13.66 26.23
C VAL B 217 -40.59 13.07 27.62
N LYS B 218 -39.47 13.34 28.30
CA LYS B 218 -39.18 12.69 29.57
C LYS B 218 -38.82 13.73 30.61
N ASN B 219 -39.55 13.72 31.73
CA ASN B 219 -39.27 14.59 32.87
C ASN B 219 -38.38 13.85 33.86
N ASP B 220 -37.12 14.28 33.99
CA ASP B 220 -36.20 13.69 34.95
C ASP B 220 -35.89 14.62 36.12
N ALA B 221 -36.65 15.66 36.28
CA ALA B 221 -36.49 16.40 37.52
C ALA B 221 -37.39 15.80 38.59
N PRO B 222 -37.08 16.05 39.85
CA PRO B 222 -37.97 15.58 40.95
C PRO B 222 -39.13 16.53 41.26
N GLU B 223 -39.99 16.77 40.26
CA GLU B 223 -41.22 17.55 40.46
C GLU B 223 -42.05 17.67 39.18
N LYS B 224 -43.07 18.52 39.20
CA LYS B 224 -43.92 18.74 38.04
C LYS B 224 -43.21 19.61 37.01
N ALA B 225 -43.84 19.81 35.85
CA ALA B 225 -43.30 20.73 34.85
C ALA B 225 -44.33 21.03 33.78
N THR B 226 -44.49 22.31 33.45
CA THR B 226 -45.49 22.77 32.47
C THR B 226 -44.73 23.30 31.27
N LEU B 227 -44.88 22.64 30.13
CA LEU B 227 -43.99 22.83 29.00
C LEU B 227 -44.77 23.17 27.74
N GLU B 228 -44.02 23.56 26.70
CA GLU B 228 -44.58 23.90 25.39
C GLU B 228 -43.75 23.24 24.29
N LEU B 229 -44.42 22.45 23.45
CA LEU B 229 -43.81 21.67 22.38
C LEU B 229 -44.08 22.36 21.05
N THR B 230 -43.03 22.81 20.37
CA THR B 230 -43.15 23.46 19.08
C THR B 230 -42.58 22.57 17.98
N HIS B 231 -43.28 22.55 16.83
CA HIS B 231 -42.84 21.90 15.61
C HIS B 231 -42.79 22.98 14.53
N THR B 232 -41.59 23.31 14.05
CA THR B 232 -41.39 24.28 12.97
C THR B 232 -40.93 23.55 11.72
N ILE B 233 -41.67 23.72 10.62
CA ILE B 233 -41.49 22.97 9.38
C ILE B 233 -41.08 23.92 8.28
N TYR B 234 -39.90 23.69 7.70
CA TYR B 234 -39.31 24.59 6.72
C TYR B 234 -39.33 23.95 5.35
N ARG B 235 -39.49 24.79 4.32
CA ARG B 235 -39.41 24.34 2.94
C ARG B 235 -37.96 24.04 2.57
N PRO B 236 -37.74 23.40 1.42
CA PRO B 236 -36.37 23.18 0.96
C PRO B 236 -35.57 24.44 0.75
N ASP B 237 -36.22 25.59 0.55
CA ASP B 237 -35.50 26.83 0.31
C ASP B 237 -35.05 27.55 1.58
N GLY B 238 -35.43 27.07 2.77
CA GLY B 238 -35.02 27.66 4.03
C GLY B 238 -36.16 28.32 4.80
N THR B 239 -37.12 28.90 4.08
CA THR B 239 -38.27 29.61 4.63
C THR B 239 -39.16 28.68 5.46
N LEU B 240 -39.87 29.29 6.42
CA LEU B 240 -40.86 28.57 7.24
C LEU B 240 -42.16 28.34 6.48
N LEU B 241 -42.70 27.12 6.60
CA LEU B 241 -43.95 26.74 5.95
C LEU B 241 -45.13 26.59 6.90
N GLN B 242 -44.91 26.12 8.13
CA GLN B 242 -45.99 25.77 9.03
C GLN B 242 -45.40 25.71 10.43
N THR B 243 -46.14 26.22 11.42
CA THR B 243 -45.75 26.05 12.81
C THR B 243 -46.83 25.28 13.55
N LEU B 244 -46.40 24.38 14.41
CA LEU B 244 -47.30 23.59 15.24
C LEU B 244 -46.85 23.79 16.68
N LYS B 245 -47.73 24.38 17.48
CA LYS B 245 -47.50 24.51 18.91
C LYS B 245 -48.53 23.65 19.62
N LYS B 246 -48.08 22.98 20.67
CA LYS B 246 -48.89 22.15 21.57
C LYS B 246 -48.13 22.16 22.89
N ASN B 247 -48.88 21.98 23.98
CA ASN B 247 -48.29 22.18 25.30
C ASN B 247 -48.89 21.19 26.28
N ILE B 248 -48.06 20.82 27.25
CA ILE B 248 -48.22 19.56 27.97
C ILE B 248 -47.79 19.76 29.42
N GLN B 249 -48.16 18.79 30.26
CA GLN B 249 -47.72 18.74 31.64
C GLN B 249 -47.26 17.34 31.98
N LEU B 250 -46.34 17.23 32.94
CA LEU B 250 -45.74 15.95 33.24
C LEU B 250 -45.45 15.86 34.73
N LYS B 251 -46.04 14.87 35.39
CA LYS B 251 -45.61 14.52 36.74
C LYS B 251 -44.13 14.14 36.71
N ALA B 252 -43.47 14.26 37.85
CA ALA B 252 -42.06 13.88 37.92
C ALA B 252 -41.86 12.45 37.46
N GLY B 253 -40.75 12.21 36.77
CA GLY B 253 -40.46 10.91 36.21
C GLY B 253 -41.29 10.52 35.01
N GLU B 254 -42.43 11.17 34.78
CA GLU B 254 -43.33 10.74 33.71
C GLU B 254 -42.64 10.83 32.36
N THR B 255 -43.00 9.91 31.48
CA THR B 255 -42.61 9.97 30.09
C THR B 255 -43.90 10.12 29.30
N TYR B 256 -43.92 11.09 28.38
CA TYR B 256 -45.14 11.51 27.71
C TYR B 256 -45.03 11.22 26.22
N ALA B 257 -46.11 10.67 25.65
CA ALA B 257 -46.12 10.14 24.29
C ALA B 257 -46.93 11.09 23.41
N PHE B 258 -46.25 11.85 22.56
CA PHE B 258 -46.96 12.80 21.71
C PHE B 258 -47.03 12.30 20.27
N SER B 259 -47.97 12.87 19.52
CA SER B 259 -48.32 12.38 18.19
C SER B 259 -49.21 13.44 17.53
N ASN B 260 -48.58 14.40 16.84
CA ASN B 260 -49.24 15.59 16.35
C ASN B 260 -49.24 15.59 14.83
N GLU B 261 -50.44 15.51 14.24
CA GLU B 261 -50.60 15.69 12.82
C GLU B 261 -50.32 17.15 12.44
N ALA B 262 -50.18 17.38 11.13
CA ALA B 262 -49.86 18.69 10.60
C ALA B 262 -50.77 19.02 9.43
N THR B 263 -50.93 20.33 9.16
CA THR B 263 -51.80 20.79 8.10
C THR B 263 -51.31 20.27 6.76
N PRO B 264 -52.18 19.65 5.94
CA PRO B 264 -51.72 19.06 4.68
C PRO B 264 -50.86 19.98 3.83
N VAL B 265 -49.66 19.49 3.51
CA VAL B 265 -48.74 20.25 2.66
C VAL B 265 -49.29 20.29 1.25
N LEU B 266 -49.51 21.50 0.76
CA LEU B 266 -50.18 21.73 -0.52
C LEU B 266 -49.12 21.92 -1.59
N LYS B 267 -49.22 21.14 -2.67
CA LYS B 267 -48.33 21.21 -3.82
C LYS B 267 -46.91 20.84 -3.40
N PRO B 268 -46.70 19.64 -2.87
CA PRO B 268 -45.44 19.33 -2.18
C PRO B 268 -44.26 19.30 -3.14
N GLU B 269 -43.07 19.57 -2.60
CA GLU B 269 -41.82 19.45 -3.35
C GLU B 269 -41.31 18.02 -3.22
N LEU B 270 -41.45 17.22 -4.28
CA LEU B 270 -41.24 15.77 -4.18
C LEU B 270 -39.76 15.38 -4.31
N TRP B 271 -39.41 14.26 -3.69
CA TRP B 271 -38.03 13.82 -3.48
C TRP B 271 -37.69 12.62 -4.39
N THR B 272 -36.63 12.75 -5.19
CA THR B 272 -36.10 11.56 -5.86
C THR B 272 -34.58 11.63 -5.71
N PRO B 273 -33.82 10.58 -6.08
CA PRO B 273 -32.37 10.71 -6.02
C PRO B 273 -31.84 11.81 -6.92
N GLU B 274 -32.60 12.19 -7.96
CA GLU B 274 -32.19 13.28 -8.85
C GLU B 274 -32.55 14.64 -8.30
N THR B 275 -33.49 14.70 -7.37
CA THR B 275 -34.07 15.96 -6.89
C THR B 275 -34.35 15.74 -5.42
N PRO B 276 -33.34 15.84 -4.59
CA PRO B 276 -33.46 15.50 -3.15
C PRO B 276 -33.91 16.67 -2.28
N ARG B 277 -35.18 17.04 -2.39
CA ARG B 277 -35.71 18.19 -1.67
C ARG B 277 -36.14 17.77 -0.28
N LEU B 278 -35.57 18.41 0.74
CA LEU B 278 -35.83 18.04 2.13
C LEU B 278 -36.49 19.19 2.88
N TYR B 279 -37.43 18.83 3.77
CA TYR B 279 -38.07 19.78 4.67
C TYR B 279 -37.51 19.61 6.07
N ARG B 280 -36.84 20.63 6.58
CA ARG B 280 -36.38 20.56 7.96
C ARG B 280 -37.57 20.55 8.91
N VAL B 281 -37.53 19.67 9.91
CA VAL B 281 -38.48 19.65 11.01
C VAL B 281 -37.70 19.93 12.29
N GLU B 282 -37.79 21.17 12.77
CA GLU B 282 -37.21 21.59 14.04
C GLU B 282 -38.24 21.42 15.14
N THR B 283 -37.84 20.75 16.22
CA THR B 283 -38.74 20.38 17.31
C THR B 283 -38.17 20.93 18.62
N THR B 284 -38.65 22.10 19.01
CA THR B 284 -38.16 22.73 20.23
C THR B 284 -39.11 22.42 21.39
N LEU B 285 -38.55 22.42 22.60
CA LEU B 285 -39.29 22.19 23.83
C LEU B 285 -39.04 23.36 24.78
N ARG B 286 -40.10 24.08 25.14
CA ARG B 286 -39.99 25.29 25.94
C ARG B 286 -40.67 25.10 27.30
N ASN B 287 -40.00 25.59 28.34
CA ASN B 287 -40.70 25.91 29.58
C ASN B 287 -41.77 26.95 29.28
N ARG B 288 -42.88 26.93 30.03
CA ARG B 288 -43.97 27.81 29.62
C ARG B 288 -44.20 28.99 30.56
N LYS B 289 -44.09 28.79 31.88
CA LYS B 289 -44.06 29.93 32.78
C LYS B 289 -43.02 30.92 32.26
N THR B 290 -41.75 30.52 32.30
CA THR B 290 -40.69 31.22 31.60
C THR B 290 -40.61 30.63 30.21
N LYS B 291 -40.62 31.49 29.19
CA LYS B 291 -40.60 30.97 27.83
C LYS B 291 -39.20 30.48 27.40
N THR B 292 -38.43 29.94 28.35
CA THR B 292 -37.07 29.44 28.13
C THR B 292 -37.04 28.23 27.19
N LEU B 293 -36.02 28.16 26.33
CA LEU B 293 -35.78 26.99 25.50
C LEU B 293 -35.11 25.90 26.32
N LEU B 294 -35.51 24.65 26.11
CA LEU B 294 -34.96 23.53 26.87
C LEU B 294 -34.19 22.55 25.99
N ASP B 295 -34.85 21.88 25.07
CA ASP B 295 -34.25 20.84 24.26
C ASP B 295 -34.76 20.99 22.84
N GLN B 296 -33.93 20.60 21.88
CA GLN B 296 -34.21 20.83 20.47
C GLN B 296 -33.63 19.69 19.66
N SER B 297 -34.25 19.40 18.51
CA SER B 297 -33.95 18.20 17.74
C SER B 297 -34.45 18.39 16.32
N ASN B 298 -33.54 18.59 15.38
CA ASN B 298 -33.86 18.73 13.97
C ASN B 298 -33.86 17.39 13.26
N HIS B 299 -34.72 17.27 12.24
CA HIS B 299 -34.76 16.09 11.39
C HIS B 299 -35.27 16.54 10.02
N TYR B 300 -34.77 15.91 8.98
CA TYR B 300 -35.32 16.10 7.66
C TYR B 300 -36.40 15.06 7.42
N THR B 301 -37.36 15.41 6.58
CA THR B 301 -38.21 14.41 5.96
C THR B 301 -38.43 14.87 4.53
N ALA B 302 -39.13 14.04 3.75
CA ALA B 302 -39.46 14.45 2.40
C ALA B 302 -40.67 13.67 1.94
N PHE B 303 -41.22 14.11 0.80
CA PHE B 303 -42.45 13.53 0.28
C PHE B 303 -42.15 12.74 -0.98
N ARG B 304 -42.61 11.49 -0.98
CA ARG B 304 -42.24 10.49 -1.96
C ARG B 304 -43.15 9.29 -1.72
N TRP B 305 -43.56 8.63 -2.79
CA TRP B 305 -44.28 7.37 -2.67
C TRP B 305 -43.75 6.45 -3.76
N PHE B 306 -43.91 5.16 -3.51
CA PHE B 306 -43.26 4.18 -4.36
C PHE B 306 -44.01 2.85 -4.27
N ARG B 307 -43.84 2.02 -5.30
CA ARG B 307 -44.39 0.67 -5.26
C ARG B 307 -43.58 -0.23 -6.22
N PHE B 308 -43.54 -1.52 -5.88
CA PHE B 308 -42.84 -2.52 -6.67
C PHE B 308 -43.91 -3.37 -7.36
N ASP B 309 -43.96 -3.32 -8.69
CA ASP B 309 -44.92 -4.09 -9.47
C ASP B 309 -44.22 -5.31 -10.06
N GLY B 310 -44.79 -6.50 -9.83
CA GLY B 310 -44.13 -7.73 -10.23
C GLY B 310 -43.90 -7.84 -11.73
N ASP B 311 -44.69 -7.15 -12.53
CA ASP B 311 -44.57 -7.20 -13.97
C ASP B 311 -43.91 -5.97 -14.55
N GLU B 312 -44.14 -4.79 -13.96
CA GLU B 312 -43.74 -3.53 -14.57
C GLU B 312 -42.56 -2.87 -13.86
N GLY B 313 -42.07 -3.45 -12.77
CA GLY B 313 -40.88 -2.95 -12.10
C GLY B 313 -41.14 -1.96 -10.97
N PHE B 314 -40.16 -1.10 -10.73
CA PHE B 314 -40.21 -0.11 -9.67
C PHE B 314 -40.89 1.16 -10.19
N PHE B 315 -41.52 1.89 -9.27
CA PHE B 315 -42.15 3.18 -9.54
C PHE B 315 -41.85 4.14 -8.40
N LEU B 316 -41.55 5.39 -8.75
CA LEU B 316 -41.17 6.42 -7.79
C LEU B 316 -41.93 7.69 -8.13
N ASN B 317 -42.82 8.10 -7.23
CA ASN B 317 -43.68 9.27 -7.47
C ASN B 317 -44.50 9.09 -8.74
N GLY B 318 -45.08 7.90 -8.92
CA GLY B 318 -45.97 7.67 -10.04
C GLY B 318 -45.25 7.24 -11.29
N LYS B 319 -44.05 7.80 -11.51
CA LYS B 319 -43.18 7.62 -12.68
C LYS B 319 -42.28 6.41 -12.50
N PRO B 320 -42.06 5.65 -13.58
CA PRO B 320 -41.18 4.47 -13.50
C PRO B 320 -39.70 4.83 -13.35
N TYR B 321 -38.95 3.90 -12.76
CA TYR B 321 -37.61 4.19 -12.25
C TYR B 321 -36.81 2.90 -12.17
N LYS B 322 -35.59 2.93 -12.68
CA LYS B 322 -34.67 1.80 -12.57
C LYS B 322 -33.80 1.96 -11.33
N LEU B 323 -33.81 0.95 -10.47
CA LEU B 323 -32.87 0.93 -9.36
C LEU B 323 -31.48 0.58 -9.88
N ARG B 324 -30.58 1.56 -9.79
CA ARG B 324 -29.19 1.45 -10.22
C ARG B 324 -28.29 1.38 -8.98
N GLY B 325 -28.21 0.20 -8.39
CA GLY B 325 -27.67 0.06 -7.06
C GLY B 325 -26.30 -0.57 -6.97
N ILE B 326 -25.70 -0.38 -5.78
CA ILE B 326 -24.47 -1.05 -5.39
C ILE B 326 -24.60 -1.44 -3.90
N CYS B 327 -24.04 -2.60 -3.52
CA CYS B 327 -24.04 -2.97 -2.10
C CYS B 327 -22.92 -2.25 -1.35
N ARG B 328 -22.99 -2.30 -0.03
CA ARG B 328 -22.03 -1.53 0.75
C ARG B 328 -22.02 -1.92 2.21
N HIS B 329 -20.86 -2.37 2.72
CA HIS B 329 -20.68 -2.68 4.13
C HIS B 329 -19.34 -2.11 4.59
N GLN B 330 -19.02 -2.29 5.87
CA GLN B 330 -17.75 -1.80 6.41
C GLN B 330 -16.60 -2.29 5.55
N ASP B 331 -15.77 -1.36 5.10
CA ASP B 331 -14.73 -1.67 4.13
C ASP B 331 -13.70 -0.57 4.06
N GLN B 332 -13.38 0.04 5.19
CA GLN B 332 -12.32 1.03 5.24
C GLN B 332 -10.97 0.32 5.38
N LYS B 333 -9.94 0.85 4.68
CA LYS B 333 -8.67 0.10 4.65
C LYS B 333 -7.89 0.36 5.92
N PRO B 334 -7.17 -0.64 6.43
CA PRO B 334 -6.32 -0.40 7.60
C PRO B 334 -5.18 0.52 7.18
N ILE B 335 -5.08 1.67 7.85
CA ILE B 335 -4.07 2.67 7.55
C ILE B 335 -3.08 2.86 8.69
N GLY B 336 -3.37 2.31 9.85
CA GLY B 336 -2.42 2.31 10.94
C GLY B 336 -2.75 1.27 11.97
N PRO B 337 -1.97 1.28 13.05
CA PRO B 337 -2.22 0.39 14.20
C PRO B 337 -3.64 0.52 14.75
N ALA B 338 -4.43 -0.54 14.61
CA ALA B 338 -5.79 -0.64 15.16
C ALA B 338 -6.71 0.48 14.66
N LEU B 339 -6.50 0.89 13.41
CA LEU B 339 -7.15 2.09 12.87
C LEU B 339 -7.47 1.90 11.39
N THR B 340 -8.75 1.73 11.06
CA THR B 340 -9.16 1.82 9.68
C THR B 340 -9.43 3.27 9.30
N ALA B 341 -9.50 3.52 7.99
CA ALA B 341 -9.76 4.85 7.47
C ALA B 341 -11.18 5.29 7.80
N GLU B 342 -11.44 6.58 7.57
CA GLU B 342 -12.72 7.24 7.84
C GLU B 342 -13.19 7.98 6.60
N MET B 343 -13.08 7.30 5.44
CA MET B 343 -13.42 7.85 4.14
C MET B 343 -14.89 7.69 3.74
N HIS B 344 -15.79 7.45 4.70
CA HIS B 344 -17.19 7.15 4.39
C HIS B 344 -17.77 8.15 3.43
N ARG B 345 -17.53 9.44 3.71
CA ARG B 345 -18.18 10.52 2.98
C ARG B 345 -17.68 10.60 1.54
N ARG B 346 -16.36 10.69 1.35
CA ARG B 346 -15.83 10.75 -0.01
C ARG B 346 -16.06 9.46 -0.78
N ASP B 347 -16.17 8.31 -0.10
CA ASP B 347 -16.65 7.09 -0.74
C ASP B 347 -18.00 7.29 -1.41
N PHE B 348 -18.94 7.97 -0.71
CA PHE B 348 -20.27 8.19 -1.25
C PHE B 348 -20.24 9.08 -2.49
N LEU B 349 -19.48 10.18 -2.42
CA LEU B 349 -19.31 11.03 -3.60
C LEU B 349 -18.95 10.21 -4.82
N LEU B 350 -18.12 9.19 -4.62
CA LEU B 350 -17.66 8.32 -5.69
C LEU B 350 -18.78 7.42 -6.18
N MET B 351 -19.75 7.06 -5.31
CA MET B 351 -20.91 6.32 -5.79
C MET B 351 -21.84 7.21 -6.57
N LYS B 352 -22.03 8.45 -6.11
CA LYS B 352 -22.98 9.31 -6.79
C LYS B 352 -22.43 9.76 -8.13
N GLU B 353 -21.12 9.96 -8.22
CA GLU B 353 -20.59 10.43 -9.49
C GLU B 353 -20.58 9.31 -10.51
N MET B 354 -20.59 8.05 -10.05
CA MET B 354 -20.84 6.91 -10.92
C MET B 354 -22.28 6.85 -11.39
N GLY B 355 -23.17 7.60 -10.74
CA GLY B 355 -24.55 7.64 -11.16
C GLY B 355 -25.40 6.52 -10.62
N ALA B 356 -25.05 5.95 -9.47
CA ALA B 356 -25.95 5.04 -8.80
C ALA B 356 -27.07 5.82 -8.12
N ASN B 357 -28.23 5.19 -8.03
CA ASN B 357 -29.36 5.82 -7.35
C ASN B 357 -29.91 4.92 -6.27
N PHE B 358 -29.14 3.92 -5.84
CA PHE B 358 -29.67 2.94 -4.90
C PHE B 358 -28.52 2.28 -4.15
N ILE B 359 -28.67 2.10 -2.84
CA ILE B 359 -27.64 1.49 -2.01
C ILE B 359 -28.27 0.42 -1.13
N ARG B 360 -27.63 -0.73 -1.07
CA ARG B 360 -27.99 -1.79 -0.13
C ARG B 360 -26.95 -1.81 0.97
N ILE B 361 -27.38 -1.61 2.21
CA ILE B 361 -26.50 -1.39 3.34
C ILE B 361 -26.64 -2.56 4.31
N SER B 362 -25.52 -3.00 4.86
CA SER B 362 -25.45 -4.15 5.77
C SER B 362 -24.09 -4.13 6.42
N HIS B 363 -23.97 -4.71 7.62
CA HIS B 363 -22.72 -4.59 8.36
C HIS B 363 -22.11 -3.19 8.30
N TYR B 364 -22.90 -2.13 8.35
CA TYR B 364 -22.28 -0.81 8.21
C TYR B 364 -22.45 -0.08 9.54
N PRO B 365 -21.42 0.00 10.36
CA PRO B 365 -21.60 0.64 11.67
C PRO B 365 -21.80 2.13 11.48
N GLN B 366 -22.71 2.69 12.27
CA GLN B 366 -23.08 4.11 12.15
C GLN B 366 -23.50 4.41 10.72
N ALA B 367 -24.41 3.59 10.20
CA ALA B 367 -24.93 3.85 8.87
C ALA B 367 -25.65 5.19 8.78
N ASP B 368 -25.98 5.81 9.92
CA ASP B 368 -26.40 7.22 9.97
C ASP B 368 -25.65 8.09 8.99
N ALA B 369 -24.31 8.06 9.07
CA ALA B 369 -23.49 8.98 8.29
C ALA B 369 -23.75 8.82 6.81
N LEU B 370 -24.02 7.59 6.40
CA LEU B 370 -24.18 7.28 4.99
C LEU B 370 -25.58 7.68 4.50
N LEU B 371 -26.59 7.38 5.30
CA LEU B 371 -27.97 7.71 4.94
C LEU B 371 -28.20 9.22 4.90
N GLU B 372 -27.58 9.97 5.82
CA GLU B 372 -27.61 11.43 5.73
C GLU B 372 -27.26 11.91 4.32
N MET B 373 -26.24 11.33 3.70
CA MET B 373 -25.92 11.80 2.36
C MET B 373 -26.82 11.17 1.32
N CYS B 374 -27.38 10.00 1.61
CA CYS B 374 -28.43 9.44 0.76
C CYS B 374 -29.67 10.32 0.75
N ASP B 375 -29.91 11.05 1.84
CA ASP B 375 -31.04 11.97 1.96
C ASP B 375 -30.73 13.29 1.27
N LYS B 376 -29.57 13.84 1.57
CA LYS B 376 -29.28 15.20 1.15
C LYS B 376 -28.80 15.25 -0.30
N LEU B 377 -28.08 14.23 -0.77
CA LEU B 377 -27.55 14.24 -2.13
C LEU B 377 -28.30 13.35 -3.10
N GLY B 378 -29.01 12.34 -2.61
CA GLY B 378 -29.90 11.63 -3.49
C GLY B 378 -29.51 10.19 -3.78
N MET B 379 -30.12 9.26 -3.05
CA MET B 379 -29.89 7.84 -3.29
C MET B 379 -30.84 7.02 -2.44
N LEU B 380 -31.78 6.31 -3.05
CA LEU B 380 -32.66 5.43 -2.30
C LEU B 380 -31.82 4.33 -1.65
N ALA B 381 -32.40 3.63 -0.67
CA ALA B 381 -31.58 2.81 0.22
C ALA B 381 -32.35 1.62 0.78
N TRP B 382 -31.74 0.43 0.82
CA TRP B 382 -32.14 -0.48 1.89
C TRP B 382 -31.01 -0.80 2.84
N GLU B 383 -31.40 -1.05 4.06
CA GLU B 383 -30.49 -1.46 5.09
C GLU B 383 -31.04 -2.75 5.68
N GLU B 384 -30.14 -3.55 6.24
CA GLU B 384 -30.56 -4.81 6.81
C GLU B 384 -29.63 -5.16 7.96
N ILE B 385 -30.21 -5.78 8.98
CA ILE B 385 -29.42 -6.43 10.03
C ILE B 385 -28.82 -7.66 9.37
N PRO B 386 -27.69 -8.18 9.84
CA PRO B 386 -26.97 -9.18 9.06
C PRO B 386 -27.22 -10.61 9.47
N ILE B 387 -28.38 -11.20 9.18
CA ILE B 387 -28.63 -12.59 9.53
C ILE B 387 -28.35 -13.39 8.27
N ILE B 388 -27.22 -14.07 8.25
CA ILE B 388 -26.73 -14.69 7.03
C ILE B 388 -26.50 -16.17 7.28
N ASP B 389 -26.59 -16.95 6.18
CA ASP B 389 -25.97 -18.27 5.99
C ASP B 389 -26.66 -19.48 6.61
N ILE B 390 -27.01 -19.41 7.90
CA ILE B 390 -27.63 -20.54 8.58
C ILE B 390 -28.27 -20.02 9.85
N VAL B 391 -29.38 -20.64 10.24
CA VAL B 391 -29.94 -20.37 11.56
C VAL B 391 -29.71 -21.56 12.47
N PRO B 392 -28.71 -21.53 13.32
CA PRO B 392 -28.41 -22.67 14.18
C PRO B 392 -29.31 -22.66 15.42
N ASN B 393 -29.07 -23.64 16.28
CA ASN B 393 -29.72 -23.65 17.59
C ASN B 393 -28.77 -23.04 18.61
N THR B 394 -28.62 -21.72 18.55
CA THR B 394 -27.84 -20.99 19.54
C THR B 394 -28.77 -20.20 20.44
N PRO B 395 -28.76 -20.46 21.75
CA PRO B 395 -29.72 -19.81 22.64
C PRO B 395 -29.60 -18.29 22.63
N GLY B 396 -30.73 -17.61 22.50
CA GLY B 396 -30.73 -16.18 22.48
C GLY B 396 -30.30 -15.53 21.20
N TYR B 397 -29.91 -16.30 20.19
CA TYR B 397 -29.73 -15.73 18.86
C TYR B 397 -30.99 -15.03 18.41
N GLY B 398 -32.12 -15.76 18.41
CA GLY B 398 -33.37 -15.17 17.97
C GLY B 398 -33.75 -13.91 18.73
N ASP B 399 -33.60 -13.93 20.05
CA ASP B 399 -33.96 -12.76 20.86
C ASP B 399 -33.09 -11.56 20.50
N ASN B 400 -31.77 -11.75 20.43
CA ASN B 400 -30.88 -10.63 20.12
C ASN B 400 -31.14 -10.11 18.71
N CYS B 401 -31.56 -10.98 17.79
CA CYS B 401 -31.83 -10.55 16.41
C CYS B 401 -33.03 -9.63 16.33
N GLU B 402 -34.10 -9.97 17.03
CA GLU B 402 -35.26 -9.09 17.03
C GLU B 402 -34.92 -7.74 17.61
N ARG B 403 -33.98 -7.70 18.58
CA ARG B 403 -33.62 -6.41 19.15
C ARG B 403 -32.81 -5.59 18.15
N ASN B 404 -31.84 -6.20 17.46
CA ASN B 404 -31.10 -5.51 16.40
C ASN B 404 -32.04 -4.97 15.32
N LEU B 405 -33.07 -5.73 14.96
CA LEU B 405 -34.02 -5.27 13.96
C LEU B 405 -34.79 -4.05 14.45
N ARG B 406 -35.19 -4.05 15.73
CA ARG B 406 -35.92 -2.90 16.25
C ARG B 406 -35.00 -1.69 16.33
N GLU B 407 -33.77 -1.91 16.80
CA GLU B 407 -32.81 -0.81 16.92
C GLU B 407 -32.49 -0.19 15.56
N MET B 408 -32.27 -1.02 14.53
CA MET B 408 -31.94 -0.44 13.24
C MET B 408 -33.07 0.46 12.76
N ILE B 409 -34.31 0.01 12.93
CA ILE B 409 -35.46 0.72 12.39
C ILE B 409 -35.72 2.00 13.17
N ARG B 410 -35.65 1.94 14.50
CA ARG B 410 -35.90 3.15 15.28
C ARG B 410 -34.79 4.18 15.12
N GLN B 411 -33.53 3.73 15.09
CA GLN B 411 -32.42 4.67 14.94
C GLN B 411 -32.34 5.28 13.56
N HIS B 412 -33.01 4.71 12.57
CA HIS B 412 -32.95 5.27 11.23
C HIS B 412 -34.34 5.55 10.66
N TYR B 413 -35.36 5.69 11.53
CA TYR B 413 -36.72 5.88 11.04
C TYR B 413 -36.84 7.11 10.14
N ASN B 414 -36.20 8.22 10.53
CA ASN B 414 -36.40 9.53 9.89
C ASN B 414 -35.50 9.74 8.69
N HIS B 415 -35.22 8.72 7.89
CA HIS B 415 -34.44 8.94 6.70
C HIS B 415 -35.33 8.67 5.50
N PRO B 416 -35.61 9.66 4.66
CA PRO B 416 -36.49 9.42 3.50
C PRO B 416 -35.88 8.55 2.44
N SER B 417 -34.55 8.47 2.39
CA SER B 417 -33.89 7.64 1.40
C SER B 417 -34.19 6.17 1.62
N ILE B 418 -34.48 5.78 2.86
CA ILE B 418 -34.72 4.37 3.16
C ILE B 418 -36.12 3.98 2.71
N ILE B 419 -36.20 3.07 1.75
CA ILE B 419 -37.49 2.55 1.30
C ILE B 419 -37.69 1.08 1.63
N THR B 420 -36.71 0.39 2.22
CA THR B 420 -37.00 -0.99 2.63
C THR B 420 -36.02 -1.51 3.67
N TRP B 421 -36.51 -2.41 4.54
CA TRP B 421 -35.72 -3.07 5.59
C TRP B 421 -35.65 -4.57 5.35
N GLY B 422 -34.44 -5.13 5.30
CA GLY B 422 -34.23 -6.55 5.24
C GLY B 422 -33.75 -7.09 6.57
N TYR B 423 -33.63 -8.41 6.62
CA TYR B 423 -33.03 -9.00 7.81
C TYR B 423 -32.33 -10.32 7.53
N MET B 424 -32.55 -10.92 6.36
CA MET B 424 -31.91 -12.18 6.04
C MET B 424 -31.23 -12.11 4.68
N ASN B 425 -30.09 -12.80 4.57
CA ASN B 425 -29.27 -12.76 3.36
C ASN B 425 -28.67 -14.15 3.14
N GLU B 426 -29.16 -14.87 2.12
CA GLU B 426 -28.66 -16.22 1.79
C GLU B 426 -28.82 -17.16 2.98
N ILE B 427 -30.02 -17.20 3.56
CA ILE B 427 -30.16 -17.86 4.87
C ILE B 427 -30.14 -19.38 4.76
N LEU B 428 -30.14 -19.94 3.56
CA LEU B 428 -30.05 -21.38 3.40
C LEU B 428 -28.71 -21.85 2.84
N LEU B 429 -27.79 -20.92 2.55
CA LEU B 429 -26.54 -21.26 1.87
C LEU B 429 -25.73 -22.29 2.64
N VAL B 430 -25.50 -22.08 3.94
CA VAL B 430 -24.74 -23.08 4.67
C VAL B 430 -25.62 -24.29 5.03
N THR B 431 -26.93 -24.08 5.19
CA THR B 431 -27.82 -25.19 5.52
C THR B 431 -27.76 -26.28 4.46
N GLN B 432 -27.85 -25.89 3.19
CA GLN B 432 -27.81 -26.87 2.11
C GLN B 432 -26.47 -27.58 2.00
N ARG B 433 -25.39 -26.98 2.48
CA ARG B 433 -24.12 -27.71 2.48
C ARG B 433 -24.05 -28.71 3.63
N LYS B 434 -24.74 -28.43 4.73
CA LYS B 434 -24.54 -29.18 5.96
C LYS B 434 -25.61 -30.24 6.21
N TYR B 435 -26.78 -30.14 5.58
CA TYR B 435 -27.85 -31.11 5.82
C TYR B 435 -28.49 -31.52 4.50
N LYS B 436 -28.69 -32.84 4.33
CA LYS B 436 -29.03 -33.43 3.05
C LYS B 436 -30.42 -34.08 3.07
N THR B 437 -30.57 -35.20 3.80
CA THR B 437 -31.87 -35.84 3.91
C THR B 437 -32.90 -34.84 4.40
N GLU B 438 -34.13 -34.92 3.88
CA GLU B 438 -35.17 -34.04 4.38
C GLU B 438 -35.46 -34.28 5.86
N ALA B 439 -35.00 -35.41 6.41
CA ALA B 439 -35.10 -35.62 7.85
C ALA B 439 -34.03 -34.84 8.61
N GLU B 440 -32.92 -34.52 7.94
CA GLU B 440 -31.91 -33.61 8.50
C GLU B 440 -32.32 -32.15 8.40
N LEU B 441 -33.05 -31.78 7.36
CA LEU B 441 -33.40 -30.37 7.14
C LEU B 441 -34.64 -29.95 7.88
N LYS B 442 -35.56 -30.88 8.16
CA LYS B 442 -36.83 -30.49 8.75
C LYS B 442 -36.66 -29.69 10.04
N PRO B 443 -35.79 -30.08 10.98
CA PRO B 443 -35.62 -29.25 12.20
C PRO B 443 -34.93 -27.93 11.95
N VAL B 444 -34.16 -27.80 10.88
CA VAL B 444 -33.45 -26.58 10.56
C VAL B 444 -34.36 -25.63 9.80
N LEU B 445 -35.19 -26.17 8.91
CA LEU B 445 -36.15 -25.36 8.16
C LEU B 445 -37.27 -24.85 9.05
N GLU B 446 -37.83 -25.73 9.89
CA GLU B 446 -38.75 -25.28 10.93
C GLU B 446 -38.15 -24.08 11.65
N ARG B 447 -36.94 -24.25 12.19
CA ARG B 447 -36.31 -23.19 12.95
C ARG B 447 -36.14 -21.93 12.12
N THR B 448 -35.85 -22.08 10.82
CA THR B 448 -35.51 -20.91 9.99
C THR B 448 -36.75 -20.14 9.57
N LEU B 449 -37.75 -20.83 9.00
CA LEU B 449 -39.01 -20.17 8.72
C LEU B 449 -39.58 -19.50 9.96
N ALA B 450 -39.31 -20.08 11.13
CA ALA B 450 -39.83 -19.52 12.39
C ALA B 450 -39.20 -18.17 12.70
N LEU B 451 -37.87 -18.08 12.64
CA LEU B 451 -37.24 -16.78 12.88
C LEU B 451 -37.62 -15.79 11.79
N ALA B 452 -37.80 -16.26 10.56
CA ALA B 452 -38.13 -15.35 9.47
C ALA B 452 -39.47 -14.68 9.69
N ASN B 453 -40.50 -15.46 10.01
CA ASN B 453 -41.82 -14.88 10.24
C ASN B 453 -41.81 -13.98 11.47
N ARG B 454 -41.17 -14.43 12.53
CA ARG B 454 -41.02 -13.62 13.73
C ARG B 454 -40.46 -12.24 13.39
N LEU B 455 -39.39 -12.18 12.62
CA LEU B 455 -38.82 -10.87 12.33
C LEU B 455 -39.67 -10.10 11.34
N GLU B 456 -40.37 -10.82 10.47
CA GLU B 456 -41.26 -10.16 9.53
C GLU B 456 -42.40 -9.44 10.23
N ARG B 457 -42.90 -9.96 11.34
CA ARG B 457 -43.92 -9.23 12.07
C ARG B 457 -43.31 -8.06 12.85
N VAL B 458 -42.15 -8.27 13.49
CA VAL B 458 -41.45 -7.20 14.18
C VAL B 458 -41.25 -6.02 13.23
N LEU B 459 -40.94 -6.32 11.97
CA LEU B 459 -40.63 -5.29 10.99
C LEU B 459 -41.78 -4.32 10.84
N LYS B 460 -42.97 -4.84 10.52
CA LYS B 460 -44.11 -3.97 10.23
C LYS B 460 -44.83 -3.52 11.49
N GLU B 461 -44.64 -4.23 12.60
CA GLU B 461 -45.00 -3.69 13.90
C GLU B 461 -44.19 -2.44 14.20
N GLU B 462 -42.93 -2.38 13.72
CA GLU B 462 -42.04 -1.26 13.99
C GLU B 462 -42.13 -0.14 12.96
N ASP B 463 -42.49 -0.46 11.72
CA ASP B 463 -42.57 0.55 10.65
C ASP B 463 -43.37 -0.04 9.51
N SER B 464 -44.63 0.39 9.39
CA SER B 464 -45.49 -0.06 8.31
C SER B 464 -45.42 0.86 7.09
N THR B 465 -44.50 1.82 7.07
CA THR B 465 -44.36 2.75 5.96
C THR B 465 -43.25 2.39 5.01
N ARG B 466 -42.71 1.16 5.11
CA ARG B 466 -41.65 0.74 4.22
C ARG B 466 -41.86 -0.72 3.87
N ILE B 467 -41.19 -1.14 2.81
CA ILE B 467 -41.33 -2.45 2.17
C ILE B 467 -40.34 -3.42 2.83
N SER B 468 -40.69 -4.69 2.88
CA SER B 468 -39.77 -5.68 3.41
C SER B 468 -39.17 -6.49 2.27
N THR B 469 -37.94 -6.94 2.47
CA THR B 469 -37.22 -7.68 1.44
C THR B 469 -36.36 -8.73 2.10
N MET B 470 -36.02 -9.76 1.32
CA MET B 470 -35.11 -10.80 1.74
C MET B 470 -34.28 -11.17 0.53
N ALA B 471 -32.98 -11.37 0.74
CA ALA B 471 -32.06 -11.71 -0.34
C ALA B 471 -31.78 -13.21 -0.33
N PHE B 472 -31.87 -13.84 -1.48
CA PHE B 472 -31.66 -15.27 -1.61
C PHE B 472 -30.34 -15.55 -2.31
N HIS B 473 -29.83 -16.77 -2.13
CA HIS B 473 -28.81 -17.21 -3.05
C HIS B 473 -29.46 -18.03 -4.16
N GLY B 474 -28.74 -18.16 -5.27
CA GLY B 474 -29.36 -18.66 -6.49
C GLY B 474 -29.84 -20.10 -6.49
N SER B 475 -30.78 -20.42 -5.63
CA SER B 475 -31.41 -21.73 -5.68
C SER B 475 -32.92 -21.56 -5.54
N ASN B 476 -33.65 -22.54 -6.03
CA ASN B 476 -35.08 -22.37 -5.99
C ASN B 476 -35.68 -22.82 -4.67
N SER B 477 -34.87 -23.37 -3.77
CA SER B 477 -35.40 -23.82 -2.50
C SER B 477 -35.79 -22.66 -1.58
N TYR B 478 -35.52 -21.41 -1.95
CA TYR B 478 -36.15 -20.32 -1.22
C TYR B 478 -37.64 -20.21 -1.54
N ASN B 479 -38.04 -20.68 -2.73
CA ASN B 479 -39.45 -20.87 -3.03
C ASN B 479 -40.00 -22.12 -2.34
N GLU B 480 -39.33 -23.25 -2.51
CA GLU B 480 -39.83 -24.55 -2.07
C GLU B 480 -39.90 -24.70 -0.56
N THR B 481 -39.26 -23.82 0.21
CA THR B 481 -39.37 -23.88 1.67
C THR B 481 -40.30 -22.82 2.24
N GLY B 482 -40.77 -21.87 1.43
CA GLY B 482 -41.68 -20.84 1.88
C GLY B 482 -41.08 -19.49 2.21
N LEU B 483 -39.75 -19.35 2.14
CA LEU B 483 -39.11 -18.12 2.60
C LEU B 483 -39.47 -16.93 1.71
N SER B 484 -39.90 -17.15 0.46
CA SER B 484 -40.20 -16.06 -0.46
C SER B 484 -41.63 -15.54 -0.35
N LYS B 485 -42.53 -16.27 0.32
CA LYS B 485 -43.90 -15.77 0.51
C LYS B 485 -44.01 -14.79 1.67
N ILE B 486 -42.94 -14.63 2.46
CA ILE B 486 -42.96 -13.86 3.70
C ILE B 486 -42.83 -12.36 3.44
N THR B 487 -41.97 -11.98 2.52
CA THR B 487 -41.58 -10.59 2.38
C THR B 487 -42.27 -9.91 1.21
N ASP B 488 -42.36 -8.59 1.29
CA ASP B 488 -42.95 -7.80 0.21
C ASP B 488 -42.25 -8.09 -1.12
N ILE B 489 -40.92 -8.02 -1.15
CA ILE B 489 -40.15 -8.23 -2.37
C ILE B 489 -38.99 -9.16 -2.07
N VAL B 490 -38.29 -9.56 -3.12
CA VAL B 490 -37.29 -10.62 -3.01
C VAL B 490 -36.03 -10.21 -3.77
N GLY B 491 -34.88 -10.55 -3.21
CA GLY B 491 -33.58 -10.28 -3.83
C GLY B 491 -32.95 -11.58 -4.27
N TRP B 492 -32.42 -11.61 -5.48
CA TRP B 492 -31.67 -12.76 -5.95
C TRP B 492 -30.21 -12.37 -6.11
N ASN B 493 -29.34 -13.08 -5.39
CA ASN B 493 -27.89 -12.95 -5.52
C ASN B 493 -27.43 -13.91 -6.61
N LEU B 494 -27.21 -13.40 -7.81
CA LEU B 494 -26.95 -14.24 -8.98
C LEU B 494 -25.51 -14.11 -9.45
N TYR B 495 -24.83 -15.24 -9.62
CA TYR B 495 -23.43 -15.21 -10.06
C TYR B 495 -23.21 -16.10 -11.28
N GLN B 496 -24.20 -16.18 -12.17
CA GLN B 496 -24.04 -17.02 -13.36
C GLN B 496 -22.94 -16.46 -14.24
N GLY B 497 -21.97 -17.30 -14.57
CA GLY B 497 -20.77 -16.82 -15.22
C GLY B 497 -19.62 -16.53 -14.28
N TRP B 498 -19.82 -16.70 -12.97
CA TRP B 498 -18.73 -16.65 -12.01
C TRP B 498 -18.65 -17.98 -11.25
N TYR B 499 -19.53 -18.18 -10.26
CA TYR B 499 -19.56 -19.46 -9.56
C TYR B 499 -20.25 -20.48 -10.46
N GLY B 500 -19.50 -20.93 -11.48
CA GLY B 500 -20.01 -21.90 -12.44
C GLY B 500 -21.10 -21.33 -13.33
N GLY B 501 -21.44 -22.04 -14.39
CA GLY B 501 -22.46 -21.57 -15.29
C GLY B 501 -21.91 -20.71 -16.41
N ASP B 502 -22.84 -20.16 -17.19
CA ASP B 502 -22.56 -19.32 -18.33
C ASP B 502 -23.25 -17.97 -18.15
N LEU B 503 -22.73 -16.94 -18.84
CA LEU B 503 -23.26 -15.59 -18.68
C LEU B 503 -24.74 -15.49 -19.05
N THR B 504 -25.19 -16.25 -20.04
CA THR B 504 -26.57 -16.12 -20.49
C THR B 504 -27.58 -16.84 -19.60
N GLY B 505 -27.13 -17.59 -18.59
CA GLY B 505 -28.04 -18.14 -17.59
C GLY B 505 -28.54 -17.12 -16.58
N PHE B 506 -28.02 -15.90 -16.67
CA PHE B 506 -28.47 -14.83 -15.80
C PHE B 506 -29.88 -14.40 -16.19
N GLU B 507 -30.06 -13.99 -17.45
CA GLU B 507 -31.41 -13.74 -17.94
C GLU B 507 -32.29 -14.97 -17.77
N LYS B 508 -31.74 -16.15 -18.06
CA LYS B 508 -32.55 -17.36 -18.00
C LYS B 508 -33.03 -17.64 -16.58
N PHE B 509 -32.20 -17.36 -15.58
CA PHE B 509 -32.65 -17.59 -14.21
C PHE B 509 -33.73 -16.60 -13.81
N LEU B 510 -33.61 -15.35 -14.26
CA LEU B 510 -34.60 -14.35 -13.90
C LEU B 510 -35.90 -14.56 -14.66
N ALA B 511 -35.82 -14.92 -15.95
CA ALA B 511 -37.02 -15.19 -16.72
C ALA B 511 -37.83 -16.32 -16.10
N GLN B 512 -37.17 -17.45 -15.81
CA GLN B 512 -37.85 -18.58 -15.18
C GLN B 512 -38.39 -18.22 -13.80
N GLN B 513 -37.78 -17.23 -13.13
CA GLN B 513 -38.32 -16.83 -11.84
C GLN B 513 -39.56 -15.96 -11.99
N HIS B 514 -39.59 -15.14 -13.04
CA HIS B 514 -40.76 -14.30 -13.27
C HIS B 514 -41.92 -15.07 -13.91
N GLN B 515 -41.63 -16.18 -14.58
CA GLN B 515 -42.70 -17.01 -15.12
C GLN B 515 -43.39 -17.78 -14.00
N ASN B 516 -42.61 -18.39 -13.10
CA ASN B 516 -43.20 -19.17 -12.02
C ASN B 516 -43.93 -18.28 -11.02
N HIS B 517 -43.28 -17.24 -10.53
CA HIS B 517 -43.76 -16.47 -9.38
C HIS B 517 -43.92 -15.00 -9.79
N PRO B 518 -44.88 -14.70 -10.66
CA PRO B 518 -44.97 -13.34 -11.20
C PRO B 518 -45.38 -12.29 -10.18
N THR B 519 -45.87 -12.69 -9.00
CA THR B 519 -46.31 -11.72 -7.99
C THR B 519 -45.19 -11.28 -7.07
N HIS B 520 -44.04 -11.95 -7.13
CA HIS B 520 -42.86 -11.69 -6.32
C HIS B 520 -41.95 -10.71 -7.04
N PRO B 521 -42.10 -9.41 -6.82
CA PRO B 521 -41.24 -8.46 -7.54
C PRO B 521 -39.78 -8.64 -7.14
N MET B 522 -38.90 -8.67 -8.13
CA MET B 522 -37.53 -9.11 -7.94
C MET B 522 -36.54 -7.96 -8.02
N ILE B 523 -35.54 -8.00 -7.16
CA ILE B 523 -34.33 -7.21 -7.32
C ILE B 523 -33.17 -8.19 -7.45
N VAL B 524 -32.19 -7.86 -8.28
CA VAL B 524 -30.92 -8.57 -8.29
C VAL B 524 -30.06 -7.90 -7.23
N SER B 525 -30.04 -8.49 -6.03
CA SER B 525 -29.45 -7.85 -4.86
C SER B 525 -27.95 -8.09 -4.76
N GLU B 526 -27.38 -8.89 -5.65
CA GLU B 526 -25.93 -9.12 -5.66
C GLU B 526 -25.52 -9.82 -6.95
N TYR B 527 -24.48 -9.29 -7.61
CA TYR B 527 -23.82 -9.88 -8.76
C TYR B 527 -22.41 -9.32 -8.84
N GLY B 528 -21.52 -10.04 -9.50
CA GLY B 528 -20.19 -9.51 -9.77
C GLY B 528 -19.15 -10.60 -9.94
N ALA B 529 -17.94 -10.16 -10.29
CA ALA B 529 -16.82 -11.06 -10.54
C ALA B 529 -15.51 -10.43 -10.09
N GLY B 530 -14.63 -11.23 -9.50
CA GLY B 530 -13.41 -10.69 -8.92
C GLY B 530 -12.34 -10.42 -9.95
N SER B 531 -11.45 -9.49 -9.64
CA SER B 531 -10.43 -9.10 -10.60
C SER B 531 -9.18 -8.66 -9.87
N ASP B 532 -8.01 -8.97 -10.45
CA ASP B 532 -6.74 -8.51 -9.93
C ASP B 532 -6.07 -7.56 -10.93
N LYS B 533 -5.65 -6.39 -10.47
CA LYS B 533 -4.89 -5.50 -11.31
C LYS B 533 -3.64 -6.17 -11.88
N ARG B 534 -3.14 -7.22 -11.21
CA ARG B 534 -1.94 -7.93 -11.66
C ARG B 534 -2.19 -8.83 -12.87
N LEU B 535 -3.46 -9.08 -13.22
CA LEU B 535 -3.85 -10.15 -14.14
C LEU B 535 -4.50 -9.58 -15.41
N HIS B 536 -4.03 -10.03 -16.56
CA HIS B 536 -4.61 -9.58 -17.81
C HIS B 536 -4.63 -10.72 -18.82
N SER B 537 -5.67 -10.75 -19.65
CA SER B 537 -5.87 -11.83 -20.60
C SER B 537 -6.41 -11.28 -21.91
N LEU B 538 -5.97 -11.88 -23.02
CA LEU B 538 -6.60 -11.61 -24.30
C LEU B 538 -7.69 -12.62 -24.62
N HIS B 539 -7.75 -13.71 -23.85
CA HIS B 539 -8.80 -14.72 -23.98
C HIS B 539 -9.41 -14.95 -22.60
N PRO B 540 -10.23 -14.00 -22.13
CA PRO B 540 -10.69 -14.05 -20.73
C PRO B 540 -11.78 -15.07 -20.49
N ARG B 541 -11.64 -15.78 -19.39
CA ARG B 541 -12.61 -16.77 -18.95
C ARG B 541 -12.83 -16.60 -17.46
N ALA B 542 -13.90 -17.17 -16.96
CA ALA B 542 -14.22 -17.02 -15.56
C ALA B 542 -13.17 -17.67 -14.67
N PHE B 543 -12.93 -17.05 -13.53
CA PHE B 543 -12.06 -17.49 -12.45
C PHE B 543 -10.59 -17.40 -12.80
N ASP B 544 -10.24 -16.74 -13.90
CA ASP B 544 -8.85 -16.34 -14.09
C ASP B 544 -8.53 -15.05 -13.35
N PHE B 545 -9.54 -14.35 -12.84
CA PHE B 545 -9.39 -13.13 -12.07
C PHE B 545 -8.79 -11.99 -12.88
N SER B 546 -8.86 -12.06 -14.20
CA SER B 546 -8.34 -11.01 -15.06
C SER B 546 -9.29 -9.81 -15.10
N ILE B 547 -8.69 -8.60 -15.14
CA ILE B 547 -9.46 -7.37 -15.35
C ILE B 547 -10.43 -7.55 -16.49
N GLU B 548 -9.98 -8.21 -17.56
CA GLU B 548 -10.72 -8.28 -18.80
C GLU B 548 -11.98 -9.14 -18.68
N TYR B 549 -11.97 -10.14 -17.78
CA TYR B 549 -13.17 -10.96 -17.60
C TYR B 549 -14.23 -10.27 -16.76
N GLN B 550 -13.84 -9.63 -15.66
CA GLN B 550 -14.81 -8.85 -14.93
C GLN B 550 -15.43 -7.78 -15.83
N GLN B 551 -14.65 -7.22 -16.75
CA GLN B 551 -15.22 -6.30 -17.72
C GLN B 551 -16.23 -7.00 -18.63
N LYS B 552 -15.96 -8.24 -19.03
CA LYS B 552 -16.93 -8.98 -19.83
C LYS B 552 -18.19 -9.29 -19.04
N TYR B 553 -18.02 -9.85 -17.85
CA TYR B 553 -19.15 -10.25 -17.03
C TYR B 553 -20.08 -9.08 -16.76
N LEU B 554 -19.53 -7.93 -16.40
CA LEU B 554 -20.39 -6.79 -16.11
C LEU B 554 -20.91 -6.17 -17.40
N GLU B 555 -20.17 -6.29 -18.50
CA GLU B 555 -20.70 -5.78 -19.76
C GLU B 555 -21.93 -6.56 -20.18
N HIS B 556 -22.06 -7.81 -19.71
CA HIS B 556 -23.24 -8.62 -20.00
C HIS B 556 -24.40 -8.27 -19.08
N TYR B 557 -24.14 -8.20 -17.77
CA TYR B 557 -25.22 -8.06 -16.80
C TYR B 557 -25.92 -6.73 -16.91
N LEU B 558 -25.17 -5.63 -17.09
CA LEU B 558 -25.78 -4.31 -16.94
C LEU B 558 -26.90 -4.03 -17.93
N PRO B 559 -26.81 -4.42 -19.22
CA PRO B 559 -28.00 -4.31 -20.08
C PRO B 559 -29.19 -5.16 -19.63
N VAL B 560 -28.94 -6.36 -19.10
CA VAL B 560 -30.04 -7.19 -18.63
C VAL B 560 -30.81 -6.47 -17.53
N LEU B 561 -30.11 -5.78 -16.65
CA LEU B 561 -30.78 -5.09 -15.55
C LEU B 561 -31.60 -3.91 -16.07
N GLU B 562 -31.12 -3.23 -17.10
CA GLU B 562 -31.82 -2.01 -17.53
C GLU B 562 -32.94 -2.29 -18.52
N ASP B 563 -32.69 -3.16 -19.51
CA ASP B 563 -33.64 -3.36 -20.59
C ASP B 563 -34.72 -4.40 -20.27
N THR B 564 -34.55 -5.20 -19.23
CA THR B 564 -35.64 -6.04 -18.75
C THR B 564 -36.60 -5.20 -17.90
N PRO B 565 -37.92 -5.26 -18.16
CA PRO B 565 -38.84 -4.44 -17.37
C PRO B 565 -39.10 -5.05 -15.99
N TYR B 566 -39.34 -6.37 -15.95
CA TYR B 566 -39.70 -7.08 -14.71
C TYR B 566 -38.52 -7.23 -13.73
N ILE B 567 -37.38 -6.64 -14.05
CA ILE B 567 -36.26 -6.49 -13.14
C ILE B 567 -36.35 -5.08 -12.55
N CYS B 568 -36.59 -5.00 -11.24
CA CYS B 568 -36.68 -3.72 -10.56
C CYS B 568 -35.35 -2.97 -10.50
N GLY B 569 -34.27 -3.60 -10.92
CA GLY B 569 -32.94 -3.05 -10.78
C GLY B 569 -32.04 -4.02 -10.06
N GLY B 570 -30.81 -3.57 -9.83
CA GLY B 570 -29.83 -4.39 -9.14
C GLY B 570 -28.98 -3.59 -8.18
N THR B 571 -28.36 -4.30 -7.25
CA THR B 571 -27.26 -3.79 -6.46
C THR B 571 -26.06 -4.68 -6.70
N HIS B 572 -25.04 -4.11 -7.32
CA HIS B 572 -23.75 -4.77 -7.52
C HIS B 572 -23.14 -5.14 -6.18
N TRP B 573 -22.33 -6.22 -6.19
CA TRP B 573 -21.45 -6.63 -5.11
C TRP B 573 -20.75 -5.42 -4.49
N ASN B 574 -20.24 -5.56 -3.27
CA ASN B 574 -19.73 -4.42 -2.52
C ASN B 574 -18.91 -3.49 -3.39
N PHE B 575 -19.20 -2.20 -3.25
CA PHE B 575 -18.62 -1.17 -4.12
C PHE B 575 -17.10 -1.29 -4.21
N ILE B 576 -16.45 -1.65 -3.10
CA ILE B 576 -15.00 -1.56 -2.96
C ILE B 576 -14.42 -2.92 -2.61
N ASP B 577 -13.16 -3.13 -3.01
CA ASP B 577 -12.40 -4.31 -2.62
C ASP B 577 -12.00 -4.24 -1.15
N PHE B 578 -11.91 -5.40 -0.53
CA PHE B 578 -11.45 -5.47 0.85
C PHE B 578 -10.85 -6.83 1.10
N SER B 579 -10.13 -6.96 2.20
CA SER B 579 -9.47 -8.21 2.56
C SER B 579 -9.98 -8.69 3.91
N SER B 580 -9.78 -9.99 4.17
CA SER B 580 -10.04 -10.56 5.49
C SER B 580 -9.11 -11.75 5.68
N ALA B 581 -8.69 -11.98 6.92
CA ALA B 581 -7.83 -13.12 7.22
C ALA B 581 -8.54 -14.45 6.98
N LEU B 582 -9.83 -14.52 7.33
CA LEU B 582 -10.59 -15.76 7.31
C LEU B 582 -10.88 -16.26 5.89
N ILE B 590 -13.91 -15.15 -1.52
CA ILE B 590 -13.13 -14.25 -2.38
C ILE B 590 -13.74 -12.84 -2.47
N ASN B 591 -12.93 -11.83 -2.13
CA ASN B 591 -13.42 -10.48 -1.85
C ASN B 591 -12.81 -9.40 -2.74
N ASN B 592 -12.69 -9.65 -4.05
CA ASN B 592 -12.17 -8.63 -4.95
C ASN B 592 -13.15 -8.29 -6.08
N LYS B 593 -14.46 -8.50 -5.85
CA LYS B 593 -15.46 -8.36 -6.91
C LYS B 593 -15.95 -6.93 -7.11
N GLY B 594 -15.34 -5.93 -6.47
CA GLY B 594 -15.82 -4.56 -6.49
C GLY B 594 -15.37 -3.76 -7.71
N LEU B 595 -15.87 -2.52 -7.77
CA LEU B 595 -15.57 -1.60 -8.85
C LEU B 595 -14.48 -0.60 -8.51
N VAL B 596 -14.02 -0.57 -7.25
CA VAL B 596 -13.04 0.41 -6.81
C VAL B 596 -12.00 -0.33 -5.98
N TYR B 597 -10.72 -0.10 -6.26
CA TYR B 597 -9.67 -0.80 -5.52
C TYR B 597 -9.67 -0.34 -4.07
N ALA B 598 -9.04 -1.14 -3.21
CA ALA B 598 -9.08 -0.82 -1.78
C ALA B 598 -8.54 0.57 -1.45
N ASP B 599 -7.63 1.10 -2.28
CA ASP B 599 -7.10 2.43 -2.02
C ASP B 599 -7.93 3.53 -2.68
N ARG B 600 -9.15 3.20 -3.10
CA ARG B 600 -10.18 4.15 -3.53
C ARG B 600 -9.92 4.72 -4.92
N THR B 601 -9.03 4.07 -5.68
CA THR B 601 -8.93 4.29 -7.12
C THR B 601 -10.00 3.46 -7.83
N PRO B 602 -10.81 4.05 -8.69
CA PRO B 602 -11.78 3.24 -9.42
C PRO B 602 -11.07 2.32 -10.39
N LYS B 603 -11.56 1.09 -10.45
CA LYS B 603 -11.21 0.21 -11.54
C LYS B 603 -11.70 0.84 -12.85
N ASP B 604 -11.11 0.41 -13.96
CA ASP B 604 -11.53 0.90 -15.25
C ASP B 604 -13.04 0.77 -15.39
N VAL B 605 -13.56 -0.42 -15.06
CA VAL B 605 -14.95 -0.73 -15.25
C VAL B 605 -15.88 0.17 -14.44
N TYR B 606 -15.35 0.90 -13.46
CA TYR B 606 -16.17 1.94 -12.84
C TYR B 606 -16.76 2.81 -13.92
N HIS B 607 -15.93 3.24 -14.86
CA HIS B 607 -16.37 4.20 -15.86
C HIS B 607 -17.37 3.60 -16.83
N TYR B 608 -17.50 2.28 -16.88
CA TYR B 608 -18.53 1.66 -17.71
C TYR B 608 -19.92 1.95 -17.13
N TYR B 609 -20.09 1.74 -15.83
CA TYR B 609 -21.31 2.19 -15.17
C TYR B 609 -21.51 3.68 -15.38
N GLN B 610 -20.47 4.49 -15.16
CA GLN B 610 -20.62 5.93 -15.27
C GLN B 610 -21.08 6.34 -16.66
N ALA B 611 -20.54 5.71 -17.68
CA ALA B 611 -20.99 6.00 -19.04
C ALA B 611 -22.47 5.70 -19.22
N ALA B 612 -22.95 4.62 -18.61
CA ALA B 612 -24.31 4.14 -18.81
C ALA B 612 -25.32 4.78 -17.88
N TRP B 613 -24.88 5.44 -16.81
CA TRP B 613 -25.81 5.95 -15.82
C TRP B 613 -25.77 7.47 -15.68
N ARG B 614 -24.84 8.15 -16.31
CA ARG B 614 -24.78 9.61 -16.27
C ARG B 614 -24.97 10.10 -17.70
N LYS B 615 -26.21 10.49 -18.05
CA LYS B 615 -26.44 11.24 -19.29
C LYS B 615 -26.01 12.69 -19.20
N ASP B 616 -25.99 13.28 -17.99
CA ASP B 616 -25.89 14.74 -17.85
C ASP B 616 -24.50 15.28 -18.22
N ILE B 617 -23.44 14.49 -18.05
CA ILE B 617 -22.07 14.92 -18.38
C ILE B 617 -21.39 13.95 -19.34
N PRO B 618 -20.42 14.41 -20.16
CA PRO B 618 -19.77 13.48 -21.09
C PRO B 618 -18.75 12.63 -20.35
N VAL B 619 -18.77 11.33 -20.64
CA VAL B 619 -17.85 10.37 -20.04
C VAL B 619 -16.94 9.82 -21.12
N LEU B 620 -15.64 9.91 -20.91
CA LEU B 620 -14.68 9.39 -21.89
C LEU B 620 -13.46 8.88 -21.14
N HIS B 621 -13.38 7.56 -20.98
CA HIS B 621 -12.33 6.96 -20.15
C HIS B 621 -11.54 5.97 -20.99
N ILE B 622 -10.24 6.20 -21.13
CA ILE B 622 -9.39 5.17 -21.73
C ILE B 622 -9.22 4.06 -20.70
N ALA B 623 -9.90 2.93 -20.91
CA ALA B 623 -10.01 1.92 -19.87
C ALA B 623 -8.75 1.06 -19.80
N SER B 624 -7.65 1.74 -19.47
CA SER B 624 -6.34 1.10 -19.33
C SER B 624 -5.57 1.63 -18.12
N ARG B 625 -6.25 2.22 -17.13
CA ARG B 625 -5.56 2.56 -15.88
C ARG B 625 -5.15 1.29 -15.16
N ASP B 626 -5.97 0.24 -15.28
CA ASP B 626 -5.72 -1.06 -14.70
C ASP B 626 -4.53 -1.76 -15.35
N TRP B 627 -3.91 -1.17 -16.38
CA TRP B 627 -2.99 -1.89 -17.26
C TRP B 627 -1.88 -0.96 -17.76
N THR B 628 -1.15 -0.36 -16.84
CA THR B 628 -0.09 0.53 -17.25
C THR B 628 1.26 -0.16 -17.36
N ASP B 629 1.34 -1.46 -17.08
CA ASP B 629 2.57 -2.26 -17.25
C ASP B 629 2.29 -3.35 -18.27
N ARG B 630 2.37 -3.00 -19.55
CA ARG B 630 2.04 -3.91 -20.63
C ARG B 630 3.29 -4.54 -21.22
N ALA B 631 3.11 -5.72 -21.82
CA ALA B 631 4.19 -6.51 -22.38
C ALA B 631 3.59 -7.58 -23.28
N GLY B 632 4.23 -7.84 -24.42
CA GLY B 632 3.79 -8.87 -25.33
C GLY B 632 4.94 -9.44 -26.13
N VAL B 633 4.68 -10.54 -26.80
CA VAL B 633 5.71 -11.19 -27.61
C VAL B 633 5.72 -10.56 -29.01
N GLN B 634 6.92 -10.32 -29.53
CA GLN B 634 7.12 -9.55 -30.75
C GLN B 634 7.83 -10.40 -31.81
N GLN B 635 7.41 -10.27 -33.07
CA GLN B 635 8.09 -10.92 -34.18
C GLN B 635 9.11 -9.96 -34.77
N GLY B 636 10.40 -10.30 -34.65
CA GLY B 636 11.45 -9.44 -35.15
C GLY B 636 11.27 -8.01 -34.70
N ASN B 637 10.79 -7.17 -35.60
CA ASN B 637 10.42 -5.80 -35.27
C ASN B 637 8.95 -5.51 -35.58
N ALA B 638 8.16 -6.54 -35.86
CA ALA B 638 6.72 -6.40 -36.11
C ALA B 638 6.01 -5.89 -34.85
N PRO B 639 5.43 -4.69 -34.87
CA PRO B 639 4.76 -4.16 -33.67
C PRO B 639 3.77 -5.16 -33.06
N VAL B 640 3.57 -5.03 -31.76
CA VAL B 640 2.70 -5.90 -30.98
C VAL B 640 1.33 -5.25 -30.86
N TYR B 641 0.28 -6.04 -30.98
CA TYR B 641 -1.07 -5.49 -30.83
C TYR B 641 -1.70 -6.05 -29.56
N LEU B 642 -1.98 -5.17 -28.62
CA LEU B 642 -2.75 -5.47 -27.44
C LEU B 642 -3.98 -4.58 -27.38
N PRO B 643 -5.14 -5.13 -27.01
CA PRO B 643 -6.36 -4.31 -27.01
C PRO B 643 -6.29 -3.18 -25.99
N VAL B 644 -6.74 -2.01 -26.41
CA VAL B 644 -6.94 -0.88 -25.52
C VAL B 644 -8.42 -0.53 -25.57
N LYS B 645 -9.12 -0.71 -24.46
CA LYS B 645 -10.55 -0.49 -24.45
C LYS B 645 -10.86 0.94 -24.05
N ILE B 646 -12.06 1.40 -24.41
CA ILE B 646 -12.52 2.75 -24.06
C ILE B 646 -13.95 2.63 -23.55
N TYR B 647 -14.24 3.26 -22.41
CA TYR B 647 -15.61 3.37 -21.91
C TYR B 647 -16.03 4.81 -22.11
N THR B 648 -17.15 5.02 -22.80
CA THR B 648 -17.65 6.36 -23.06
C THR B 648 -19.16 6.34 -23.23
N ASN B 649 -19.76 7.53 -23.19
CA ASN B 649 -21.13 7.71 -23.62
C ASN B 649 -21.22 8.63 -24.85
N LEU B 650 -20.15 8.64 -25.66
CA LEU B 650 -20.11 9.35 -26.93
C LEU B 650 -20.38 8.37 -28.07
N SER B 651 -20.98 8.87 -29.15
CA SER B 651 -21.38 7.94 -30.19
C SER B 651 -20.19 7.35 -30.92
N GLU B 652 -19.12 8.12 -31.08
CA GLU B 652 -17.91 7.62 -31.71
C GLU B 652 -16.72 8.35 -31.12
N VAL B 653 -15.56 7.71 -31.18
CA VAL B 653 -14.35 8.18 -30.52
C VAL B 653 -13.13 7.81 -31.34
N GLU B 654 -12.12 8.65 -31.28
CA GLU B 654 -10.86 8.45 -31.98
C GLU B 654 -9.79 8.11 -30.96
N LEU B 655 -8.92 7.14 -31.28
CA LEU B 655 -7.83 6.81 -30.38
C LEU B 655 -6.50 7.03 -31.10
N PHE B 656 -5.63 7.83 -30.51
CA PHE B 656 -4.30 8.08 -31.02
C PHE B 656 -3.28 7.41 -30.12
N ILE B 657 -2.09 7.13 -30.66
CA ILE B 657 -0.96 6.63 -29.87
C ILE B 657 0.29 7.27 -30.42
N ASP B 658 1.03 7.98 -29.57
CA ASP B 658 2.17 8.79 -30.00
C ASP B 658 1.78 9.67 -31.18
N GLY B 659 0.55 10.20 -31.14
CA GLY B 659 0.14 11.17 -32.13
C GLY B 659 -0.31 10.61 -33.47
N ILE B 660 -0.66 9.34 -33.53
CA ILE B 660 -0.95 8.66 -34.80
C ILE B 660 -2.36 8.09 -34.70
N SER B 661 -3.30 8.68 -35.42
CA SER B 661 -4.69 8.31 -35.25
C SER B 661 -4.89 6.84 -35.61
N LEU B 662 -5.48 6.08 -34.70
CA LEU B 662 -5.82 4.69 -34.95
C LEU B 662 -7.22 4.54 -35.49
N GLY B 663 -7.80 5.61 -36.03
CA GLY B 663 -9.10 5.55 -36.65
C GLY B 663 -10.21 6.02 -35.73
N LYS B 664 -11.43 6.10 -36.28
CA LYS B 664 -12.63 6.40 -35.53
C LYS B 664 -13.44 5.12 -35.36
N GLN B 665 -14.15 5.01 -34.25
CA GLN B 665 -14.93 3.81 -33.99
C GLN B 665 -16.27 4.17 -33.39
N LYS B 666 -17.33 3.59 -33.94
CA LYS B 666 -18.66 3.77 -33.37
C LYS B 666 -18.73 2.96 -32.07
N THR B 667 -19.41 3.51 -31.07
CA THR B 667 -19.50 2.84 -29.78
C THR B 667 -20.77 2.03 -29.69
N GLU B 668 -20.67 0.86 -29.07
CA GLU B 668 -21.84 0.02 -28.79
C GLU B 668 -21.71 -0.51 -27.37
N ASN B 669 -22.77 -0.30 -26.58
CA ASN B 669 -22.77 -0.60 -25.15
C ASN B 669 -21.68 0.18 -24.43
N TYR B 670 -21.56 1.46 -24.77
CA TYR B 670 -20.73 2.43 -24.06
C TYR B 670 -19.25 2.08 -24.11
N THR B 671 -18.88 1.07 -24.89
CA THR B 671 -17.53 0.56 -24.97
C THR B 671 -17.05 0.61 -26.42
N ALA B 672 -15.74 0.56 -26.60
CA ALA B 672 -15.08 0.46 -27.89
C ALA B 672 -13.70 -0.10 -27.64
N THR B 673 -13.21 -0.98 -28.53
CA THR B 673 -11.89 -1.58 -28.40
C THR B 673 -11.05 -1.32 -29.63
N PHE B 674 -9.81 -0.85 -29.41
CA PHE B 674 -8.80 -0.67 -30.46
C PHE B 674 -7.69 -1.70 -30.31
N GLU B 675 -7.25 -2.26 -31.43
CA GLU B 675 -6.01 -3.03 -31.45
C GLU B 675 -4.88 -2.03 -31.64
N VAL B 676 -4.15 -1.78 -30.56
CA VAL B 676 -3.11 -0.75 -30.56
C VAL B 676 -1.76 -1.38 -30.84
N PRO B 677 -1.02 -0.83 -31.80
CA PRO B 677 0.32 -1.33 -32.10
C PRO B 677 1.40 -0.77 -31.18
N PHE B 678 1.61 -1.40 -30.04
CA PHE B 678 2.66 -1.01 -29.10
C PHE B 678 4.02 -1.41 -29.64
N SER B 679 4.98 -0.51 -29.50
CA SER B 679 6.29 -0.63 -30.15
C SER B 679 7.27 0.17 -29.32
N ASN B 680 7.24 1.49 -29.48
CA ASN B 680 7.91 2.43 -28.60
C ASN B 680 7.59 2.10 -27.14
N ARG B 681 8.53 2.41 -26.24
CA ARG B 681 8.48 1.94 -24.85
C ARG B 681 7.68 2.85 -23.90
N ASN B 682 7.60 4.15 -24.14
CA ASN B 682 6.79 5.05 -23.34
C ASN B 682 5.70 5.67 -24.21
N PRO B 683 4.76 4.86 -24.68
CA PRO B 683 3.73 5.38 -25.57
C PRO B 683 2.80 6.31 -24.81
N PHE B 684 1.93 6.97 -25.56
CA PHE B 684 1.04 7.97 -24.98
C PHE B 684 -0.35 7.87 -25.63
N LEU B 685 -1.29 7.22 -24.93
CA LEU B 685 -2.63 7.02 -25.47
C LEU B 685 -3.49 8.27 -25.27
N PHE B 686 -4.26 8.63 -26.30
CA PHE B 686 -5.05 9.85 -26.31
C PHE B 686 -6.31 9.59 -27.10
N ALA B 687 -7.45 9.87 -26.50
CA ALA B 687 -8.73 9.66 -27.14
C ALA B 687 -9.54 10.94 -27.09
N GLN B 688 -10.34 11.19 -28.13
CA GLN B 688 -11.26 12.32 -28.11
C GLN B 688 -12.54 12.00 -28.89
N GLY B 689 -13.46 12.97 -28.88
CA GLY B 689 -14.77 12.82 -29.47
C GLY B 689 -15.62 14.02 -29.07
N ASN B 690 -16.89 13.98 -29.47
CA ASN B 690 -17.78 15.12 -29.27
C ASN B 690 -19.03 14.75 -28.49
N TYR B 691 -19.55 15.73 -27.74
CA TYR B 691 -20.76 15.55 -26.93
C TYR B 691 -21.40 16.92 -26.74
N GLN B 692 -22.69 17.03 -27.07
CA GLN B 692 -23.47 18.24 -26.82
C GLN B 692 -22.74 19.49 -27.31
N GLY B 693 -22.15 19.41 -28.51
CA GLY B 693 -21.43 20.52 -29.09
C GLY B 693 -19.93 20.61 -28.78
N LYS B 694 -19.54 20.31 -27.54
CA LYS B 694 -18.16 20.53 -27.15
C LYS B 694 -17.31 19.26 -27.32
N THR B 695 -15.98 19.46 -27.31
CA THR B 695 -14.99 18.41 -27.52
C THR B 695 -14.48 17.86 -26.19
N VAL B 696 -14.38 16.54 -26.10
CA VAL B 696 -14.06 15.83 -24.86
C VAL B 696 -12.83 14.97 -25.09
N GLN B 697 -11.83 15.08 -24.21
CA GLN B 697 -10.58 14.35 -24.41
C GLN B 697 -10.16 13.62 -23.15
N ASP B 698 -9.29 12.62 -23.34
CA ASP B 698 -8.64 11.91 -22.24
C ASP B 698 -7.22 11.55 -22.65
N GLY B 699 -6.38 11.30 -21.66
CA GLY B 699 -4.99 11.00 -21.93
C GLY B 699 -4.36 10.19 -20.82
N LEU B 700 -3.31 9.48 -21.18
CA LEU B 700 -2.68 8.55 -20.26
C LEU B 700 -1.38 8.03 -20.86
N ARG B 701 -0.34 7.92 -20.05
CA ARG B 701 0.95 7.34 -20.44
C ARG B 701 1.11 5.96 -19.83
N ILE B 702 1.51 4.98 -20.63
CA ILE B 702 1.75 3.65 -20.09
C ILE B 702 3.18 3.22 -20.38
N ASN B 703 3.54 2.06 -19.81
CA ASN B 703 4.81 1.41 -20.02
C ASN B 703 4.58 0.14 -20.84
N PHE B 704 5.38 -0.05 -21.88
CA PHE B 704 5.33 -1.26 -22.69
C PHE B 704 6.73 -1.83 -22.85
N THR B 705 6.84 -3.15 -22.73
CA THR B 705 8.11 -3.85 -22.92
C THR B 705 7.91 -4.97 -23.92
N PRO B 706 8.70 -5.04 -25.00
CA PRO B 706 8.57 -6.15 -25.95
C PRO B 706 9.52 -7.29 -25.61
N ILE B 707 9.08 -8.51 -25.93
CA ILE B 707 9.81 -9.73 -25.62
C ILE B 707 10.01 -10.49 -26.92
N PRO B 708 11.21 -10.98 -27.20
CA PRO B 708 11.47 -11.63 -28.49
C PRO B 708 10.74 -12.95 -28.64
N ALA B 709 10.32 -13.23 -29.87
CA ALA B 709 9.76 -14.55 -30.17
C ALA B 709 10.85 -15.55 -30.47
N CYS B 710 11.98 -15.05 -30.96
CA CYS B 710 13.10 -15.87 -31.42
C CYS B 710 14.36 -15.31 -30.78
N LEU B 711 14.93 -16.05 -29.84
CA LEU B 711 16.04 -15.55 -29.05
C LEU B 711 17.32 -15.63 -29.85
N ASP B 712 17.83 -14.49 -30.31
CA ASP B 712 19.22 -14.39 -30.73
C ASP B 712 20.00 -13.76 -29.59
N ALA B 713 21.27 -13.48 -29.81
CA ALA B 713 22.11 -13.04 -28.70
C ALA B 713 22.07 -11.53 -28.46
N ASN B 714 21.55 -10.73 -29.38
CA ASN B 714 21.34 -9.33 -29.07
C ASN B 714 20.14 -9.15 -28.15
N ASN B 715 19.00 -9.73 -28.53
CA ASN B 715 17.73 -9.55 -27.81
C ASN B 715 17.67 -10.34 -26.52
N LEU B 716 18.69 -11.10 -26.16
CA LEU B 716 18.73 -11.79 -24.89
C LEU B 716 19.36 -10.97 -23.79
N LYS B 717 19.94 -9.81 -24.10
CA LYS B 717 20.77 -9.07 -23.15
C LYS B 717 19.93 -8.09 -22.35
N GLY B 718 20.00 -8.21 -21.03
CA GLY B 718 19.11 -7.45 -20.18
C GLY B 718 17.70 -8.00 -20.16
N LEU B 719 17.50 -9.19 -20.69
CA LEU B 719 16.20 -9.83 -20.76
C LEU B 719 16.04 -10.83 -19.63
N GLU B 720 14.83 -10.89 -19.08
CA GLU B 720 14.45 -11.82 -18.03
C GLU B 720 13.16 -12.41 -18.57
N LEU B 721 13.23 -13.55 -19.24
CA LEU B 721 12.07 -14.14 -19.93
C LEU B 721 11.28 -15.00 -18.95
N ALA B 722 10.11 -14.49 -18.53
CA ALA B 722 9.31 -15.13 -17.51
C ALA B 722 7.95 -15.53 -18.10
N VAL B 723 7.54 -16.76 -17.82
CA VAL B 723 6.36 -17.36 -18.44
C VAL B 723 5.47 -17.91 -17.35
N ASN B 724 4.16 -17.59 -17.45
CA ASN B 724 3.17 -18.02 -16.47
C ASN B 724 2.59 -19.35 -16.97
N VAL B 725 3.34 -20.42 -16.67
CA VAL B 725 3.09 -21.73 -17.27
C VAL B 725 1.68 -22.21 -16.95
N GLY B 726 0.97 -22.66 -17.98
CA GLY B 726 -0.33 -23.26 -17.78
C GLY B 726 -1.46 -22.27 -17.57
N SER B 727 -1.25 -21.01 -17.90
CA SER B 727 -2.23 -19.96 -17.75
C SER B 727 -2.27 -19.14 -19.04
N GLN B 728 -3.37 -18.43 -19.27
CA GLN B 728 -3.45 -17.55 -20.43
C GLN B 728 -3.44 -16.08 -20.02
N CYS B 729 -2.77 -15.76 -18.91
CA CYS B 729 -2.79 -14.44 -18.31
C CYS B 729 -1.41 -13.83 -18.18
N PHE B 730 -1.32 -12.53 -18.44
CA PHE B 730 -0.16 -11.72 -18.05
C PHE B 730 -0.23 -11.44 -16.56
N PHE B 731 0.70 -11.97 -15.77
CA PHE B 731 0.78 -11.66 -14.35
C PHE B 731 1.90 -10.66 -14.11
N THR B 732 1.62 -9.59 -13.38
CA THR B 732 2.63 -8.57 -13.06
C THR B 732 2.98 -8.66 -11.58
N SER B 733 4.24 -8.97 -11.31
CA SER B 733 4.67 -9.48 -10.02
C SER B 733 4.90 -8.36 -9.01
N ASP B 734 4.54 -8.63 -7.76
CA ASP B 734 4.86 -7.72 -6.66
C ASP B 734 6.21 -8.01 -6.03
N GLU B 735 6.66 -9.27 -6.05
CA GLU B 735 8.05 -9.56 -5.70
C GLU B 735 9.02 -8.79 -6.58
N SER B 736 8.80 -8.83 -7.90
CA SER B 736 9.81 -8.47 -8.89
C SER B 736 9.44 -7.35 -9.84
N GLN B 737 8.17 -7.00 -9.95
CA GLN B 737 7.65 -6.11 -11.00
C GLN B 737 7.94 -6.62 -12.41
N LEU B 738 8.41 -7.86 -12.57
CA LEU B 738 8.46 -8.49 -13.88
C LEU B 738 7.05 -8.86 -14.31
N THR B 739 6.78 -8.77 -15.61
CA THR B 739 5.54 -9.28 -16.15
C THR B 739 5.75 -10.71 -16.64
N TRP B 740 5.23 -11.68 -15.89
CA TRP B 740 5.29 -13.07 -16.28
C TRP B 740 4.29 -13.33 -17.41
N LEU B 741 4.79 -13.79 -18.55
CA LEU B 741 4.03 -13.86 -19.80
C LEU B 741 3.13 -15.09 -19.88
N PRO B 742 2.15 -15.08 -20.77
CA PRO B 742 1.31 -16.28 -20.94
C PRO B 742 2.07 -17.41 -21.61
N ASP B 743 1.73 -18.62 -21.19
CA ASP B 743 2.25 -19.84 -21.77
C ASP B 743 1.93 -19.92 -23.26
N GLN B 744 2.91 -20.38 -24.04
CA GLN B 744 2.75 -20.55 -25.47
C GLN B 744 3.41 -21.87 -25.87
N PRO B 745 2.89 -22.55 -26.89
CA PRO B 745 3.44 -23.85 -27.25
C PRO B 745 4.71 -23.69 -28.07
N TYR B 746 5.69 -24.57 -27.80
CA TYR B 746 7.00 -24.46 -28.43
C TYR B 746 6.90 -24.62 -29.94
N ALA B 747 7.44 -23.63 -30.67
CA ALA B 747 7.56 -23.66 -32.11
C ALA B 747 9.04 -23.51 -32.49
N ALA B 748 9.46 -24.21 -33.54
CA ALA B 748 10.86 -24.14 -33.98
C ALA B 748 11.31 -22.69 -34.15
N GLY B 749 12.52 -22.40 -33.66
CA GLY B 749 13.04 -21.05 -33.62
C GLY B 749 12.63 -20.25 -32.40
N SER B 750 11.54 -20.65 -31.72
CA SER B 750 11.03 -19.87 -30.60
C SER B 750 11.19 -20.60 -29.26
N TRP B 751 10.15 -20.52 -28.44
CA TRP B 751 10.19 -21.11 -27.10
C TRP B 751 8.77 -21.44 -26.67
N GLY B 752 8.66 -22.39 -25.74
CA GLY B 752 7.37 -22.69 -25.17
C GLY B 752 7.34 -24.07 -24.54
N TYR B 753 6.13 -24.51 -24.23
CA TYR B 753 5.91 -25.77 -23.55
C TYR B 753 5.77 -26.91 -24.55
N ILE B 754 5.98 -28.12 -24.04
CA ILE B 754 5.79 -29.35 -24.79
C ILE B 754 4.98 -30.26 -23.90
N GLY B 755 3.75 -30.57 -24.33
CA GLY B 755 2.88 -31.49 -23.62
C GLY B 755 1.94 -30.80 -22.65
N GLY B 756 1.29 -31.62 -21.82
CA GLY B 756 0.45 -31.15 -20.73
C GLY B 756 -0.85 -30.45 -21.05
N LYS B 757 -1.63 -30.16 -20.00
CA LYS B 757 -2.89 -29.44 -20.09
C LYS B 757 -3.04 -28.47 -18.91
N GLU B 758 -3.90 -27.48 -19.10
CA GLU B 758 -4.02 -26.42 -18.11
C GLU B 758 -4.70 -26.93 -16.84
N GLY B 759 -4.15 -26.54 -15.71
CA GLY B 759 -4.71 -26.92 -14.42
C GLY B 759 -4.83 -25.71 -13.51
N THR B 760 -5.93 -25.67 -12.75
CA THR B 760 -6.25 -24.53 -11.90
C THR B 760 -6.55 -25.00 -10.49
N ALA B 761 -6.17 -24.20 -9.51
CA ALA B 761 -6.56 -24.42 -8.13
C ALA B 761 -6.95 -23.07 -7.55
N GLN B 762 -7.61 -23.08 -6.39
CA GLN B 762 -8.17 -21.86 -5.82
C GLN B 762 -7.82 -21.68 -4.34
N THR B 763 -6.82 -22.39 -3.84
CA THR B 763 -6.46 -22.28 -2.44
C THR B 763 -5.42 -21.19 -2.20
N GLU B 764 -5.44 -20.62 -1.00
CA GLU B 764 -4.34 -19.79 -0.52
C GLU B 764 -3.01 -20.55 -0.64
N ILE B 765 -2.11 -20.04 -1.47
CA ILE B 765 -0.75 -20.59 -1.60
C ILE B 765 0.15 -19.86 -0.63
N GLN B 766 0.74 -20.60 0.30
CA GLN B 766 1.58 -19.97 1.30
C GLN B 766 3.00 -19.81 0.77
N ASN B 767 3.77 -18.96 1.45
CA ASN B 767 5.18 -18.67 1.18
C ASN B 767 5.42 -17.83 -0.07
N THR B 768 4.41 -17.09 -0.57
CA THR B 768 4.70 -16.19 -1.68
C THR B 768 3.68 -15.07 -1.77
N ALA B 769 4.15 -13.92 -2.25
CA ALA B 769 3.25 -12.83 -2.54
C ALA B 769 2.61 -12.99 -3.91
N ASP B 770 3.24 -13.77 -4.80
CA ASP B 770 2.74 -13.94 -6.16
C ASP B 770 1.77 -15.11 -6.26
N GLY B 771 0.85 -15.19 -5.31
CA GLY B 771 -0.17 -16.21 -5.27
C GLY B 771 -0.69 -16.69 -6.61
N PRO B 772 -1.14 -15.77 -7.47
CA PRO B 772 -1.75 -16.22 -8.73
C PRO B 772 -0.80 -16.94 -9.68
N LEU B 773 0.50 -16.64 -9.61
CA LEU B 773 1.43 -17.31 -10.53
C LEU B 773 1.53 -18.80 -10.23
N PHE B 774 1.57 -19.14 -8.93
CA PHE B 774 1.61 -20.52 -8.49
C PHE B 774 0.26 -21.22 -8.63
N GLN B 775 -0.84 -20.48 -8.72
CA GLN B 775 -2.19 -21.05 -8.72
C GLN B 775 -2.62 -21.58 -10.06
N THR B 776 -1.76 -21.56 -11.08
CA THR B 776 -2.08 -22.19 -12.34
C THR B 776 -0.81 -22.86 -12.85
N LEU B 777 -0.94 -24.13 -13.25
CA LEU B 777 0.18 -24.93 -13.73
C LEU B 777 -0.17 -25.62 -15.04
N ARG B 778 0.86 -26.17 -15.66
CA ARG B 778 0.70 -27.16 -16.73
C ARG B 778 0.94 -28.54 -16.14
N ASN B 779 -0.03 -29.43 -16.28
CA ASN B 779 0.01 -30.77 -15.71
C ASN B 779 0.11 -31.81 -16.82
N GLU B 780 0.79 -32.93 -16.51
CA GLU B 780 1.25 -33.90 -17.52
C GLU B 780 2.18 -33.23 -18.52
N ILE B 781 3.02 -32.32 -18.02
CA ILE B 781 3.94 -31.59 -18.88
C ILE B 781 5.08 -32.53 -19.29
N GLU B 782 5.51 -32.43 -20.55
CA GLU B 782 6.60 -33.29 -21.04
C GLU B 782 7.95 -32.59 -20.96
N GLY B 783 8.00 -31.33 -21.39
CA GLY B 783 9.19 -30.54 -21.19
C GLY B 783 8.92 -29.09 -21.57
N TYR B 784 9.96 -28.27 -21.40
CA TYR B 784 9.93 -26.87 -21.81
C TYR B 784 11.23 -26.53 -22.54
N ARG B 785 11.11 -25.72 -23.61
CA ARG B 785 12.20 -25.53 -24.54
C ARG B 785 12.31 -24.09 -25.02
N PHE B 786 13.53 -23.55 -24.96
CA PHE B 786 13.88 -22.26 -25.56
C PHE B 786 14.95 -22.47 -26.61
N ASP B 787 14.71 -22.02 -27.84
CA ASP B 787 15.72 -22.06 -28.90
C ASP B 787 16.65 -20.87 -28.69
N ALA B 788 17.73 -21.08 -27.93
CA ALA B 788 18.62 -20.01 -27.47
C ALA B 788 20.09 -20.36 -27.70
N PRO B 789 20.92 -19.37 -28.03
CA PRO B 789 22.34 -19.64 -28.33
C PRO B 789 23.10 -20.20 -27.14
N GLN B 790 24.35 -20.56 -27.39
CA GLN B 790 25.19 -21.08 -26.33
C GLN B 790 25.61 -19.96 -25.39
N GLY B 791 25.70 -20.30 -24.12
CA GLY B 791 26.12 -19.35 -23.11
C GLY B 791 25.92 -19.99 -21.75
N VAL B 792 25.93 -19.16 -20.72
CA VAL B 792 25.52 -19.57 -19.39
C VAL B 792 24.19 -18.90 -19.08
N TYR B 793 23.25 -19.66 -18.52
CA TYR B 793 21.90 -19.19 -18.26
C TYR B 793 21.49 -19.50 -16.84
N GLU B 794 20.73 -18.59 -16.23
CA GLU B 794 20.00 -18.87 -14.99
C GLU B 794 18.60 -19.29 -15.36
N ILE B 795 18.18 -20.43 -14.83
CA ILE B 795 16.83 -20.92 -15.00
C ILE B 795 16.21 -21.04 -13.62
N GLU B 796 15.01 -20.46 -13.49
CA GLU B 796 14.20 -20.63 -12.30
C GLU B 796 12.99 -21.45 -12.71
N LEU B 797 12.65 -22.43 -11.89
CA LEU B 797 11.43 -23.22 -12.09
C LEU B 797 10.55 -23.08 -10.87
N LEU B 798 9.25 -22.97 -11.08
CA LEU B 798 8.25 -22.73 -10.04
C LEU B 798 7.24 -23.87 -9.99
N PHE B 799 7.12 -24.51 -8.82
CA PHE B 799 6.13 -25.56 -8.59
C PHE B 799 5.31 -25.28 -7.35
N THR B 800 4.12 -25.88 -7.32
CA THR B 800 3.27 -26.00 -6.13
C THR B 800 2.36 -27.21 -6.32
N ASP B 801 2.48 -28.22 -5.46
CA ASP B 801 1.61 -29.38 -5.61
C ASP B 801 0.21 -29.01 -5.13
N ILE B 802 -0.78 -29.23 -5.99
CA ILE B 802 -2.15 -28.79 -5.70
C ILE B 802 -3.13 -29.94 -5.77
N PHE B 803 -2.67 -31.15 -5.51
CA PHE B 803 -3.47 -32.35 -5.70
C PHE B 803 -3.52 -33.13 -4.40
N ARG B 804 -4.22 -32.56 -3.42
CA ARG B 804 -4.41 -33.21 -2.12
C ARG B 804 -5.34 -34.43 -2.25
N ARG B 822 -1.58 -41.83 -5.86
CA ARG B 822 -0.16 -41.83 -5.56
C ARG B 822 0.43 -40.42 -5.69
N GLU B 823 1.24 -40.01 -4.73
CA GLU B 823 1.81 -38.66 -4.69
C GLU B 823 2.67 -38.39 -5.91
N SER B 824 2.74 -37.12 -6.30
CA SER B 824 3.37 -36.71 -7.56
C SER B 824 4.86 -36.48 -7.35
N THR B 825 5.69 -37.31 -7.99
CA THR B 825 7.14 -37.25 -7.92
C THR B 825 7.72 -37.45 -9.32
N PHE B 826 8.74 -36.65 -9.67
CA PHE B 826 9.29 -36.71 -11.01
C PHE B 826 10.73 -36.22 -11.01
N GLY B 827 11.41 -36.40 -12.14
CA GLY B 827 12.77 -35.91 -12.31
C GLY B 827 12.88 -34.90 -13.43
N ILE B 828 13.90 -34.05 -13.41
CA ILE B 828 14.05 -32.99 -14.40
C ILE B 828 15.43 -33.10 -15.03
N SER B 829 15.50 -32.82 -16.33
CA SER B 829 16.76 -32.85 -17.06
C SER B 829 16.80 -31.65 -17.99
N ILE B 830 18.01 -31.19 -18.29
CA ILE B 830 18.20 -30.07 -19.21
C ILE B 830 19.25 -30.47 -20.22
N ASN B 831 18.89 -30.45 -21.50
CA ASN B 831 19.82 -30.81 -22.57
C ASN B 831 20.43 -32.18 -22.32
N GLY B 832 19.59 -33.10 -21.81
CA GLY B 832 19.98 -34.47 -21.59
C GLY B 832 20.82 -34.75 -20.37
N GLU B 833 21.01 -33.78 -19.47
CA GLU B 833 21.74 -34.02 -18.23
C GLU B 833 20.87 -33.71 -17.03
N VAL B 834 20.89 -34.60 -16.05
CA VAL B 834 19.92 -34.59 -14.95
C VAL B 834 20.29 -33.52 -13.92
N VAL B 835 19.40 -32.54 -13.73
CA VAL B 835 19.55 -31.56 -12.67
C VAL B 835 18.79 -31.95 -11.40
N GLU B 836 17.80 -32.83 -11.50
CA GLU B 836 17.05 -33.30 -10.34
C GLU B 836 16.63 -34.74 -10.57
N GLU B 837 17.07 -35.63 -9.69
CA GLU B 837 16.84 -37.06 -9.85
C GLU B 837 15.43 -37.45 -9.41
N SER B 838 15.01 -36.95 -8.25
CA SER B 838 13.63 -37.17 -7.81
C SER B 838 13.18 -35.94 -7.06
N LEU B 839 12.31 -35.16 -7.67
CA LEU B 839 11.71 -33.98 -7.05
C LEU B 839 10.27 -34.29 -6.71
N SER B 840 9.90 -34.12 -5.45
CA SER B 840 8.53 -34.37 -4.98
C SER B 840 8.06 -33.14 -4.22
N PRO B 841 7.41 -32.20 -4.91
CA PRO B 841 7.07 -30.93 -4.26
C PRO B 841 6.29 -31.05 -2.96
N CYS B 842 5.50 -32.12 -2.78
CA CYS B 842 4.65 -32.23 -1.59
C CYS B 842 5.32 -32.88 -0.40
N LYS B 843 6.32 -33.75 -0.60
CA LYS B 843 6.99 -34.35 0.56
C LYS B 843 7.87 -33.34 1.27
N GLU B 844 8.45 -32.39 0.53
CA GLU B 844 9.44 -31.44 1.02
C GLU B 844 8.81 -30.11 1.45
N SER B 845 7.97 -29.50 0.60
CA SER B 845 7.23 -28.27 0.92
C SER B 845 5.86 -28.55 1.53
N GLY B 846 5.18 -29.58 1.05
CA GLY B 846 3.78 -29.81 1.36
C GLY B 846 2.88 -29.35 0.22
N TYR B 847 1.63 -29.80 0.28
CA TYR B 847 0.66 -29.33 -0.70
C TYR B 847 0.37 -27.85 -0.47
N PHE B 848 0.31 -27.10 -1.56
CA PHE B 848 -0.09 -25.70 -1.62
C PHE B 848 0.94 -24.73 -1.03
N ARG B 849 2.10 -25.20 -0.60
CA ARG B 849 3.20 -24.27 -0.42
C ARG B 849 3.90 -24.07 -1.77
N ALA B 850 4.80 -23.09 -1.83
CA ALA B 850 5.45 -22.73 -3.08
C ALA B 850 6.93 -23.08 -3.05
N LEU B 851 7.45 -23.56 -4.19
CA LEU B 851 8.88 -23.79 -4.39
C LEU B 851 9.39 -22.95 -5.55
N ARG B 852 10.54 -22.31 -5.34
CA ARG B 852 11.30 -21.71 -6.42
C ARG B 852 12.69 -22.34 -6.45
N LYS B 853 13.04 -22.97 -7.56
CA LYS B 853 14.35 -23.56 -7.73
C LYS B 853 15.08 -22.84 -8.85
N LYS B 854 16.27 -22.32 -8.55
CA LYS B 854 17.14 -21.69 -9.54
C LYS B 854 18.30 -22.63 -9.88
N TYR B 855 18.59 -22.76 -11.18
CA TYR B 855 19.71 -23.57 -11.66
C TYR B 855 20.63 -22.73 -12.55
N TYR B 856 21.95 -22.83 -12.34
CA TYR B 856 22.91 -22.28 -13.29
C TYR B 856 23.26 -23.38 -14.30
N ILE B 857 23.00 -23.11 -15.56
CA ILE B 857 23.10 -24.07 -16.65
C ILE B 857 24.12 -23.53 -17.65
N THR B 858 25.01 -24.41 -18.14
CA THR B 858 25.98 -24.05 -19.19
C THR B 858 25.52 -24.73 -20.47
N ASN B 859 24.84 -23.96 -21.33
CA ASN B 859 24.25 -24.49 -22.55
C ASN B 859 25.28 -24.46 -23.66
N ASP B 860 25.68 -25.64 -24.12
CA ASP B 860 26.54 -25.75 -25.30
C ASP B 860 25.81 -26.43 -26.46
N LYS B 861 24.51 -26.20 -26.57
CA LYS B 861 23.77 -26.59 -27.76
C LYS B 861 23.01 -25.37 -28.25
N GLU B 862 22.08 -25.52 -29.19
CA GLU B 862 21.40 -24.38 -29.78
C GLU B 862 20.00 -24.19 -29.22
N TYR B 863 19.70 -24.85 -28.10
CA TYR B 863 18.38 -24.86 -27.50
C TYR B 863 18.56 -25.21 -26.04
N ILE B 864 17.53 -24.94 -25.25
CA ILE B 864 17.47 -25.36 -23.85
C ILE B 864 16.23 -26.24 -23.74
N ASP B 865 16.45 -27.55 -23.74
CA ASP B 865 15.39 -28.55 -23.72
C ASP B 865 15.30 -29.04 -22.28
N ILE B 866 14.34 -28.55 -21.58
CA ILE B 866 14.02 -29.04 -20.25
C ILE B 866 13.00 -30.15 -20.43
N ARG B 867 13.16 -31.26 -19.71
CA ARG B 867 12.23 -32.37 -19.87
C ARG B 867 11.98 -33.08 -18.56
N PHE B 868 10.77 -33.63 -18.45
CA PHE B 868 10.18 -34.09 -17.20
C PHE B 868 9.99 -35.60 -17.22
N HIS B 869 10.39 -36.26 -16.12
CA HIS B 869 10.49 -37.70 -16.00
C HIS B 869 9.48 -38.22 -14.98
N SER B 870 8.36 -38.75 -15.46
CA SER B 870 7.29 -39.24 -14.58
C SER B 870 7.74 -40.46 -13.78
N THR B 871 7.47 -40.44 -12.47
CA THR B 871 7.83 -41.57 -11.60
C THR B 871 6.64 -42.05 -10.80
N SER B 872 6.10 -41.17 -9.97
CA SER B 872 4.78 -41.28 -9.37
C SER B 872 3.93 -40.15 -9.93
N GLY B 873 2.62 -40.33 -9.89
CA GLY B 873 1.69 -39.31 -10.34
C GLY B 873 2.02 -38.61 -11.65
N THR B 874 2.25 -37.31 -11.57
CA THR B 874 2.25 -36.43 -12.73
C THR B 874 3.36 -35.39 -12.62
N CYS B 875 3.91 -35.01 -13.78
CA CYS B 875 4.82 -33.88 -13.88
C CYS B 875 4.02 -32.59 -14.07
N PHE B 876 4.40 -31.53 -13.34
CA PHE B 876 3.79 -30.23 -13.51
C PHE B 876 4.82 -29.13 -13.38
N LEU B 877 4.46 -27.95 -13.90
CA LEU B 877 5.29 -26.76 -13.86
C LEU B 877 4.37 -25.58 -13.64
N ASN B 878 4.65 -24.77 -12.62
CA ASN B 878 3.82 -23.59 -12.37
C ASN B 878 4.41 -22.30 -12.95
N GLY B 879 5.73 -22.20 -13.06
CA GLY B 879 6.32 -21.09 -13.81
C GLY B 879 7.75 -21.36 -14.20
N ILE B 880 8.21 -20.69 -15.24
CA ILE B 880 9.62 -20.79 -15.64
C ILE B 880 10.16 -19.41 -16.00
N LYS B 881 11.43 -19.16 -15.66
CA LYS B 881 12.09 -17.89 -15.95
C LYS B 881 13.52 -18.12 -16.44
N LEU B 882 13.87 -17.52 -17.57
CA LEU B 882 15.17 -17.69 -18.20
C LEU B 882 15.96 -16.40 -18.16
N ARG B 883 17.25 -16.49 -17.92
CA ARG B 883 18.05 -15.28 -17.83
C ARG B 883 19.44 -15.58 -18.34
N ASN B 884 19.92 -14.74 -19.26
CA ASN B 884 21.27 -14.89 -19.80
C ASN B 884 22.30 -14.27 -18.86
N ILE B 885 23.32 -15.03 -18.51
CA ILE B 885 24.40 -14.60 -17.62
C ILE B 885 25.68 -14.30 -18.39
N TYR B 886 26.11 -15.23 -19.24
CA TYR B 886 27.31 -15.04 -20.03
C TYR B 886 27.10 -15.44 -21.48
#